data_2FQH
#
_entry.id   2FQH
#
_entity_poly.entity_id   1
_entity_poly.type   'polypeptide(L)'
_entity_poly.pdbx_seq_one_letter_code
;MSEVNIVVNGREAGSKSKGCALCGATWGDYHADFLGEDLFFCCDICAAEFMNMMDEAFKHTARHNVDELHIDGNYQLGRN
VLLKNGEDRLRFYVKFGPGAVIKEFKITD
;
_entity_poly.pdbx_strand_id   A
#
# COMPACT_ATOMS: atom_id res chain seq x y z
N MET A 1 10.50 -2.53 17.14
CA MET A 1 9.11 -2.56 16.71
C MET A 1 9.01 -2.41 15.19
N SER A 2 8.90 -3.56 14.53
CA SER A 2 8.79 -3.56 13.08
C SER A 2 7.43 -4.12 12.66
N GLU A 3 6.63 -3.24 12.08
CA GLU A 3 5.29 -3.62 11.63
C GLU A 3 4.95 -2.90 10.32
N VAL A 4 4.83 -3.69 9.27
CA VAL A 4 4.50 -3.14 7.96
C VAL A 4 3.38 -3.97 7.33
N ASN A 5 2.21 -3.35 7.25
CA ASN A 5 1.05 -4.02 6.66
C ASN A 5 0.28 -3.02 5.79
N ILE A 6 0.13 -3.40 4.53
CA ILE A 6 -0.58 -2.54 3.58
C ILE A 6 -1.64 -3.37 2.87
N VAL A 7 -2.80 -2.76 2.68
CA VAL A 7 -3.91 -3.42 2.00
C VAL A 7 -4.59 -2.44 1.06
N VAL A 8 -4.65 -2.82 -0.21
CA VAL A 8 -5.28 -1.97 -1.21
C VAL A 8 -6.41 -2.76 -1.89
N ASN A 9 -7.57 -2.13 -1.93
CA ASN A 9 -8.73 -2.76 -2.54
C ASN A 9 -9.20 -1.92 -3.73
N GLY A 10 -9.00 -2.46 -4.92
CA GLY A 10 -9.38 -1.77 -6.14
C GLY A 10 -8.66 -0.42 -6.26
N ARG A 11 -7.35 -0.48 -6.13
CA ARG A 11 -6.54 0.72 -6.22
C ARG A 11 -7.27 1.90 -5.59
N GLU A 12 -7.62 1.74 -4.33
CA GLU A 12 -8.33 2.78 -3.60
C GLU A 12 -7.33 3.78 -3.00
N ALA A 13 -7.81 4.99 -2.79
CA ALA A 13 -6.98 6.04 -2.23
C ALA A 13 -7.62 6.56 -0.94
N GLY A 14 -6.93 7.51 -0.32
CA GLY A 14 -7.41 8.10 0.91
C GLY A 14 -6.26 8.52 1.81
N SER A 15 -5.08 7.99 1.50
CA SER A 15 -3.88 8.30 2.27
C SER A 15 -3.09 9.42 1.57
N LYS A 16 -1.98 9.78 2.19
CA LYS A 16 -1.12 10.82 1.64
C LYS A 16 -0.15 10.21 0.64
N SER A 17 -0.47 8.98 0.23
CA SER A 17 0.37 8.28 -0.73
C SER A 17 0.35 9.00 -2.08
N LYS A 18 -0.63 9.88 -2.23
CA LYS A 18 -0.77 10.65 -3.46
C LYS A 18 0.56 11.34 -3.78
N GLY A 19 1.03 12.12 -2.81
CA GLY A 19 2.27 12.85 -2.97
C GLY A 19 3.46 11.88 -3.01
N CYS A 20 4.43 12.15 -2.14
CA CYS A 20 5.62 11.32 -2.08
C CYS A 20 5.71 10.73 -0.67
N ALA A 21 6.65 9.80 -0.51
CA ALA A 21 6.85 9.16 0.78
C ALA A 21 7.44 10.16 1.76
N LEU A 22 8.38 10.96 1.26
CA LEU A 22 9.03 11.96 2.09
C LEU A 22 8.00 12.98 2.55
N CYS A 23 7.38 13.63 1.59
CA CYS A 23 6.37 14.63 1.88
C CYS A 23 5.35 14.65 0.74
N GLY A 24 4.12 15.03 1.08
CA GLY A 24 3.06 15.09 0.10
C GLY A 24 2.63 16.54 -0.16
N ALA A 25 3.26 17.14 -1.16
CA ALA A 25 2.96 18.51 -1.51
C ALA A 25 2.02 18.53 -2.72
N THR A 26 1.99 17.41 -3.42
CA THR A 26 1.15 17.28 -4.59
C THR A 26 0.15 16.14 -4.41
N TRP A 27 -0.69 15.96 -5.42
CA TRP A 27 -1.70 14.92 -5.38
C TRP A 27 -1.78 14.28 -6.76
N GLY A 28 -2.38 13.10 -6.81
CA GLY A 28 -2.52 12.38 -8.06
C GLY A 28 -2.43 10.87 -7.83
N ASP A 29 -3.47 10.17 -8.27
CA ASP A 29 -3.52 8.73 -8.12
C ASP A 29 -3.33 8.07 -9.49
N TYR A 30 -3.18 8.91 -10.50
CA TYR A 30 -3.00 8.43 -11.86
C TYR A 30 -1.84 7.43 -11.93
N HIS A 31 -0.86 7.63 -11.06
CA HIS A 31 0.30 6.75 -11.01
C HIS A 31 0.04 5.62 -10.00
N ALA A 32 1.03 4.75 -9.88
CA ALA A 32 0.92 3.63 -8.97
C ALA A 32 1.66 3.96 -7.66
N ASP A 33 1.32 3.21 -6.62
CA ASP A 33 1.94 3.42 -5.33
C ASP A 33 2.25 2.06 -4.70
N PHE A 34 3.40 2.00 -4.04
CA PHE A 34 3.84 0.77 -3.39
C PHE A 34 3.33 0.71 -1.95
N LEU A 35 3.68 -0.37 -1.28
CA LEU A 35 3.28 -0.57 0.10
C LEU A 35 3.77 0.62 0.94
N GLY A 36 4.68 1.38 0.36
CA GLY A 36 5.23 2.54 1.03
C GLY A 36 4.29 3.74 0.91
N GLU A 37 3.05 3.44 0.59
CA GLU A 37 2.04 4.49 0.45
C GLU A 37 2.70 5.79 -0.02
N ASP A 38 3.30 5.71 -1.20
CA ASP A 38 3.96 6.87 -1.78
C ASP A 38 3.89 6.80 -3.30
N LEU A 39 3.88 7.96 -3.93
CA LEU A 39 3.82 8.04 -5.38
C LEU A 39 5.10 8.67 -5.91
N PHE A 40 5.71 7.99 -6.87
CA PHE A 40 6.94 8.47 -7.47
C PHE A 40 6.67 9.10 -8.84
N PHE A 41 5.43 9.53 -9.02
CA PHE A 41 5.04 10.16 -10.28
C PHE A 41 5.13 11.68 -10.19
N CYS A 42 5.38 12.15 -8.98
CA CYS A 42 5.49 13.59 -8.75
C CYS A 42 6.97 13.98 -8.83
N CYS A 43 7.75 13.37 -7.95
CA CYS A 43 9.18 13.64 -7.93
C CYS A 43 9.92 12.40 -8.42
N ASP A 44 9.71 11.30 -7.71
CA ASP A 44 10.34 10.04 -8.06
C ASP A 44 11.85 10.14 -7.80
N ILE A 45 12.21 11.16 -7.04
CA ILE A 45 13.61 11.39 -6.71
C ILE A 45 13.86 10.95 -5.27
N CYS A 46 13.19 11.63 -4.35
CA CYS A 46 13.32 11.32 -2.93
C CYS A 46 12.24 10.31 -2.56
N ALA A 47 11.31 10.11 -3.47
CA ALA A 47 10.22 9.18 -3.26
C ALA A 47 10.54 7.85 -3.96
N ALA A 48 9.79 6.82 -3.58
CA ALA A 48 9.98 5.51 -4.17
C ALA A 48 11.31 4.93 -3.69
N GLU A 49 11.41 4.77 -2.38
CA GLU A 49 12.62 4.22 -1.79
C GLU A 49 12.58 2.69 -1.81
N PHE A 50 13.77 2.11 -1.88
CA PHE A 50 13.89 0.66 -1.91
C PHE A 50 14.03 0.08 -0.50
N MET A 51 13.98 0.98 0.48
CA MET A 51 14.10 0.58 1.87
C MET A 51 13.10 -0.52 2.21
N ASN A 52 12.08 -0.64 1.37
CA ASN A 52 11.05 -1.65 1.57
C ASN A 52 11.46 -2.93 0.83
N MET A 53 10.55 -3.89 0.85
CA MET A 53 10.79 -5.16 0.19
C MET A 53 10.43 -5.09 -1.29
N MET A 54 11.10 -5.93 -2.08
CA MET A 54 10.85 -5.96 -3.51
C MET A 54 9.36 -6.16 -3.80
N ASP A 55 8.73 -6.94 -2.95
CA ASP A 55 7.31 -7.21 -3.11
C ASP A 55 6.57 -5.91 -3.43
N GLU A 56 7.05 -4.84 -2.82
CA GLU A 56 6.45 -3.53 -3.03
C GLU A 56 6.17 -3.30 -4.52
N ALA A 57 7.13 -3.69 -5.33
CA ALA A 57 7.00 -3.54 -6.77
C ALA A 57 5.86 -4.43 -7.27
N PHE A 58 5.93 -5.69 -6.88
CA PHE A 58 4.92 -6.66 -7.28
C PHE A 58 3.52 -6.16 -6.91
N LYS A 59 3.42 -5.56 -5.74
CA LYS A 59 2.15 -5.04 -5.26
C LYS A 59 1.48 -4.26 -6.39
N HIS A 60 2.21 -3.30 -6.92
CA HIS A 60 1.69 -2.47 -8.01
C HIS A 60 1.10 -3.37 -9.09
N THR A 61 1.92 -4.29 -9.57
CA THR A 61 1.50 -5.22 -10.60
C THR A 61 0.33 -6.08 -10.10
N ALA A 62 0.38 -6.40 -8.82
CA ALA A 62 -0.67 -7.22 -8.21
C ALA A 62 -1.99 -6.46 -8.26
N ARG A 63 -1.95 -5.23 -7.74
CA ARG A 63 -3.14 -4.39 -7.72
C ARG A 63 -3.35 -3.73 -9.07
N HIS A 64 -2.56 -4.18 -10.04
CA HIS A 64 -2.65 -3.64 -11.39
C HIS A 64 -3.87 -4.23 -12.11
N ASN A 65 -3.99 -5.54 -12.00
CA ASN A 65 -5.10 -6.24 -12.63
C ASN A 65 -6.00 -6.84 -11.55
N VAL A 66 -5.41 -7.75 -10.77
CA VAL A 66 -6.14 -8.40 -9.71
C VAL A 66 -5.89 -7.65 -8.39
N ASP A 67 -6.00 -8.40 -7.30
CA ASP A 67 -5.80 -7.82 -5.98
C ASP A 67 -4.92 -8.76 -5.15
N GLU A 68 -3.96 -8.16 -4.45
CA GLU A 68 -3.05 -8.94 -3.61
C GLU A 68 -2.72 -8.15 -2.34
N LEU A 69 -2.66 -8.89 -1.24
CA LEU A 69 -2.35 -8.29 0.05
C LEU A 69 -1.33 -9.16 0.78
N HIS A 70 -0.28 -8.50 1.26
CA HIS A 70 0.77 -9.19 1.97
C HIS A 70 1.31 -8.31 3.09
N ILE A 71 1.57 -8.93 4.24
CA ILE A 71 2.09 -8.22 5.38
C ILE A 71 3.24 -9.00 6.01
N ASP A 72 4.34 -8.30 6.23
CA ASP A 72 5.51 -8.92 6.81
C ASP A 72 6.21 -7.91 7.72
N GLY A 73 6.69 -8.41 8.86
CA GLY A 73 7.38 -7.57 9.82
C GLY A 73 8.65 -8.25 10.33
N ASN A 74 9.74 -7.51 10.29
CA ASN A 74 11.02 -8.03 10.75
C ASN A 74 11.82 -6.90 11.40
N TYR A 75 12.46 -7.24 12.50
CA TYR A 75 13.27 -6.27 13.24
C TYR A 75 14.51 -5.87 12.44
N GLN A 76 14.70 -6.57 11.33
CA GLN A 76 15.85 -6.31 10.48
C GLN A 76 15.43 -5.45 9.29
N LEU A 77 14.13 -5.37 9.08
CA LEU A 77 13.59 -4.58 7.98
C LEU A 77 14.30 -3.22 7.93
N GLY A 78 14.13 -2.48 9.01
CA GLY A 78 14.75 -1.17 9.12
C GLY A 78 13.91 -0.23 9.97
N ARG A 79 13.25 -0.81 10.97
CA ARG A 79 12.41 -0.04 11.87
C ARG A 79 11.48 0.87 11.07
N ASN A 80 10.78 0.27 10.13
CA ASN A 80 9.85 1.03 9.30
C ASN A 80 8.42 0.55 9.58
N VAL A 81 7.60 1.49 10.03
CA VAL A 81 6.21 1.18 10.34
C VAL A 81 5.30 2.00 9.43
N LEU A 82 4.62 1.29 8.53
CA LEU A 82 3.72 1.94 7.60
C LEU A 82 2.32 1.32 7.73
N LEU A 83 1.38 2.17 8.08
CA LEU A 83 0.00 1.73 8.26
C LEU A 83 -0.88 2.40 7.21
N LYS A 84 -1.36 1.59 6.27
CA LYS A 84 -2.21 2.10 5.20
C LYS A 84 -3.52 1.31 5.19
N ASN A 85 -4.61 2.03 5.39
CA ASN A 85 -5.93 1.42 5.40
C ASN A 85 -6.74 1.93 4.22
N GLY A 86 -7.05 1.02 3.30
CA GLY A 86 -7.81 1.37 2.12
C GLY A 86 -9.18 0.67 2.12
N GLU A 87 -10.22 1.49 2.11
CA GLU A 87 -11.58 0.95 2.11
C GLU A 87 -12.31 1.38 0.84
N ASP A 88 -12.71 0.38 0.06
CA ASP A 88 -13.41 0.64 -1.18
C ASP A 88 -14.40 -0.50 -1.45
N ARG A 89 -15.56 -0.14 -1.97
CA ARG A 89 -16.59 -1.11 -2.27
C ARG A 89 -17.53 -0.58 -3.35
N LEU A 90 -18.15 -1.51 -4.06
CA LEU A 90 -19.07 -1.15 -5.14
C LEU A 90 -20.07 -2.29 -5.34
N ARG A 91 -21.10 -1.99 -6.11
CA ARG A 91 -22.13 -2.97 -6.40
C ARG A 91 -21.50 -4.26 -6.93
N PHE A 92 -20.36 -4.09 -7.58
CA PHE A 92 -19.64 -5.23 -8.13
C PHE A 92 -19.32 -6.26 -7.05
N TYR A 93 -19.17 -5.76 -5.83
CA TYR A 93 -18.86 -6.62 -4.70
C TYR A 93 -20.14 -7.12 -4.02
N VAL A 94 -20.08 -8.36 -3.57
CA VAL A 94 -21.22 -8.97 -2.90
C VAL A 94 -20.89 -9.17 -1.42
N LYS A 95 -19.60 -9.25 -1.14
CA LYS A 95 -19.15 -9.43 0.24
C LYS A 95 -19.25 -8.10 0.99
N PHE A 96 -19.21 -7.02 0.22
CA PHE A 96 -19.30 -5.70 0.80
C PHE A 96 -18.63 -5.64 2.18
N GLY A 97 -17.31 -5.54 2.15
CA GLY A 97 -16.54 -5.49 3.38
C GLY A 97 -16.34 -4.04 3.84
N PRO A 98 -16.08 -3.89 5.16
CA PRO A 98 -15.87 -2.57 5.74
C PRO A 98 -14.48 -2.03 5.37
N GLY A 99 -13.70 -2.88 4.74
CA GLY A 99 -12.36 -2.51 4.33
C GLY A 99 -11.56 -1.95 5.50
N ALA A 100 -11.20 -2.85 6.41
CA ALA A 100 -10.44 -2.46 7.59
C ALA A 100 -9.16 -3.29 7.65
N VAL A 101 -8.27 -2.88 8.56
CA VAL A 101 -7.01 -3.57 8.73
C VAL A 101 -7.25 -5.08 8.76
N ILE A 102 -8.38 -5.46 9.34
CA ILE A 102 -8.75 -6.86 9.44
C ILE A 102 -8.51 -7.54 8.09
N LYS A 103 -8.80 -6.80 7.03
CA LYS A 103 -8.62 -7.32 5.69
C LYS A 103 -7.18 -7.82 5.52
N GLU A 104 -6.25 -6.97 5.93
CA GLU A 104 -4.84 -7.31 5.83
C GLU A 104 -4.58 -8.68 6.45
N PHE A 105 -5.12 -8.88 7.65
CA PHE A 105 -4.96 -10.13 8.35
C PHE A 105 -5.46 -11.31 7.50
N LYS A 106 -6.52 -11.03 6.75
CA LYS A 106 -7.10 -12.05 5.88
C LYS A 106 -5.99 -12.90 5.27
N ILE A 107 -4.86 -12.26 5.06
CA ILE A 107 -3.70 -12.93 4.47
C ILE A 107 -3.60 -14.34 5.06
N THR A 108 -4.06 -14.47 6.29
CA THR A 108 -4.03 -15.76 6.98
C THR A 108 -5.35 -16.01 7.70
N ASP A 109 -5.81 -14.98 8.40
CA ASP A 109 -7.06 -15.07 9.13
C ASP A 109 -8.09 -15.83 8.29
N MET A 1 6.60 -4.32 16.90
CA MET A 1 7.97 -3.85 16.71
C MET A 1 8.18 -3.30 15.30
N SER A 2 8.11 -4.21 14.34
CA SER A 2 8.29 -3.84 12.94
C SER A 2 7.38 -4.68 12.06
N GLU A 3 6.37 -4.03 11.50
CA GLU A 3 5.43 -4.72 10.62
C GLU A 3 5.02 -3.80 9.47
N VAL A 4 4.94 -4.40 8.29
CA VAL A 4 4.57 -3.65 7.09
C VAL A 4 3.27 -4.23 6.53
N ASN A 5 2.21 -3.44 6.63
CA ASN A 5 0.91 -3.87 6.14
C ASN A 5 0.44 -2.88 5.07
N ILE A 6 0.09 -3.42 3.91
CA ILE A 6 -0.38 -2.60 2.80
C ILE A 6 -1.46 -3.37 2.04
N VAL A 7 -2.64 -2.77 1.99
CA VAL A 7 -3.77 -3.37 1.29
C VAL A 7 -4.52 -2.29 0.51
N VAL A 8 -4.45 -2.41 -0.81
CA VAL A 8 -5.13 -1.45 -1.67
C VAL A 8 -5.92 -2.21 -2.74
N ASN A 9 -7.24 -2.02 -2.71
CA ASN A 9 -8.11 -2.67 -3.66
C ASN A 9 -8.77 -1.62 -4.55
N GLY A 10 -8.62 -1.81 -5.85
CA GLY A 10 -9.21 -0.88 -6.82
C GLY A 10 -8.60 0.51 -6.66
N ARG A 11 -7.28 0.55 -6.64
CA ARG A 11 -6.56 1.81 -6.50
C ARG A 11 -7.35 2.77 -5.61
N GLU A 12 -7.57 2.34 -4.38
CA GLU A 12 -8.30 3.14 -3.42
C GLU A 12 -7.33 3.80 -2.43
N ALA A 13 -7.48 5.11 -2.30
CA ALA A 13 -6.64 5.87 -1.39
C ALA A 13 -7.42 7.07 -0.86
N GLY A 14 -7.03 7.50 0.33
CA GLY A 14 -7.67 8.64 0.97
C GLY A 14 -6.78 9.26 2.04
N SER A 15 -5.52 9.43 1.68
CA SER A 15 -4.55 10.01 2.59
C SER A 15 -3.55 10.88 1.82
N LYS A 16 -2.62 11.46 2.57
CA LYS A 16 -1.61 12.32 1.96
C LYS A 16 -0.66 11.46 1.14
N SER A 17 -0.83 10.15 1.25
CA SER A 17 0.01 9.22 0.52
C SER A 17 0.27 9.73 -0.90
N LYS A 18 -0.69 10.50 -1.39
CA LYS A 18 -0.59 11.06 -2.74
C LYS A 18 0.77 11.77 -2.89
N GLY A 19 1.33 12.15 -1.74
CA GLY A 19 2.61 12.82 -1.74
C GLY A 19 3.76 11.82 -1.90
N CYS A 20 4.97 12.30 -1.66
CA CYS A 20 6.15 11.46 -1.78
C CYS A 20 6.50 10.93 -0.39
N ALA A 21 7.44 10.00 -0.36
CA ALA A 21 7.88 9.41 0.89
C ALA A 21 8.51 10.48 1.77
N LEU A 22 9.16 11.44 1.11
CA LEU A 22 9.81 12.53 1.81
C LEU A 22 8.77 13.59 2.15
N CYS A 23 8.14 14.13 1.11
CA CYS A 23 7.13 15.15 1.28
C CYS A 23 6.10 15.01 0.16
N GLY A 24 5.06 15.83 0.25
CA GLY A 24 4.01 15.81 -0.75
C GLY A 24 4.21 16.93 -1.78
N ALA A 25 4.38 16.54 -3.03
CA ALA A 25 4.58 17.49 -4.10
C ALA A 25 3.34 17.52 -5.00
N THR A 26 3.05 16.35 -5.57
CA THR A 26 1.90 16.22 -6.45
C THR A 26 0.88 15.23 -5.87
N TRP A 27 -0.32 15.30 -6.38
CA TRP A 27 -1.38 14.43 -5.92
C TRP A 27 -2.18 13.96 -7.13
N GLY A 28 -2.32 12.65 -7.26
CA GLY A 28 -3.05 12.07 -8.37
C GLY A 28 -3.40 10.60 -8.09
N ASP A 29 -4.58 10.21 -8.55
CA ASP A 29 -5.04 8.84 -8.36
C ASP A 29 -4.58 7.98 -9.54
N TYR A 30 -4.16 8.67 -10.61
CA TYR A 30 -3.70 7.98 -11.80
C TYR A 30 -2.26 7.50 -11.63
N HIS A 31 -1.71 7.78 -10.45
CA HIS A 31 -0.34 7.38 -10.15
C HIS A 31 -0.35 6.01 -9.46
N ALA A 32 0.84 5.50 -9.20
CA ALA A 32 0.99 4.21 -8.56
C ALA A 32 1.45 4.41 -7.11
N ASP A 33 0.77 3.73 -6.21
CA ASP A 33 1.10 3.83 -4.80
C ASP A 33 1.85 2.57 -4.36
N PHE A 34 2.71 2.75 -3.36
CA PHE A 34 3.48 1.64 -2.85
C PHE A 34 3.23 1.43 -1.36
N LEU A 35 3.77 0.35 -0.84
CA LEU A 35 3.61 0.02 0.57
C LEU A 35 4.00 1.24 1.41
N GLY A 36 4.80 2.11 0.81
CA GLY A 36 5.25 3.31 1.49
C GLY A 36 4.19 4.42 1.41
N GLU A 37 3.00 4.01 1.00
CA GLU A 37 1.89 4.95 0.89
C GLU A 37 2.39 6.29 0.31
N ASP A 38 3.10 6.19 -0.79
CA ASP A 38 3.63 7.37 -1.45
C ASP A 38 3.46 7.23 -2.97
N LEU A 39 3.74 8.32 -3.66
CA LEU A 39 3.63 8.34 -5.11
C LEU A 39 5.01 8.57 -5.72
N PHE A 40 5.46 7.58 -6.48
CA PHE A 40 6.76 7.67 -7.13
C PHE A 40 6.62 7.95 -8.62
N PHE A 41 5.46 8.48 -8.98
CA PHE A 41 5.17 8.79 -10.37
C PHE A 41 5.14 10.31 -10.59
N CYS A 42 5.36 11.04 -9.51
CA CYS A 42 5.35 12.49 -9.57
C CYS A 42 6.80 12.98 -9.70
N CYS A 43 7.62 12.54 -8.74
CA CYS A 43 9.02 12.93 -8.74
C CYS A 43 9.85 11.68 -9.07
N ASP A 44 9.59 10.62 -8.33
CA ASP A 44 10.31 9.37 -8.54
C ASP A 44 11.81 9.61 -8.38
N ILE A 45 12.13 10.75 -7.77
CA ILE A 45 13.52 11.12 -7.56
C ILE A 45 13.88 10.88 -6.09
N CYS A 46 13.18 11.62 -5.22
CA CYS A 46 13.42 11.50 -3.79
C CYS A 46 12.45 10.44 -3.23
N ALA A 47 11.50 10.05 -4.07
CA ALA A 47 10.53 9.05 -3.68
C ALA A 47 10.94 7.70 -4.24
N ALA A 48 10.31 6.65 -3.71
CA ALA A 48 10.59 5.30 -4.15
C ALA A 48 11.90 4.82 -3.50
N GLU A 49 11.86 4.70 -2.19
CA GLU A 49 13.03 4.26 -1.44
C GLU A 49 13.09 2.73 -1.43
N PHE A 50 14.29 2.22 -1.69
CA PHE A 50 14.51 0.78 -1.71
C PHE A 50 14.60 0.22 -0.28
N MET A 51 14.44 1.12 0.68
CA MET A 51 14.51 0.73 2.08
C MET A 51 13.51 -0.39 2.38
N ASN A 52 12.49 -0.48 1.54
CA ASN A 52 11.47 -1.50 1.70
C ASN A 52 11.84 -2.72 0.87
N MET A 53 10.96 -3.71 0.88
CA MET A 53 11.18 -4.94 0.14
C MET A 53 10.72 -4.78 -1.31
N MET A 54 11.13 -5.73 -2.14
CA MET A 54 10.77 -5.72 -3.55
C MET A 54 9.26 -5.89 -3.73
N ASP A 55 8.72 -6.88 -3.05
CA ASP A 55 7.30 -7.17 -3.12
C ASP A 55 6.52 -5.87 -2.92
N GLU A 56 7.03 -5.04 -2.03
CA GLU A 56 6.39 -3.76 -1.74
C GLU A 56 6.00 -3.06 -3.04
N ALA A 57 6.97 -2.91 -3.92
CA ALA A 57 6.75 -2.25 -5.19
C ALA A 57 5.78 -3.11 -6.03
N PHE A 58 5.91 -4.42 -5.87
CA PHE A 58 5.07 -5.35 -6.60
C PHE A 58 3.60 -5.16 -6.22
N LYS A 59 3.38 -4.85 -4.96
CA LYS A 59 2.04 -4.63 -4.45
C LYS A 59 1.26 -3.74 -5.43
N HIS A 60 1.97 -2.76 -5.97
CA HIS A 60 1.37 -1.84 -6.92
C HIS A 60 0.83 -2.62 -8.13
N THR A 61 1.72 -3.41 -8.72
CA THR A 61 1.35 -4.20 -9.88
C THR A 61 0.26 -5.20 -9.51
N ALA A 62 0.35 -5.69 -8.28
CA ALA A 62 -0.63 -6.66 -7.80
C ALA A 62 -2.02 -6.00 -7.75
N ARG A 63 -2.08 -4.88 -7.06
CA ARG A 63 -3.34 -4.15 -6.93
C ARG A 63 -3.61 -3.37 -8.21
N HIS A 64 -2.81 -3.64 -9.23
CA HIS A 64 -2.96 -2.96 -10.50
C HIS A 64 -4.13 -3.59 -11.28
N ASN A 65 -4.03 -4.89 -11.46
CA ASN A 65 -5.07 -5.62 -12.19
C ASN A 65 -5.76 -6.60 -11.22
N VAL A 66 -4.95 -7.42 -10.58
CA VAL A 66 -5.47 -8.40 -9.64
C VAL A 66 -5.41 -7.82 -8.23
N ASP A 67 -5.46 -8.71 -7.25
CA ASP A 67 -5.42 -8.31 -5.86
C ASP A 67 -4.46 -9.23 -5.09
N GLU A 68 -3.55 -8.59 -4.36
CA GLU A 68 -2.58 -9.34 -3.58
C GLU A 68 -2.27 -8.61 -2.26
N LEU A 69 -2.14 -9.40 -1.21
CA LEU A 69 -1.85 -8.84 0.10
C LEU A 69 -0.75 -9.66 0.77
N HIS A 70 0.26 -8.97 1.26
CA HIS A 70 1.38 -9.61 1.93
C HIS A 70 1.88 -8.73 3.07
N ILE A 71 2.21 -9.39 4.17
CA ILE A 71 2.71 -8.69 5.34
C ILE A 71 3.92 -9.42 5.90
N ASP A 72 4.99 -8.66 6.12
CA ASP A 72 6.22 -9.22 6.66
C ASP A 72 6.88 -8.20 7.59
N GLY A 73 7.41 -8.72 8.69
CA GLY A 73 8.07 -7.87 9.66
C GLY A 73 9.40 -8.48 10.11
N ASN A 74 10.44 -7.67 10.07
CA ASN A 74 11.77 -8.12 10.47
C ASN A 74 12.51 -6.96 11.14
N TYR A 75 13.23 -7.31 12.21
CA TYR A 75 13.99 -6.32 12.95
C TYR A 75 15.05 -5.67 12.05
N GLN A 76 15.30 -6.30 10.92
CA GLN A 76 16.28 -5.80 9.97
C GLN A 76 15.60 -4.98 8.88
N LEU A 77 14.28 -5.13 8.80
CA LEU A 77 13.51 -4.41 7.81
C LEU A 77 13.94 -2.95 7.79
N GLY A 78 14.07 -2.38 8.98
CA GLY A 78 14.48 -0.99 9.11
C GLY A 78 13.66 -0.28 10.18
N ARG A 79 12.62 -0.96 10.64
CA ARG A 79 11.76 -0.41 11.67
C ARG A 79 10.73 0.54 11.05
N ASN A 80 10.04 0.04 10.03
CA ASN A 80 9.03 0.83 9.35
C ASN A 80 7.66 0.21 9.58
N VAL A 81 6.78 1.01 10.19
CA VAL A 81 5.43 0.55 10.47
C VAL A 81 4.43 1.39 9.66
N LEU A 82 3.82 0.72 8.68
CA LEU A 82 2.86 1.39 7.82
C LEU A 82 1.55 0.60 7.85
N LEU A 83 0.49 1.29 8.29
CA LEU A 83 -0.82 0.66 8.36
C LEU A 83 -1.77 1.36 7.39
N LYS A 84 -2.13 0.63 6.33
CA LYS A 84 -3.01 1.17 5.33
C LYS A 84 -4.21 0.24 5.16
N ASN A 85 -5.40 0.78 5.42
CA ASN A 85 -6.62 0.00 5.31
C ASN A 85 -7.48 0.58 4.17
N GLY A 86 -7.74 -0.26 3.18
CA GLY A 86 -8.54 0.16 2.05
C GLY A 86 -9.84 -0.64 1.98
N GLU A 87 -10.95 0.09 2.06
CA GLU A 87 -12.25 -0.53 2.01
C GLU A 87 -13.07 0.03 0.84
N ASP A 88 -13.34 -0.84 -0.12
CA ASP A 88 -14.10 -0.44 -1.30
C ASP A 88 -14.89 -1.64 -1.81
N ARG A 89 -16.12 -1.38 -2.22
CA ARG A 89 -16.98 -2.42 -2.73
C ARG A 89 -17.77 -1.92 -3.95
N LEU A 90 -17.56 -2.60 -5.07
CA LEU A 90 -18.23 -2.22 -6.31
C LEU A 90 -18.84 -3.47 -6.94
N ARG A 91 -19.66 -3.25 -7.95
CA ARG A 91 -20.31 -4.34 -8.66
C ARG A 91 -19.28 -5.12 -9.47
N PHE A 92 -18.20 -4.44 -9.82
CA PHE A 92 -17.14 -5.07 -10.59
C PHE A 92 -16.35 -6.06 -9.74
N TYR A 93 -16.46 -5.90 -8.43
CA TYR A 93 -15.76 -6.77 -7.50
C TYR A 93 -16.76 -7.59 -6.67
N VAL A 94 -16.35 -8.82 -6.39
CA VAL A 94 -17.20 -9.72 -5.62
C VAL A 94 -16.66 -9.81 -4.19
N LYS A 95 -15.34 -9.73 -4.07
CA LYS A 95 -14.70 -9.80 -2.78
C LYS A 95 -14.61 -8.38 -2.18
N PHE A 96 -14.61 -7.40 -3.07
CA PHE A 96 -14.53 -6.02 -2.65
C PHE A 96 -13.56 -5.84 -1.48
N GLY A 97 -12.30 -6.17 -1.75
CA GLY A 97 -11.27 -6.05 -0.73
C GLY A 97 -11.47 -7.10 0.38
N PRO A 98 -10.46 -7.18 1.28
CA PRO A 98 -10.52 -8.11 2.38
C PRO A 98 -11.50 -7.64 3.46
N GLY A 99 -11.46 -6.34 3.72
CA GLY A 99 -12.33 -5.74 4.72
C GLY A 99 -11.52 -4.93 5.73
N ALA A 100 -11.00 -5.63 6.73
CA ALA A 100 -10.21 -4.98 7.76
C ALA A 100 -8.81 -5.58 7.77
N VAL A 101 -7.94 -4.98 8.57
CA VAL A 101 -6.57 -5.43 8.68
C VAL A 101 -6.56 -6.87 9.20
N ILE A 102 -7.31 -7.08 10.27
CA ILE A 102 -7.39 -8.41 10.86
C ILE A 102 -7.60 -9.44 9.77
N LYS A 103 -8.34 -9.05 8.76
CA LYS A 103 -8.62 -9.93 7.64
C LYS A 103 -7.32 -10.25 6.89
N GLU A 104 -6.64 -9.19 6.49
CA GLU A 104 -5.38 -9.34 5.78
C GLU A 104 -4.50 -10.38 6.46
N PHE A 105 -4.60 -10.42 7.79
CA PHE A 105 -3.82 -11.36 8.57
C PHE A 105 -3.91 -12.77 7.97
N LYS A 106 -5.10 -13.11 7.50
CA LYS A 106 -5.33 -14.41 6.91
C LYS A 106 -4.12 -14.81 6.06
N ILE A 107 -3.48 -13.80 5.50
CA ILE A 107 -2.31 -14.03 4.67
C ILE A 107 -1.42 -15.08 5.34
N THR A 108 -1.50 -15.13 6.66
CA THR A 108 -0.71 -16.08 7.42
C THR A 108 -1.56 -16.73 8.52
N ASP A 109 -2.12 -15.87 9.36
CA ASP A 109 -2.96 -16.35 10.45
C ASP A 109 -3.95 -17.37 9.92
N MET A 1 9.21 -2.18 17.48
CA MET A 1 8.68 -3.10 16.49
C MET A 1 8.29 -2.36 15.21
N SER A 2 8.37 -3.08 14.11
CA SER A 2 8.01 -2.51 12.82
C SER A 2 7.26 -3.54 11.97
N GLU A 3 6.14 -3.09 11.41
CA GLU A 3 5.32 -3.96 10.59
C GLU A 3 4.69 -3.16 9.44
N VAL A 4 4.80 -3.71 8.25
CA VAL A 4 4.25 -3.07 7.06
C VAL A 4 3.13 -3.94 6.48
N ASN A 5 1.97 -3.32 6.32
CA ASN A 5 0.83 -4.03 5.78
C ASN A 5 0.07 -3.11 4.82
N ILE A 6 -0.35 -3.69 3.69
CA ILE A 6 -1.08 -2.92 2.69
C ILE A 6 -2.25 -3.77 2.17
N VAL A 7 -3.40 -3.13 2.06
CA VAL A 7 -4.59 -3.81 1.59
C VAL A 7 -5.42 -2.83 0.75
N VAL A 8 -5.61 -3.21 -0.51
CA VAL A 8 -6.39 -2.39 -1.42
C VAL A 8 -7.33 -3.27 -2.24
N ASN A 9 -8.61 -3.14 -1.95
CA ASN A 9 -9.61 -3.93 -2.66
C ASN A 9 -10.53 -2.99 -3.45
N GLY A 10 -10.42 -3.07 -4.76
CA GLY A 10 -11.23 -2.23 -5.63
C GLY A 10 -10.39 -1.12 -6.26
N ARG A 11 -9.08 -1.21 -6.04
CA ARG A 11 -8.17 -0.21 -6.57
C ARG A 11 -8.65 1.20 -6.23
N GLU A 12 -8.78 1.45 -4.93
CA GLU A 12 -9.23 2.74 -4.46
C GLU A 12 -8.08 3.50 -3.80
N ALA A 13 -8.20 4.82 -3.80
CA ALA A 13 -7.18 5.66 -3.19
C ALA A 13 -7.85 6.88 -2.56
N GLY A 14 -7.16 7.45 -1.58
CA GLY A 14 -7.68 8.62 -0.88
C GLY A 14 -6.87 8.90 0.39
N SER A 15 -5.59 9.17 0.18
CA SER A 15 -4.69 9.46 1.29
C SER A 15 -3.62 10.45 0.85
N LYS A 16 -2.74 10.79 1.79
CA LYS A 16 -1.67 11.72 1.52
C LYS A 16 -0.50 10.98 0.87
N SER A 17 -0.79 9.78 0.40
CA SER A 17 0.21 8.96 -0.24
C SER A 17 0.38 9.38 -1.71
N LYS A 18 -0.20 10.53 -2.03
CA LYS A 18 -0.12 11.05 -3.38
C LYS A 18 1.20 11.81 -3.55
N GLY A 19 1.69 12.34 -2.44
CA GLY A 19 2.93 13.09 -2.44
C GLY A 19 4.13 12.16 -2.50
N CYS A 20 5.22 12.61 -1.90
CA CYS A 20 6.45 11.82 -1.87
C CYS A 20 6.41 10.91 -0.64
N ALA A 21 7.37 10.01 -0.58
CA ALA A 21 7.46 9.07 0.53
C ALA A 21 7.98 9.81 1.77
N LEU A 22 8.82 10.80 1.52
CA LEU A 22 9.40 11.59 2.60
C LEU A 22 8.43 12.71 2.99
N CYS A 23 8.13 13.55 2.02
CA CYS A 23 7.22 14.65 2.24
C CYS A 23 5.98 14.45 1.37
N GLY A 24 5.00 15.30 1.58
CA GLY A 24 3.76 15.23 0.83
C GLY A 24 3.24 16.61 0.46
N ALA A 25 3.85 17.19 -0.56
CA ALA A 25 3.47 18.51 -1.02
C ALA A 25 2.77 18.40 -2.38
N THR A 26 3.34 17.56 -3.23
CA THR A 26 2.78 17.35 -4.56
C THR A 26 1.78 16.20 -4.54
N TRP A 27 1.20 15.95 -5.70
CA TRP A 27 0.22 14.88 -5.84
C TRP A 27 0.39 14.25 -7.22
N GLY A 28 -0.22 13.08 -7.39
CA GLY A 28 -0.15 12.38 -8.65
C GLY A 28 -0.66 10.94 -8.52
N ASP A 29 -1.98 10.81 -8.58
CA ASP A 29 -2.61 9.51 -8.46
C ASP A 29 -2.44 8.74 -9.78
N TYR A 30 -1.85 9.42 -10.75
CA TYR A 30 -1.62 8.82 -12.05
C TYR A 30 -0.76 7.56 -11.94
N HIS A 31 0.03 7.51 -10.88
CA HIS A 31 0.89 6.37 -10.64
C HIS A 31 0.39 5.59 -9.43
N ALA A 32 1.10 4.52 -9.12
CA ALA A 32 0.75 3.68 -7.98
C ALA A 32 1.68 3.98 -6.81
N ASP A 33 1.32 3.43 -5.65
CA ASP A 33 2.12 3.62 -4.46
C ASP A 33 2.66 2.28 -3.98
N PHE A 34 3.71 2.36 -3.17
CA PHE A 34 4.34 1.16 -2.65
C PHE A 34 3.72 0.76 -1.31
N LEU A 35 4.19 -0.36 -0.78
CA LEU A 35 3.69 -0.86 0.49
C LEU A 35 3.75 0.26 1.53
N GLY A 36 4.63 1.21 1.27
CA GLY A 36 4.80 2.34 2.17
C GLY A 36 3.79 3.45 1.86
N GLU A 37 2.79 3.10 1.07
CA GLU A 37 1.77 4.04 0.68
C GLU A 37 2.39 5.41 0.39
N ASP A 38 3.18 5.44 -0.67
CA ASP A 38 3.85 6.68 -1.06
C ASP A 38 3.93 6.74 -2.59
N LEU A 39 3.82 7.95 -3.12
CA LEU A 39 3.88 8.17 -4.55
C LEU A 39 5.23 8.78 -4.91
N PHE A 40 5.96 8.08 -5.76
CA PHE A 40 7.27 8.54 -6.20
C PHE A 40 7.21 9.10 -7.63
N PHE A 41 6.12 8.76 -8.31
CA PHE A 41 5.92 9.21 -9.68
C PHE A 41 5.91 10.74 -9.75
N CYS A 42 5.77 11.35 -8.59
CA CYS A 42 5.75 12.81 -8.50
C CYS A 42 7.14 13.34 -8.87
N CYS A 43 8.12 12.91 -8.10
CA CYS A 43 9.48 13.34 -8.32
C CYS A 43 10.28 12.13 -8.82
N ASP A 44 10.32 11.10 -8.00
CA ASP A 44 11.05 9.89 -8.34
C ASP A 44 12.55 10.12 -8.17
N ILE A 45 12.86 11.21 -7.47
CA ILE A 45 14.26 11.56 -7.23
C ILE A 45 14.62 11.19 -5.79
N CYS A 46 13.95 11.84 -4.86
CA CYS A 46 14.19 11.60 -3.45
C CYS A 46 13.18 10.56 -2.96
N ALA A 47 12.20 10.28 -3.81
CA ALA A 47 11.17 9.31 -3.48
C ALA A 47 11.49 7.98 -4.15
N ALA A 48 10.76 6.95 -3.75
CA ALA A 48 10.96 5.62 -4.31
C ALA A 48 12.32 5.08 -3.85
N GLU A 49 12.42 4.89 -2.54
CA GLU A 49 13.64 4.37 -1.97
C GLU A 49 13.68 2.84 -2.04
N PHE A 50 14.88 2.31 -2.25
CA PHE A 50 15.05 0.88 -2.35
C PHE A 50 15.01 0.22 -0.97
N MET A 51 15.12 1.06 0.06
CA MET A 51 15.10 0.58 1.42
C MET A 51 13.92 -0.37 1.66
N ASN A 52 12.92 -0.24 0.79
CA ASN A 52 11.73 -1.07 0.89
C ASN A 52 11.97 -2.37 0.13
N MET A 53 10.99 -3.27 0.25
CA MET A 53 11.09 -4.56 -0.42
C MET A 53 10.57 -4.46 -1.86
N MET A 54 11.00 -5.41 -2.67
CA MET A 54 10.58 -5.45 -4.07
C MET A 54 9.07 -5.69 -4.18
N ASP A 55 8.59 -6.60 -3.36
CA ASP A 55 7.17 -6.94 -3.37
C ASP A 55 6.35 -5.65 -3.40
N GLU A 56 6.87 -4.64 -2.71
CA GLU A 56 6.19 -3.35 -2.65
C GLU A 56 5.71 -2.94 -4.04
N ALA A 57 6.60 -3.08 -5.01
CA ALA A 57 6.28 -2.72 -6.38
C ALA A 57 5.19 -3.66 -6.90
N PHE A 58 5.36 -4.94 -6.62
CA PHE A 58 4.41 -5.94 -7.06
C PHE A 58 2.98 -5.51 -6.73
N LYS A 59 2.82 -4.94 -5.54
CA LYS A 59 1.51 -4.48 -5.10
C LYS A 59 0.84 -3.71 -6.23
N HIS A 60 1.60 -2.85 -6.87
CA HIS A 60 1.09 -2.05 -7.97
C HIS A 60 0.49 -2.98 -9.03
N THR A 61 1.30 -3.92 -9.47
CA THR A 61 0.87 -4.87 -10.49
C THR A 61 -0.26 -5.75 -9.93
N ALA A 62 -0.15 -6.05 -8.65
CA ALA A 62 -1.16 -6.89 -8.00
C ALA A 62 -2.51 -6.18 -8.05
N ARG A 63 -2.52 -4.94 -7.58
CA ARG A 63 -3.74 -4.15 -7.58
C ARG A 63 -4.07 -3.67 -8.99
N HIS A 64 -3.34 -4.22 -9.95
CA HIS A 64 -3.55 -3.85 -11.35
C HIS A 64 -4.83 -4.51 -11.86
N ASN A 65 -4.83 -5.84 -11.84
CA ASN A 65 -5.98 -6.59 -12.31
C ASN A 65 -6.61 -7.33 -11.12
N VAL A 66 -5.77 -8.09 -10.43
CA VAL A 66 -6.24 -8.84 -9.28
C VAL A 66 -5.97 -8.05 -8.01
N ASP A 67 -5.98 -8.76 -6.89
CA ASP A 67 -5.74 -8.13 -5.59
C ASP A 67 -4.80 -9.02 -4.77
N GLU A 68 -3.84 -8.36 -4.12
CA GLU A 68 -2.88 -9.07 -3.29
C GLU A 68 -2.51 -8.24 -2.07
N LEU A 69 -2.38 -8.93 -0.94
CA LEU A 69 -2.05 -8.27 0.30
C LEU A 69 -0.97 -9.08 1.02
N HIS A 70 0.09 -8.37 1.42
CA HIS A 70 1.19 -9.01 2.12
C HIS A 70 1.76 -8.06 3.17
N ILE A 71 2.09 -8.61 4.32
CA ILE A 71 2.65 -7.82 5.41
C ILE A 71 3.85 -8.56 6.01
N ASP A 72 4.94 -7.82 6.14
CA ASP A 72 6.16 -8.39 6.70
C ASP A 72 6.88 -7.32 7.53
N GLY A 73 7.43 -7.76 8.66
CA GLY A 73 8.14 -6.86 9.54
C GLY A 73 9.45 -7.49 10.03
N ASN A 74 10.51 -6.71 9.93
CA ASN A 74 11.83 -7.17 10.35
C ASN A 74 12.59 -6.01 10.99
N TYR A 75 13.27 -6.33 12.09
CA TYR A 75 14.03 -5.33 12.81
C TYR A 75 15.14 -4.75 11.93
N GLN A 76 15.37 -5.42 10.80
CA GLN A 76 16.39 -5.00 9.87
C GLN A 76 15.75 -4.38 8.62
N LEU A 77 14.43 -4.52 8.55
CA LEU A 77 13.69 -3.97 7.42
C LEU A 77 14.01 -2.49 7.26
N GLY A 78 14.04 -1.80 8.39
CA GLY A 78 14.34 -0.37 8.38
C GLY A 78 13.61 0.33 9.53
N ARG A 79 12.58 -0.33 10.04
CA ARG A 79 11.80 0.22 11.13
C ARG A 79 10.69 1.12 10.59
N ASN A 80 9.92 0.57 9.68
CA ASN A 80 8.83 1.31 9.06
C ASN A 80 7.51 0.58 9.34
N VAL A 81 6.61 1.27 10.01
CA VAL A 81 5.31 0.71 10.34
C VAL A 81 4.22 1.49 9.61
N LEU A 82 3.61 0.83 8.64
CA LEU A 82 2.55 1.44 7.86
C LEU A 82 1.27 0.64 8.02
N LEU A 83 0.24 1.31 8.54
CA LEU A 83 -1.04 0.67 8.76
C LEU A 83 -2.08 1.32 7.86
N LYS A 84 -2.52 0.56 6.87
CA LYS A 84 -3.52 1.05 5.93
C LYS A 84 -4.71 0.09 5.90
N ASN A 85 -5.86 0.62 6.26
CA ASN A 85 -7.09 -0.17 6.28
C ASN A 85 -8.05 0.35 5.23
N GLY A 86 -8.23 -0.44 4.19
CA GLY A 86 -9.14 -0.07 3.10
C GLY A 86 -10.27 -1.09 2.96
N GLU A 87 -11.49 -0.59 3.13
CA GLU A 87 -12.67 -1.44 3.02
C GLU A 87 -13.54 -0.99 1.85
N ASP A 88 -13.68 -1.88 0.88
CA ASP A 88 -14.48 -1.58 -0.29
C ASP A 88 -15.07 -2.89 -0.85
N ARG A 89 -16.39 -2.95 -0.84
CA ARG A 89 -17.08 -4.13 -1.33
C ARG A 89 -18.31 -3.72 -2.13
N LEU A 90 -18.48 -4.37 -3.28
CA LEU A 90 -19.61 -4.08 -4.15
C LEU A 90 -20.44 -5.35 -4.32
N ARG A 91 -21.70 -5.14 -4.70
CA ARG A 91 -22.62 -6.26 -4.91
C ARG A 91 -22.23 -7.04 -6.16
N PHE A 92 -21.29 -6.47 -6.91
CA PHE A 92 -20.83 -7.09 -8.14
C PHE A 92 -19.81 -8.19 -7.84
N TYR A 93 -19.61 -8.44 -6.55
CA TYR A 93 -18.67 -9.46 -6.12
C TYR A 93 -19.40 -10.65 -5.50
N VAL A 94 -18.87 -11.84 -5.77
CA VAL A 94 -19.46 -13.06 -5.25
C VAL A 94 -18.77 -13.42 -3.93
N LYS A 95 -17.50 -13.06 -3.84
CA LYS A 95 -16.73 -13.34 -2.64
C LYS A 95 -17.42 -12.71 -1.43
N PHE A 96 -17.51 -11.40 -1.45
CA PHE A 96 -18.15 -10.67 -0.36
C PHE A 96 -17.45 -10.95 0.97
N GLY A 97 -16.15 -10.67 0.98
CA GLY A 97 -15.35 -10.89 2.19
C GLY A 97 -14.43 -9.69 2.45
N PRO A 98 -14.68 -9.04 3.62
CA PRO A 98 -13.88 -7.89 4.01
C PRO A 98 -12.49 -8.32 4.49
N GLY A 99 -11.57 -7.37 4.47
CA GLY A 99 -10.21 -7.63 4.90
C GLY A 99 -9.77 -6.64 5.99
N ALA A 100 -9.92 -7.07 7.23
CA ALA A 100 -9.55 -6.23 8.36
C ALA A 100 -8.09 -6.52 8.74
N VAL A 101 -7.60 -5.74 9.70
CA VAL A 101 -6.23 -5.89 10.16
C VAL A 101 -6.00 -7.36 10.57
N ILE A 102 -7.00 -7.91 11.23
CA ILE A 102 -6.92 -9.29 11.69
C ILE A 102 -6.85 -10.21 10.47
N LYS A 103 -7.80 -10.03 9.57
CA LYS A 103 -7.86 -10.83 8.36
C LYS A 103 -6.57 -10.65 7.57
N GLU A 104 -6.17 -9.39 7.43
CA GLU A 104 -4.96 -9.07 6.69
C GLU A 104 -3.78 -9.90 7.21
N PHE A 105 -3.78 -10.11 8.52
CA PHE A 105 -2.73 -10.88 9.15
C PHE A 105 -2.76 -12.34 8.68
N LYS A 106 -3.97 -12.83 8.45
CA LYS A 106 -4.15 -14.19 8.00
C LYS A 106 -3.03 -14.57 7.02
N ILE A 107 -2.61 -13.57 6.26
CA ILE A 107 -1.54 -13.78 5.28
C ILE A 107 -0.46 -14.67 5.91
N THR A 108 -0.27 -14.50 7.20
CA THR A 108 0.72 -15.28 7.92
C THR A 108 0.15 -15.78 9.26
N ASP A 109 -0.52 -14.87 9.95
CA ASP A 109 -1.11 -15.20 11.23
C ASP A 109 -1.75 -16.58 11.15
N MET A 1 10.58 -3.29 16.26
CA MET A 1 9.16 -3.08 16.03
C MET A 1 8.92 -2.45 14.65
N SER A 2 9.05 -3.27 13.62
CA SER A 2 8.85 -2.80 12.26
C SER A 2 7.84 -3.71 11.55
N GLU A 3 6.71 -3.11 11.17
CA GLU A 3 5.67 -3.85 10.49
C GLU A 3 4.98 -2.95 9.46
N VAL A 4 4.91 -3.45 8.24
CA VAL A 4 4.28 -2.70 7.16
C VAL A 4 3.04 -3.46 6.68
N ASN A 5 1.91 -2.77 6.74
CA ASN A 5 0.65 -3.36 6.32
C ASN A 5 -0.05 -2.41 5.34
N ILE A 6 -0.27 -2.92 4.13
CA ILE A 6 -0.91 -2.14 3.09
C ILE A 6 -2.00 -3.00 2.42
N VAL A 7 -3.14 -2.37 2.19
CA VAL A 7 -4.26 -3.06 1.56
C VAL A 7 -4.99 -2.08 0.65
N VAL A 8 -5.00 -2.42 -0.64
CA VAL A 8 -5.68 -1.59 -1.62
C VAL A 8 -6.60 -2.45 -2.48
N ASN A 9 -7.87 -2.08 -2.48
CA ASN A 9 -8.87 -2.81 -3.25
C ASN A 9 -9.78 -1.82 -3.96
N GLY A 10 -9.77 -1.90 -5.29
CA GLY A 10 -10.59 -1.01 -6.10
C GLY A 10 -9.76 0.14 -6.66
N ARG A 11 -8.46 -0.09 -6.73
CA ARG A 11 -7.55 0.92 -7.24
C ARG A 11 -8.02 2.33 -6.84
N GLU A 12 -8.11 2.53 -5.54
CA GLU A 12 -8.56 3.81 -5.00
C GLU A 12 -7.50 4.38 -4.05
N ALA A 13 -7.51 5.70 -3.93
CA ALA A 13 -6.57 6.37 -3.05
C ALA A 13 -7.32 6.96 -1.86
N GLY A 14 -6.65 6.95 -0.72
CA GLY A 14 -7.24 7.48 0.50
C GLY A 14 -6.16 7.88 1.51
N SER A 15 -4.98 8.15 0.98
CA SER A 15 -3.86 8.55 1.82
C SER A 15 -2.91 9.46 1.03
N LYS A 16 -2.07 10.17 1.77
CA LYS A 16 -1.12 11.08 1.16
C LYS A 16 -0.01 10.28 0.48
N SER A 17 -0.10 8.96 0.65
CA SER A 17 0.88 8.07 0.05
C SER A 17 1.11 8.45 -1.42
N LYS A 18 0.04 8.89 -2.05
CA LYS A 18 0.10 9.28 -3.45
C LYS A 18 1.22 10.31 -3.63
N GLY A 19 1.53 11.00 -2.54
CA GLY A 19 2.57 12.01 -2.56
C GLY A 19 3.96 11.37 -2.77
N CYS A 20 4.80 11.53 -1.76
CA CYS A 20 6.14 10.98 -1.83
C CYS A 20 6.45 10.31 -0.49
N ALA A 21 7.48 9.46 -0.51
CA ALA A 21 7.87 8.76 0.70
C ALA A 21 8.21 9.76 1.79
N LEU A 22 9.15 10.65 1.47
CA LEU A 22 9.57 11.67 2.42
C LEU A 22 8.35 12.45 2.89
N CYS A 23 7.68 13.08 1.92
CA CYS A 23 6.50 13.87 2.21
C CYS A 23 5.49 13.67 1.09
N GLY A 24 4.29 14.17 1.31
CA GLY A 24 3.23 14.05 0.33
C GLY A 24 2.35 15.30 0.30
N ALA A 25 2.67 16.19 -0.61
CA ALA A 25 1.92 17.44 -0.75
C ALA A 25 1.11 17.40 -2.04
N THR A 26 1.34 16.36 -2.82
CA THR A 26 0.64 16.20 -4.08
C THR A 26 -0.42 15.10 -3.97
N TRP A 27 -1.11 14.87 -5.08
CA TRP A 27 -2.16 13.86 -5.11
C TRP A 27 -2.26 13.34 -6.55
N GLY A 28 -2.73 12.10 -6.66
CA GLY A 28 -2.88 11.48 -7.96
C GLY A 28 -3.28 10.01 -7.82
N ASP A 29 -4.39 9.68 -8.47
CA ASP A 29 -4.90 8.31 -8.42
C ASP A 29 -4.39 7.54 -9.64
N TYR A 30 -3.76 8.27 -10.54
CA TYR A 30 -3.22 7.68 -11.75
C TYR A 30 -1.90 6.98 -11.48
N HIS A 31 -1.48 7.04 -10.22
CA HIS A 31 -0.24 6.42 -9.81
C HIS A 31 -0.53 5.18 -8.95
N ALA A 32 0.52 4.42 -8.68
CA ALA A 32 0.38 3.21 -7.87
C ALA A 32 1.33 3.30 -6.67
N ASP A 33 0.76 3.10 -5.50
CA ASP A 33 1.53 3.15 -4.27
C ASP A 33 1.87 1.73 -3.83
N PHE A 34 2.82 1.64 -2.91
CA PHE A 34 3.25 0.35 -2.39
C PHE A 34 3.14 0.29 -0.88
N LEU A 35 3.48 -0.85 -0.32
CA LEU A 35 3.42 -1.04 1.12
C LEU A 35 4.26 0.04 1.81
N GLY A 36 5.12 0.68 1.02
CA GLY A 36 5.97 1.73 1.53
C GLY A 36 5.18 3.03 1.75
N GLU A 37 3.88 2.93 1.51
CA GLU A 37 3.01 4.09 1.66
C GLU A 37 3.64 5.32 1.03
N ASP A 38 4.00 5.17 -0.24
CA ASP A 38 4.62 6.26 -0.97
C ASP A 38 4.27 6.14 -2.46
N LEU A 39 4.67 7.14 -3.22
CA LEU A 39 4.41 7.15 -4.65
C LEU A 39 5.65 7.66 -5.39
N PHE A 40 6.18 6.78 -6.24
CA PHE A 40 7.36 7.12 -7.01
C PHE A 40 7.00 7.42 -8.47
N PHE A 41 5.72 7.74 -8.68
CA PHE A 41 5.24 8.06 -10.01
C PHE A 41 4.94 9.55 -10.14
N CYS A 42 5.16 10.27 -9.05
CA CYS A 42 4.92 11.70 -9.03
C CYS A 42 6.27 12.42 -9.14
N CYS A 43 7.12 12.15 -8.16
CA CYS A 43 8.44 12.76 -8.13
C CYS A 43 9.47 11.70 -8.53
N ASP A 44 9.42 10.58 -7.82
CA ASP A 44 10.34 9.49 -8.09
C ASP A 44 11.77 9.95 -7.84
N ILE A 45 11.88 11.08 -7.15
CA ILE A 45 13.19 11.65 -6.83
C ILE A 45 13.50 11.38 -5.36
N CYS A 46 12.66 11.92 -4.50
CA CYS A 46 12.84 11.74 -3.06
C CYS A 46 12.07 10.50 -2.62
N ALA A 47 11.26 9.99 -3.55
CA ALA A 47 10.46 8.81 -3.27
C ALA A 47 11.15 7.59 -3.89
N ALA A 48 10.64 6.41 -3.54
CA ALA A 48 11.19 5.17 -4.05
C ALA A 48 12.49 4.84 -3.31
N GLU A 49 12.33 4.59 -2.02
CA GLU A 49 13.48 4.26 -1.18
C GLU A 49 13.81 2.77 -1.28
N PHE A 50 15.11 2.48 -1.31
CA PHE A 50 15.56 1.10 -1.41
C PHE A 50 15.46 0.39 -0.07
N MET A 51 15.15 1.17 0.95
CA MET A 51 15.02 0.63 2.29
C MET A 51 13.76 -0.23 2.43
N ASN A 52 12.97 -0.23 1.36
CA ASN A 52 11.74 -1.00 1.34
C ASN A 52 11.97 -2.30 0.56
N MET A 53 10.98 -3.17 0.63
CA MET A 53 11.06 -4.45 -0.06
C MET A 53 10.60 -4.32 -1.51
N MET A 54 11.02 -5.30 -2.31
CA MET A 54 10.67 -5.30 -3.72
C MET A 54 9.16 -5.47 -3.90
N ASP A 55 8.57 -6.26 -3.02
CA ASP A 55 7.15 -6.52 -3.07
C ASP A 55 6.40 -5.20 -3.31
N GLU A 56 6.94 -4.14 -2.72
CA GLU A 56 6.34 -2.82 -2.85
C GLU A 56 5.96 -2.56 -4.31
N ALA A 57 6.95 -2.71 -5.18
CA ALA A 57 6.73 -2.49 -6.60
C ALA A 57 5.75 -3.54 -7.13
N PHE A 58 6.07 -4.80 -6.86
CA PHE A 58 5.22 -5.90 -7.29
C PHE A 58 3.75 -5.59 -7.01
N LYS A 59 3.48 -5.14 -5.80
CA LYS A 59 2.13 -4.81 -5.39
C LYS A 59 1.45 -4.01 -6.50
N HIS A 60 2.16 -2.99 -6.97
CA HIS A 60 1.64 -2.14 -8.03
C HIS A 60 1.07 -3.01 -9.15
N THR A 61 1.91 -3.90 -9.65
CA THR A 61 1.50 -4.80 -10.73
C THR A 61 0.23 -5.56 -10.33
N ALA A 62 0.15 -5.88 -9.05
CA ALA A 62 -1.01 -6.60 -8.53
C ALA A 62 -2.19 -5.66 -8.42
N ARG A 63 -1.92 -4.49 -7.84
CA ARG A 63 -2.96 -3.49 -7.67
C ARG A 63 -3.29 -2.83 -9.01
N HIS A 64 -2.73 -3.39 -10.06
CA HIS A 64 -2.95 -2.87 -11.39
C HIS A 64 -4.30 -3.37 -11.93
N ASN A 65 -4.47 -4.68 -11.89
CA ASN A 65 -5.70 -5.30 -12.37
C ASN A 65 -6.40 -5.97 -11.19
N VAL A 66 -5.66 -6.84 -10.52
CA VAL A 66 -6.20 -7.56 -9.37
C VAL A 66 -5.84 -6.82 -8.09
N ASP A 67 -5.87 -7.55 -6.99
CA ASP A 67 -5.55 -6.97 -5.70
C ASP A 67 -4.63 -7.92 -4.93
N GLU A 68 -3.65 -7.32 -4.25
CA GLU A 68 -2.69 -8.11 -3.48
C GLU A 68 -2.40 -7.43 -2.14
N LEU A 69 -2.31 -8.24 -1.11
CA LEU A 69 -2.03 -7.73 0.22
C LEU A 69 -0.96 -8.59 0.89
N HIS A 70 0.05 -7.93 1.42
CA HIS A 70 1.15 -8.62 2.08
C HIS A 70 1.64 -7.78 3.26
N ILE A 71 1.94 -8.47 4.35
CA ILE A 71 2.43 -7.80 5.55
C ILE A 71 3.63 -8.57 6.11
N ASP A 72 4.69 -7.83 6.38
CA ASP A 72 5.90 -8.43 6.91
C ASP A 72 6.57 -7.45 7.88
N GLY A 73 7.07 -8.00 8.98
CA GLY A 73 7.73 -7.20 9.98
C GLY A 73 9.04 -7.84 10.44
N ASN A 74 10.09 -7.03 10.44
CA ASN A 74 11.40 -7.51 10.85
C ASN A 74 12.15 -6.38 11.57
N TYR A 75 12.84 -6.77 12.63
CA TYR A 75 13.61 -5.81 13.41
C TYR A 75 14.86 -5.36 12.66
N GLN A 76 15.05 -5.95 11.48
CA GLN A 76 16.20 -5.62 10.66
C GLN A 76 15.77 -4.85 9.42
N LEU A 77 14.47 -4.91 9.16
CA LEU A 77 13.91 -4.22 8.00
C LEU A 77 14.49 -2.81 7.92
N GLY A 78 14.17 -2.01 8.93
CA GLY A 78 14.65 -0.64 8.97
C GLY A 78 13.68 0.26 9.72
N ARG A 79 13.03 -0.32 10.72
CA ARG A 79 12.07 0.42 11.52
C ARG A 79 11.10 1.19 10.61
N ASN A 80 10.50 0.46 9.68
CA ASN A 80 9.56 1.05 8.75
C ASN A 80 8.17 0.46 8.98
N VAL A 81 7.26 1.31 9.44
CA VAL A 81 5.91 0.89 9.71
C VAL A 81 4.93 1.78 8.94
N LEU A 82 4.30 1.18 7.94
CA LEU A 82 3.34 1.91 7.13
C LEU A 82 2.00 1.18 7.14
N LEU A 83 0.98 1.87 7.62
CA LEU A 83 -0.36 1.31 7.69
C LEU A 83 -1.29 2.09 6.76
N LYS A 84 -1.72 1.41 5.70
CA LYS A 84 -2.61 2.02 4.73
C LYS A 84 -3.87 1.16 4.60
N ASN A 85 -5.00 1.77 4.90
CA ASN A 85 -6.28 1.08 4.81
C ASN A 85 -7.14 1.74 3.72
N GLY A 86 -7.49 0.93 2.73
CA GLY A 86 -8.30 1.41 1.62
C GLY A 86 -9.66 0.72 1.60
N GLU A 87 -10.71 1.53 1.73
CA GLU A 87 -12.06 1.00 1.73
C GLU A 87 -12.87 1.65 0.60
N ASP A 88 -13.35 0.80 -0.29
CA ASP A 88 -14.15 1.27 -1.42
C ASP A 88 -15.54 0.62 -1.37
N ARG A 89 -16.54 1.47 -1.20
CA ARG A 89 -17.91 0.99 -1.12
C ARG A 89 -18.82 1.89 -1.96
N LEU A 90 -19.78 1.26 -2.62
CA LEU A 90 -20.72 1.98 -3.46
C LEU A 90 -22.11 1.33 -3.35
N ARG A 91 -23.12 2.11 -3.69
CA ARG A 91 -24.49 1.63 -3.62
C ARG A 91 -24.61 0.27 -4.34
N PHE A 92 -23.69 0.04 -5.26
CA PHE A 92 -23.68 -1.20 -6.01
C PHE A 92 -23.35 -2.39 -5.10
N TYR A 93 -22.57 -2.10 -4.06
CA TYR A 93 -22.18 -3.12 -3.11
C TYR A 93 -23.25 -3.32 -2.04
N VAL A 94 -23.67 -4.57 -1.89
CA VAL A 94 -24.68 -4.91 -0.90
C VAL A 94 -24.01 -5.56 0.31
N LYS A 95 -22.70 -5.71 0.22
CA LYS A 95 -21.94 -6.32 1.28
C LYS A 95 -21.60 -5.26 2.33
N PHE A 96 -21.56 -4.02 1.89
CA PHE A 96 -21.26 -2.90 2.77
C PHE A 96 -20.15 -3.28 3.75
N GLY A 97 -19.10 -3.88 3.21
CA GLY A 97 -17.96 -4.29 4.03
C GLY A 97 -16.75 -3.40 3.75
N PRO A 98 -16.50 -2.46 4.70
CA PRO A 98 -15.37 -1.55 4.57
C PRO A 98 -14.05 -2.26 4.88
N GLY A 99 -13.32 -2.57 3.82
CA GLY A 99 -12.04 -3.24 3.96
C GLY A 99 -11.22 -2.63 5.10
N ALA A 100 -11.26 -3.32 6.24
CA ALA A 100 -10.53 -2.86 7.42
C ALA A 100 -9.19 -3.59 7.49
N VAL A 101 -8.33 -3.08 8.36
CA VAL A 101 -7.01 -3.67 8.54
C VAL A 101 -7.15 -5.19 8.63
N ILE A 102 -8.23 -5.62 9.27
CA ILE A 102 -8.49 -7.04 9.43
C ILE A 102 -8.30 -7.75 8.10
N LYS A 103 -8.74 -7.09 7.04
CA LYS A 103 -8.62 -7.64 5.70
C LYS A 103 -7.16 -8.01 5.43
N GLU A 104 -6.27 -7.17 5.93
CA GLU A 104 -4.85 -7.39 5.75
C GLU A 104 -4.42 -8.69 6.44
N PHE A 105 -4.83 -8.81 7.70
CA PHE A 105 -4.50 -9.99 8.48
C PHE A 105 -4.73 -11.26 7.67
N LYS A 106 -5.77 -11.22 6.84
CA LYS A 106 -6.11 -12.36 6.01
C LYS A 106 -4.90 -12.73 5.13
N ILE A 107 -3.95 -11.81 5.08
CA ILE A 107 -2.75 -12.03 4.29
C ILE A 107 -2.43 -13.52 4.26
N THR A 108 -2.63 -14.16 5.41
CA THR A 108 -2.37 -15.59 5.52
C THR A 108 -2.77 -16.09 6.91
N ASP A 109 -2.57 -15.23 7.90
CA ASP A 109 -2.90 -15.59 9.27
C ASP A 109 -4.36 -16.04 9.33
N MET A 1 8.42 -5.91 16.12
CA MET A 1 8.93 -4.55 16.18
C MET A 1 8.52 -3.75 14.94
N SER A 2 8.83 -4.32 13.77
CA SER A 2 8.49 -3.68 12.52
C SER A 2 7.49 -4.53 11.74
N GLU A 3 6.39 -3.89 11.35
CA GLU A 3 5.35 -4.58 10.60
C GLU A 3 4.71 -3.63 9.58
N VAL A 4 4.62 -4.12 8.35
CA VAL A 4 4.04 -3.34 7.28
C VAL A 4 2.95 -4.16 6.57
N ASN A 5 1.72 -3.69 6.70
CA ASN A 5 0.60 -4.37 6.09
C ASN A 5 -0.40 -3.33 5.57
N ILE A 6 -0.69 -3.42 4.28
CA ILE A 6 -1.62 -2.49 3.66
C ILE A 6 -2.40 -3.23 2.58
N VAL A 7 -3.72 -3.18 2.71
CA VAL A 7 -4.59 -3.83 1.75
C VAL A 7 -5.43 -2.78 1.03
N VAL A 8 -5.48 -2.91 -0.29
CA VAL A 8 -6.23 -1.98 -1.12
C VAL A 8 -7.25 -2.76 -1.95
N ASN A 9 -8.51 -2.56 -1.63
CA ASN A 9 -9.59 -3.23 -2.33
C ASN A 9 -10.44 -2.19 -3.06
N GLY A 10 -10.34 -2.20 -4.38
CA GLY A 10 -11.09 -1.27 -5.21
C GLY A 10 -10.32 0.05 -5.37
N ARG A 11 -9.09 -0.08 -5.83
CA ARG A 11 -8.25 1.09 -6.04
C ARG A 11 -8.62 2.20 -5.06
N GLU A 12 -8.63 1.83 -3.79
CA GLU A 12 -8.98 2.79 -2.73
C GLU A 12 -7.74 3.60 -2.34
N ALA A 13 -7.89 4.91 -2.42
CA ALA A 13 -6.80 5.81 -2.07
C ALA A 13 -7.37 7.07 -1.41
N GLY A 14 -6.68 7.50 -0.37
CA GLY A 14 -7.11 8.69 0.36
C GLY A 14 -6.06 9.12 1.38
N SER A 15 -4.80 8.91 1.01
CA SER A 15 -3.70 9.27 1.89
C SER A 15 -2.73 10.21 1.16
N LYS A 16 -1.68 10.59 1.87
CA LYS A 16 -0.68 11.48 1.30
C LYS A 16 0.20 10.70 0.33
N SER A 17 -0.08 9.42 0.24
CA SER A 17 0.68 8.55 -0.64
C SER A 17 0.79 9.20 -2.03
N LYS A 18 -0.21 9.98 -2.37
CA LYS A 18 -0.23 10.66 -3.65
C LYS A 18 1.03 11.52 -3.80
N GLY A 19 1.66 11.76 -2.66
CA GLY A 19 2.87 12.57 -2.64
C GLY A 19 4.12 11.69 -2.53
N CYS A 20 5.23 12.32 -2.19
CA CYS A 20 6.48 11.60 -2.05
C CYS A 20 6.61 11.14 -0.60
N ALA A 21 7.63 10.32 -0.37
CA ALA A 21 7.88 9.79 0.97
C ALA A 21 8.33 10.94 1.89
N LEU A 22 9.21 11.76 1.35
CA LEU A 22 9.74 12.89 2.11
C LEU A 22 8.63 13.93 2.28
N CYS A 23 8.13 14.42 1.15
CA CYS A 23 7.07 15.42 1.17
C CYS A 23 6.02 15.02 0.13
N GLY A 24 4.81 15.52 0.34
CA GLY A 24 3.72 15.22 -0.56
C GLY A 24 3.01 16.50 -1.02
N ALA A 25 3.58 17.11 -2.04
CA ALA A 25 3.02 18.34 -2.58
C ALA A 25 2.40 18.06 -3.95
N THR A 26 2.87 16.99 -4.56
CA THR A 26 2.37 16.60 -5.87
C THR A 26 1.21 15.62 -5.74
N TRP A 27 0.55 15.38 -6.86
CA TRP A 27 -0.59 14.47 -6.88
C TRP A 27 -0.60 13.76 -8.24
N GLY A 28 -0.36 12.45 -8.18
CA GLY A 28 -0.34 11.65 -9.40
C GLY A 28 -1.21 10.40 -9.24
N ASP A 29 -2.17 10.27 -10.14
CA ASP A 29 -3.07 9.12 -10.12
C ASP A 29 -2.58 8.07 -11.12
N TYR A 30 -2.04 8.56 -12.22
CA TYR A 30 -1.53 7.67 -13.25
C TYR A 30 -0.21 7.02 -12.82
N HIS A 31 0.23 7.39 -11.63
CA HIS A 31 1.46 6.85 -11.09
C HIS A 31 1.17 5.58 -10.29
N ALA A 32 2.24 4.91 -9.88
CA ALA A 32 2.10 3.68 -9.12
C ALA A 32 2.20 4.00 -7.63
N ASP A 33 1.53 3.18 -6.83
CA ASP A 33 1.53 3.37 -5.39
C ASP A 33 2.49 2.35 -4.75
N PHE A 34 2.87 2.64 -3.51
CA PHE A 34 3.77 1.76 -2.79
C PHE A 34 3.15 1.30 -1.46
N LEU A 35 3.49 0.09 -1.07
CA LEU A 35 2.97 -0.47 0.16
C LEU A 35 3.18 0.53 1.30
N GLY A 36 4.17 1.40 1.11
CA GLY A 36 4.48 2.41 2.11
C GLY A 36 3.66 3.68 1.88
N GLU A 37 2.43 3.48 1.44
CA GLU A 37 1.53 4.60 1.18
C GLU A 37 2.33 5.80 0.66
N ASP A 38 3.03 5.57 -0.44
CA ASP A 38 3.83 6.62 -1.04
C ASP A 38 3.92 6.39 -2.55
N LEU A 39 4.22 7.46 -3.27
CA LEU A 39 4.35 7.39 -4.71
C LEU A 39 5.81 7.54 -5.11
N PHE A 40 6.34 6.49 -5.73
CA PHE A 40 7.72 6.49 -6.17
C PHE A 40 7.82 6.69 -7.68
N PHE A 41 6.66 6.90 -8.29
CA PHE A 41 6.60 7.10 -9.73
C PHE A 41 6.24 8.54 -10.07
N CYS A 42 6.05 9.33 -9.02
CA CYS A 42 5.70 10.73 -9.20
C CYS A 42 6.98 11.51 -9.54
N CYS A 43 7.94 11.42 -8.64
CA CYS A 43 9.21 12.10 -8.82
C CYS A 43 10.29 11.05 -9.09
N ASP A 44 10.26 10.01 -8.28
CA ASP A 44 11.23 8.93 -8.41
C ASP A 44 12.64 9.48 -8.24
N ILE A 45 12.70 10.70 -7.71
CA ILE A 45 13.98 11.36 -7.49
C ILE A 45 14.32 11.29 -6.00
N CYS A 46 13.48 11.93 -5.20
CA CYS A 46 13.69 11.95 -3.76
C CYS A 46 12.81 10.88 -3.13
N ALA A 47 11.93 10.32 -3.95
CA ALA A 47 11.03 9.27 -3.49
C ALA A 47 11.57 7.90 -3.92
N ALA A 48 10.95 6.87 -3.38
CA ALA A 48 11.36 5.52 -3.70
C ALA A 48 12.59 5.14 -2.87
N GLU A 49 12.40 5.10 -1.56
CA GLU A 49 13.47 4.77 -0.65
C GLU A 49 13.63 3.25 -0.53
N PHE A 50 14.85 2.83 -0.26
CA PHE A 50 15.14 1.41 -0.13
C PHE A 50 14.63 0.88 1.22
N MET A 51 14.03 1.77 1.98
CA MET A 51 13.49 1.41 3.28
C MET A 51 12.58 0.18 3.19
N ASN A 52 11.87 0.12 2.07
CA ASN A 52 10.96 -1.00 1.83
C ASN A 52 11.56 -1.93 0.78
N MET A 53 10.79 -2.96 0.44
CA MET A 53 11.23 -3.92 -0.55
C MET A 53 10.58 -3.65 -1.90
N MET A 54 11.08 -4.35 -2.92
CA MET A 54 10.56 -4.19 -4.27
C MET A 54 9.10 -4.66 -4.35
N ASP A 55 8.84 -5.80 -3.72
CA ASP A 55 7.51 -6.36 -3.72
C ASP A 55 6.49 -5.25 -3.43
N GLU A 56 6.86 -4.38 -2.49
CA GLU A 56 5.99 -3.27 -2.12
C GLU A 56 5.41 -2.61 -3.37
N ALA A 57 6.30 -2.27 -4.29
CA ALA A 57 5.88 -1.64 -5.53
C ALA A 57 5.01 -2.60 -6.34
N PHE A 58 5.54 -3.81 -6.52
CA PHE A 58 4.82 -4.83 -7.26
C PHE A 58 3.36 -4.89 -6.84
N LYS A 59 3.14 -4.74 -5.54
CA LYS A 59 1.80 -4.77 -5.00
C LYS A 59 0.87 -3.93 -5.88
N HIS A 60 1.44 -2.85 -6.40
CA HIS A 60 0.68 -1.95 -7.26
C HIS A 60 0.27 -2.68 -8.54
N THR A 61 1.26 -3.35 -9.15
CA THR A 61 1.02 -4.09 -10.37
C THR A 61 -0.27 -4.91 -10.26
N ALA A 62 -0.50 -5.43 -9.06
CA ALA A 62 -1.69 -6.22 -8.81
C ALA A 62 -2.86 -5.30 -8.50
N ARG A 63 -2.60 -4.36 -7.60
CA ARG A 63 -3.63 -3.41 -7.19
C ARG A 63 -4.01 -2.51 -8.38
N HIS A 64 -3.30 -2.70 -9.48
CA HIS A 64 -3.55 -1.92 -10.68
C HIS A 64 -4.83 -2.42 -11.35
N ASN A 65 -4.85 -3.71 -11.64
CA ASN A 65 -6.01 -4.31 -12.28
C ASN A 65 -6.64 -5.33 -11.32
N VAL A 66 -5.80 -6.18 -10.77
CA VAL A 66 -6.27 -7.20 -9.84
C VAL A 66 -6.12 -6.67 -8.40
N ASP A 67 -5.95 -7.61 -7.48
CA ASP A 67 -5.80 -7.27 -6.08
C ASP A 67 -4.70 -8.15 -5.47
N GLU A 68 -3.82 -7.49 -4.71
CA GLU A 68 -2.74 -8.20 -4.06
C GLU A 68 -2.44 -7.58 -2.70
N LEU A 69 -2.15 -8.45 -1.74
CA LEU A 69 -1.86 -8.00 -0.39
C LEU A 69 -0.64 -8.75 0.13
N HIS A 70 0.31 -8.00 0.66
CA HIS A 70 1.53 -8.58 1.20
C HIS A 70 1.94 -7.84 2.47
N ILE A 71 2.40 -8.61 3.45
CA ILE A 71 2.83 -8.03 4.71
C ILE A 71 4.15 -8.67 5.13
N ASP A 72 5.10 -7.81 5.47
CA ASP A 72 6.41 -8.27 5.89
C ASP A 72 6.96 -7.33 6.96
N GLY A 73 7.60 -7.93 7.96
CA GLY A 73 8.16 -7.17 9.06
C GLY A 73 9.58 -7.66 9.39
N ASN A 74 10.49 -6.70 9.47
CA ASN A 74 11.88 -7.01 9.78
C ASN A 74 12.48 -5.89 10.63
N TYR A 75 13.15 -6.29 11.70
CA TYR A 75 13.76 -5.33 12.60
C TYR A 75 14.95 -4.64 11.92
N GLN A 76 15.26 -5.11 10.73
CA GLN A 76 16.37 -4.54 9.96
C GLN A 76 15.85 -3.77 8.75
N LEU A 77 14.56 -3.95 8.49
CA LEU A 77 13.92 -3.28 7.37
C LEU A 77 14.26 -1.79 7.41
N GLY A 78 13.77 -1.14 8.46
CA GLY A 78 14.01 0.29 8.63
C GLY A 78 13.09 0.88 9.70
N ARG A 79 12.70 0.02 10.64
CA ARG A 79 11.82 0.44 11.71
C ARG A 79 10.62 1.22 11.15
N ASN A 80 9.95 0.61 10.19
CA ASN A 80 8.80 1.23 9.56
C ASN A 80 7.55 0.39 9.84
N VAL A 81 6.60 1.01 10.52
CA VAL A 81 5.36 0.32 10.85
C VAL A 81 4.19 1.05 10.19
N LEU A 82 3.61 0.38 9.19
CA LEU A 82 2.49 0.95 8.47
C LEU A 82 1.28 0.02 8.59
N LEU A 83 0.21 0.54 9.16
CA LEU A 83 -1.01 -0.23 9.34
C LEU A 83 -2.13 0.39 8.51
N LYS A 84 -2.51 -0.33 7.45
CA LYS A 84 -3.57 0.13 6.58
C LYS A 84 -4.65 -0.93 6.48
N ASN A 85 -5.85 -0.55 6.89
CA ASN A 85 -6.98 -1.47 6.85
C ASN A 85 -8.02 -0.95 5.85
N GLY A 86 -8.17 -1.70 4.76
CA GLY A 86 -9.12 -1.33 3.73
C GLY A 86 -10.18 -2.41 3.54
N GLU A 87 -11.43 -2.01 3.77
CA GLU A 87 -12.54 -2.93 3.63
C GLU A 87 -13.56 -2.40 2.61
N ASP A 88 -13.73 -3.18 1.55
CA ASP A 88 -14.66 -2.79 0.50
C ASP A 88 -15.48 -4.01 0.08
N ARG A 89 -16.78 -3.93 0.32
CA ARG A 89 -17.69 -5.01 -0.03
C ARG A 89 -18.97 -4.46 -0.64
N LEU A 90 -19.59 -5.29 -1.48
CA LEU A 90 -20.82 -4.89 -2.15
C LEU A 90 -21.81 -6.05 -2.09
N ARG A 91 -23.09 -5.71 -2.22
CA ARG A 91 -24.13 -6.71 -2.18
C ARG A 91 -23.95 -7.72 -3.31
N PHE A 92 -23.28 -7.27 -4.37
CA PHE A 92 -23.03 -8.11 -5.51
C PHE A 92 -22.09 -9.26 -5.14
N TYR A 93 -21.53 -9.17 -3.96
CA TYR A 93 -20.60 -10.19 -3.47
C TYR A 93 -21.32 -11.18 -2.54
N VAL A 94 -20.91 -12.43 -2.63
CA VAL A 94 -21.50 -13.47 -1.81
C VAL A 94 -20.53 -13.83 -0.68
N LYS A 95 -19.29 -13.43 -0.86
CA LYS A 95 -18.25 -13.70 0.13
C LYS A 95 -18.10 -12.48 1.04
N PHE A 96 -18.14 -11.31 0.43
CA PHE A 96 -18.00 -10.07 1.18
C PHE A 96 -17.01 -10.23 2.33
N GLY A 97 -15.82 -10.71 1.97
CA GLY A 97 -14.78 -10.91 2.97
C GLY A 97 -13.88 -9.68 3.08
N PRO A 98 -13.97 -9.01 4.26
CA PRO A 98 -13.18 -7.81 4.50
C PRO A 98 -11.72 -8.18 4.79
N GLY A 99 -10.86 -7.87 3.81
CA GLY A 99 -9.45 -8.15 3.95
C GLY A 99 -8.92 -7.69 5.30
N ALA A 100 -8.86 -8.63 6.23
CA ALA A 100 -8.37 -8.33 7.57
C ALA A 100 -6.85 -8.47 7.60
N VAL A 101 -6.23 -7.75 8.52
CA VAL A 101 -4.79 -7.78 8.67
C VAL A 101 -4.32 -9.23 8.72
N ILE A 102 -5.12 -10.05 9.40
CA ILE A 102 -4.80 -11.46 9.53
C ILE A 102 -4.85 -12.13 8.16
N LYS A 103 -5.96 -11.92 7.47
CA LYS A 103 -6.15 -12.49 6.15
C LYS A 103 -4.88 -12.28 5.32
N GLU A 104 -4.44 -11.02 5.30
CA GLU A 104 -3.24 -10.68 4.55
C GLU A 104 -2.12 -11.67 4.84
N PHE A 105 -1.85 -11.86 6.13
CA PHE A 105 -0.81 -12.77 6.55
C PHE A 105 -0.89 -14.09 5.79
N LYS A 106 -2.12 -14.49 5.49
CA LYS A 106 -2.34 -15.72 4.76
C LYS A 106 -1.41 -15.77 3.54
N ILE A 107 -1.00 -14.59 3.10
CA ILE A 107 -0.13 -14.48 1.95
C ILE A 107 0.90 -15.61 2.00
N THR A 108 1.35 -15.92 3.20
CA THR A 108 2.33 -16.98 3.40
C THR A 108 1.96 -17.82 4.62
N ASP A 109 1.63 -17.13 5.70
CA ASP A 109 1.27 -17.80 6.94
C ASP A 109 0.28 -18.93 6.63
N MET A 1 9.27 -1.96 16.57
CA MET A 1 7.87 -1.81 16.24
C MET A 1 7.70 -1.25 14.82
N SER A 2 8.24 -1.99 13.86
CA SER A 2 8.15 -1.58 12.47
C SER A 2 7.36 -2.61 11.67
N GLU A 3 6.23 -2.16 11.13
CA GLU A 3 5.38 -3.04 10.35
C GLU A 3 4.90 -2.31 9.10
N VAL A 4 4.93 -3.04 7.98
CA VAL A 4 4.51 -2.48 6.71
C VAL A 4 3.26 -3.23 6.22
N ASN A 5 2.19 -2.48 6.02
CA ASN A 5 0.95 -3.06 5.55
C ASN A 5 0.25 -2.07 4.62
N ILE A 6 -0.06 -2.55 3.43
CA ILE A 6 -0.73 -1.73 2.43
C ILE A 6 -1.77 -2.58 1.68
N VAL A 7 -3.02 -2.16 1.82
CA VAL A 7 -4.10 -2.87 1.17
C VAL A 7 -4.80 -1.93 0.17
N VAL A 8 -4.97 -2.42 -1.04
CA VAL A 8 -5.61 -1.64 -2.08
C VAL A 8 -6.59 -2.53 -2.85
N ASN A 9 -7.87 -2.24 -2.66
CA ASN A 9 -8.92 -3.01 -3.32
C ASN A 9 -9.81 -2.05 -4.13
N GLY A 10 -9.76 -2.21 -5.43
CA GLY A 10 -10.55 -1.39 -6.33
C GLY A 10 -9.99 0.04 -6.38
N ARG A 11 -8.70 0.12 -6.67
CA ARG A 11 -8.03 1.40 -6.77
C ARG A 11 -8.54 2.35 -5.67
N GLU A 12 -8.34 1.91 -4.44
CA GLU A 12 -8.77 2.70 -3.29
C GLU A 12 -7.71 3.75 -2.93
N ALA A 13 -8.15 4.99 -2.82
CA ALA A 13 -7.27 6.08 -2.49
C ALA A 13 -7.77 6.78 -1.23
N GLY A 14 -6.94 7.69 -0.72
CA GLY A 14 -7.29 8.44 0.47
C GLY A 14 -6.26 8.20 1.59
N SER A 15 -5.00 8.44 1.25
CA SER A 15 -3.93 8.26 2.21
C SER A 15 -2.75 9.16 1.85
N LYS A 16 -1.70 9.07 2.66
CA LYS A 16 -0.51 9.87 2.44
C LYS A 16 0.37 9.19 1.40
N SER A 17 -0.20 8.18 0.75
CA SER A 17 0.51 7.43 -0.27
C SER A 17 0.50 8.22 -1.59
N LYS A 18 -0.33 9.25 -1.63
CA LYS A 18 -0.44 10.07 -2.81
C LYS A 18 0.83 10.89 -2.99
N GLY A 19 1.24 11.55 -1.91
CA GLY A 19 2.44 12.36 -1.93
C GLY A 19 3.70 11.49 -1.97
N CYS A 20 4.78 12.04 -1.45
CA CYS A 20 6.04 11.33 -1.41
C CYS A 20 6.17 10.64 -0.05
N ALA A 21 7.18 9.78 0.06
CA ALA A 21 7.42 9.06 1.30
C ALA A 21 7.86 10.04 2.38
N LEU A 22 8.84 10.87 2.02
CA LEU A 22 9.36 11.86 2.96
C LEU A 22 8.20 12.66 3.53
N CYS A 23 7.47 13.32 2.65
CA CYS A 23 6.34 14.13 3.05
C CYS A 23 5.22 13.94 2.02
N GLY A 24 4.00 13.84 2.53
CA GLY A 24 2.84 13.66 1.67
C GLY A 24 2.23 15.01 1.30
N ALA A 25 2.89 15.69 0.39
CA ALA A 25 2.42 17.00 -0.07
C ALA A 25 1.91 16.87 -1.50
N THR A 26 2.44 15.89 -2.21
CA THR A 26 2.06 15.65 -3.59
C THR A 26 0.86 14.69 -3.66
N TRP A 27 0.26 14.63 -4.83
CA TRP A 27 -0.89 13.77 -5.05
C TRP A 27 -0.90 13.34 -6.51
N GLY A 28 -1.32 12.10 -6.74
CA GLY A 28 -1.37 11.56 -8.08
C GLY A 28 -1.85 10.11 -8.07
N ASP A 29 -3.14 9.94 -8.26
CA ASP A 29 -3.73 8.61 -8.26
C ASP A 29 -3.33 7.89 -9.56
N TYR A 30 -3.08 8.68 -10.59
CA TYR A 30 -2.70 8.14 -11.87
C TYR A 30 -1.42 7.32 -11.76
N HIS A 31 -0.71 7.51 -10.65
CA HIS A 31 0.52 6.80 -10.41
C HIS A 31 0.24 5.58 -9.51
N ALA A 32 1.29 4.81 -9.28
CA ALA A 32 1.16 3.62 -8.45
C ALA A 32 1.80 3.89 -7.08
N ASP A 33 1.22 3.28 -6.06
CA ASP A 33 1.72 3.44 -4.71
C ASP A 33 2.55 2.22 -4.32
N PHE A 34 3.64 2.48 -3.62
CA PHE A 34 4.53 1.42 -3.18
C PHE A 34 4.23 1.01 -1.73
N LEU A 35 5.00 0.05 -1.26
CA LEU A 35 4.83 -0.44 0.11
C LEU A 35 5.28 0.65 1.08
N GLY A 36 5.91 1.67 0.54
CA GLY A 36 6.40 2.78 1.35
C GLY A 36 5.35 3.89 1.43
N GLU A 37 4.14 3.56 1.01
CA GLU A 37 3.05 4.51 1.04
C GLU A 37 3.51 5.87 0.51
N ASP A 38 4.04 5.84 -0.71
CA ASP A 38 4.53 7.05 -1.34
C ASP A 38 4.38 6.94 -2.86
N LEU A 39 4.67 8.03 -3.54
CA LEU A 39 4.56 8.06 -4.99
C LEU A 39 5.92 8.45 -5.59
N PHE A 40 6.46 7.54 -6.39
CA PHE A 40 7.74 7.79 -7.02
C PHE A 40 7.56 8.10 -8.51
N PHE A 41 6.36 8.55 -8.85
CA PHE A 41 6.05 8.89 -10.23
C PHE A 41 5.89 10.41 -10.39
N CYS A 42 6.06 11.11 -9.28
CA CYS A 42 5.93 12.56 -9.28
C CYS A 42 7.32 13.16 -9.13
N CYS A 43 8.01 12.75 -8.08
CA CYS A 43 9.35 13.24 -7.81
C CYS A 43 10.34 12.13 -8.14
N ASP A 44 10.18 11.00 -7.47
CA ASP A 44 11.05 9.86 -7.69
C ASP A 44 12.49 10.26 -7.39
N ILE A 45 12.63 11.39 -6.72
CA ILE A 45 13.95 11.91 -6.37
C ILE A 45 14.21 11.65 -4.89
N CYS A 46 13.39 12.26 -4.05
CA CYS A 46 13.51 12.11 -2.61
C CYS A 46 12.65 10.93 -2.18
N ALA A 47 11.80 10.48 -3.10
CA ALA A 47 10.92 9.37 -2.82
C ALA A 47 11.51 8.09 -3.44
N ALA A 48 10.93 6.96 -3.07
CA ALA A 48 11.38 5.68 -3.57
C ALA A 48 12.64 5.25 -2.82
N GLU A 49 12.46 5.00 -1.53
CA GLU A 49 13.57 4.58 -0.69
C GLU A 49 13.77 3.06 -0.78
N PHE A 50 15.00 2.65 -0.53
CA PHE A 50 15.33 1.23 -0.58
C PHE A 50 14.82 0.50 0.66
N MET A 51 14.14 1.26 1.52
CA MET A 51 13.60 0.70 2.74
C MET A 51 12.39 -0.19 2.45
N ASN A 52 12.03 -0.24 1.18
CA ASN A 52 10.90 -1.05 0.75
C ASN A 52 11.41 -2.37 0.17
N MET A 53 10.50 -3.32 0.07
CA MET A 53 10.85 -4.63 -0.47
C MET A 53 10.40 -4.77 -1.92
N MET A 54 11.04 -5.68 -2.62
CA MET A 54 10.73 -5.92 -4.02
C MET A 54 9.23 -6.14 -4.22
N ASP A 55 8.63 -6.78 -3.22
CA ASP A 55 7.20 -7.06 -3.26
C ASP A 55 6.45 -5.80 -3.73
N GLU A 56 6.97 -4.66 -3.32
CA GLU A 56 6.38 -3.39 -3.69
C GLU A 56 6.01 -3.38 -5.17
N ALA A 57 6.85 -4.04 -5.96
CA ALA A 57 6.63 -4.12 -7.40
C ALA A 57 5.35 -4.90 -7.67
N PHE A 58 5.26 -6.06 -7.03
CA PHE A 58 4.09 -6.91 -7.20
C PHE A 58 2.82 -6.21 -6.71
N LYS A 59 2.99 -5.42 -5.65
CA LYS A 59 1.88 -4.69 -5.08
C LYS A 59 1.06 -4.04 -6.21
N HIS A 60 1.78 -3.47 -7.16
CA HIS A 60 1.14 -2.83 -8.29
C HIS A 60 0.38 -3.86 -9.11
N THR A 61 1.10 -4.89 -9.52
CA THR A 61 0.50 -5.95 -10.33
C THR A 61 -0.65 -6.60 -9.56
N ALA A 62 -0.49 -6.69 -8.25
CA ALA A 62 -1.51 -7.28 -7.40
C ALA A 62 -2.82 -6.53 -7.59
N ARG A 63 -2.75 -5.21 -7.40
CA ARG A 63 -3.93 -4.37 -7.54
C ARG A 63 -4.06 -3.89 -8.99
N HIS A 64 -3.25 -4.47 -9.85
CA HIS A 64 -3.26 -4.11 -11.26
C HIS A 64 -4.49 -4.73 -11.93
N ASN A 65 -4.58 -6.05 -11.85
CA ASN A 65 -5.69 -6.76 -12.45
C ASN A 65 -6.51 -7.43 -11.34
N VAL A 66 -5.82 -8.25 -10.56
CA VAL A 66 -6.46 -8.95 -9.46
C VAL A 66 -6.28 -8.16 -8.17
N ASP A 67 -6.30 -8.88 -7.06
CA ASP A 67 -6.14 -8.25 -5.76
C ASP A 67 -5.25 -9.13 -4.88
N GLU A 68 -4.27 -8.48 -4.25
CA GLU A 68 -3.34 -9.18 -3.40
C GLU A 68 -2.94 -8.30 -2.21
N LEU A 69 -2.85 -8.92 -1.04
CA LEU A 69 -2.48 -8.21 0.16
C LEU A 69 -1.44 -9.02 0.93
N HIS A 70 -0.37 -8.34 1.33
CA HIS A 70 0.69 -8.98 2.08
C HIS A 70 1.26 -7.99 3.10
N ILE A 71 1.56 -8.53 4.28
CA ILE A 71 2.11 -7.71 5.35
C ILE A 71 3.28 -8.46 6.00
N ASP A 72 4.39 -7.75 6.14
CA ASP A 72 5.58 -8.33 6.73
C ASP A 72 6.31 -7.25 7.53
N GLY A 73 6.82 -7.66 8.69
CA GLY A 73 7.55 -6.75 9.55
C GLY A 73 8.82 -7.40 10.09
N ASN A 74 9.93 -6.66 9.94
CA ASN A 74 11.21 -7.15 10.40
C ASN A 74 12.03 -5.97 10.94
N TYR A 75 12.65 -6.21 12.09
CA TYR A 75 13.47 -5.18 12.72
C TYR A 75 14.66 -4.81 11.83
N GLN A 76 14.86 -5.62 10.80
CA GLN A 76 15.96 -5.38 9.88
C GLN A 76 15.43 -4.72 8.59
N LEU A 77 14.11 -4.63 8.51
CA LEU A 77 13.48 -4.03 7.35
C LEU A 77 14.16 -2.69 7.04
N GLY A 78 14.03 -1.77 7.98
CA GLY A 78 14.62 -0.45 7.82
C GLY A 78 13.76 0.62 8.51
N ARG A 79 13.20 0.25 9.65
CA ARG A 79 12.37 1.16 10.41
C ARG A 79 11.34 1.82 9.49
N ASN A 80 10.61 0.99 8.76
CA ASN A 80 9.60 1.47 7.85
C ASN A 80 8.22 1.01 8.33
N VAL A 81 7.38 1.98 8.66
CA VAL A 81 6.04 1.68 9.13
C VAL A 81 5.03 2.36 8.22
N LEU A 82 4.31 1.54 7.46
CA LEU A 82 3.30 2.06 6.54
C LEU A 82 1.95 1.42 6.87
N LEU A 83 1.00 2.28 7.21
CA LEU A 83 -0.34 1.81 7.54
C LEU A 83 -1.33 2.34 6.50
N LYS A 84 -1.84 1.41 5.70
CA LYS A 84 -2.79 1.76 4.66
C LYS A 84 -4.06 0.92 4.84
N ASN A 85 -5.17 1.60 5.04
CA ASN A 85 -6.44 0.93 5.22
C ASN A 85 -7.38 1.30 4.06
N GLY A 86 -7.76 0.28 3.32
CA GLY A 86 -8.66 0.47 2.19
C GLY A 86 -9.96 -0.29 2.37
N GLU A 87 -11.05 0.47 2.42
CA GLU A 87 -12.37 -0.13 2.59
C GLU A 87 -13.30 0.31 1.46
N ASP A 88 -13.79 -0.67 0.72
CA ASP A 88 -14.70 -0.41 -0.39
C ASP A 88 -15.76 -1.50 -0.44
N ARG A 89 -16.93 -1.10 -0.94
CA ARG A 89 -18.04 -2.04 -1.05
C ARG A 89 -18.71 -1.91 -2.42
N LEU A 90 -18.96 -3.04 -3.04
CA LEU A 90 -19.59 -3.08 -4.35
C LEU A 90 -20.43 -4.35 -4.49
N ARG A 91 -21.39 -4.30 -5.39
CA ARG A 91 -22.26 -5.44 -5.62
C ARG A 91 -21.45 -6.62 -6.15
N PHE A 92 -20.42 -6.30 -6.92
CA PHE A 92 -19.57 -7.33 -7.49
C PHE A 92 -18.95 -8.20 -6.40
N TYR A 93 -18.78 -7.59 -5.23
CA TYR A 93 -18.21 -8.30 -4.10
C TYR A 93 -19.29 -9.03 -3.30
N VAL A 94 -18.95 -10.25 -2.89
CA VAL A 94 -19.88 -11.06 -2.13
C VAL A 94 -19.59 -10.88 -0.64
N LYS A 95 -18.47 -10.25 -0.35
CA LYS A 95 -18.06 -10.03 1.02
C LYS A 95 -18.53 -8.63 1.46
N PHE A 96 -18.00 -7.62 0.78
CA PHE A 96 -18.35 -6.24 1.08
C PHE A 96 -18.62 -6.07 2.58
N GLY A 97 -17.62 -6.41 3.37
CA GLY A 97 -17.73 -6.29 4.82
C GLY A 97 -16.36 -6.33 5.48
N PRO A 98 -15.73 -7.54 5.45
CA PRO A 98 -14.41 -7.72 6.04
C PRO A 98 -13.32 -7.08 5.17
N GLY A 99 -13.47 -5.79 4.94
CA GLY A 99 -12.52 -5.06 4.12
C GLY A 99 -11.69 -4.10 4.97
N ALA A 100 -11.37 -4.55 6.18
CA ALA A 100 -10.58 -3.74 7.09
C ALA A 100 -9.13 -4.24 7.10
N VAL A 101 -8.25 -3.39 7.60
CA VAL A 101 -6.84 -3.74 7.67
C VAL A 101 -6.66 -4.93 8.61
N ILE A 102 -7.48 -4.96 9.64
CA ILE A 102 -7.41 -6.03 10.62
C ILE A 102 -7.79 -7.35 9.94
N LYS A 103 -8.81 -7.27 9.10
CA LYS A 103 -9.28 -8.45 8.39
C LYS A 103 -8.18 -8.93 7.43
N GLU A 104 -7.45 -7.97 6.89
CA GLU A 104 -6.38 -8.28 5.96
C GLU A 104 -5.53 -9.44 6.49
N PHE A 105 -5.39 -9.46 7.82
CA PHE A 105 -4.62 -10.51 8.46
C PHE A 105 -4.95 -11.88 7.89
N LYS A 106 -6.22 -12.04 7.54
CA LYS A 106 -6.68 -13.30 6.99
C LYS A 106 -5.63 -13.85 6.02
N ILE A 107 -5.06 -12.95 5.24
CA ILE A 107 -4.05 -13.33 4.27
C ILE A 107 -3.14 -14.39 4.89
N THR A 108 -2.98 -14.31 6.20
CA THR A 108 -2.14 -15.26 6.92
C THR A 108 -2.58 -15.34 8.39
N ASP A 109 -2.33 -14.25 9.10
CA ASP A 109 -2.69 -14.19 10.51
C ASP A 109 -4.17 -14.49 10.67
N MET A 1 8.84 -4.87 18.01
CA MET A 1 8.79 -5.46 16.69
C MET A 1 8.31 -4.45 15.65
N SER A 2 8.44 -4.84 14.38
CA SER A 2 8.02 -3.97 13.29
C SER A 2 6.85 -4.62 12.54
N GLU A 3 5.89 -3.78 12.17
CA GLU A 3 4.73 -4.25 11.44
C GLU A 3 4.42 -3.32 10.27
N VAL A 4 4.43 -3.88 9.07
CA VAL A 4 4.15 -3.12 7.87
C VAL A 4 3.10 -3.85 7.04
N ASN A 5 2.00 -3.16 6.78
CA ASN A 5 0.92 -3.74 6.00
C ASN A 5 0.28 -2.63 5.14
N ILE A 6 0.50 -2.75 3.83
CA ILE A 6 -0.04 -1.78 2.89
C ILE A 6 -0.65 -2.52 1.70
N VAL A 7 -1.96 -2.40 1.57
CA VAL A 7 -2.67 -3.05 0.48
C VAL A 7 -3.81 -2.13 0.01
N VAL A 8 -3.96 -2.09 -1.31
CA VAL A 8 -5.00 -1.26 -1.90
C VAL A 8 -6.01 -2.16 -2.62
N ASN A 9 -7.28 -1.95 -2.30
CA ASN A 9 -8.34 -2.73 -2.91
C ASN A 9 -9.28 -1.79 -3.69
N GLY A 10 -9.27 -1.97 -5.00
CA GLY A 10 -10.11 -1.14 -5.86
C GLY A 10 -9.50 0.26 -6.04
N ARG A 11 -8.18 0.29 -6.04
CA ARG A 11 -7.47 1.56 -6.20
C ARG A 11 -8.16 2.66 -5.39
N GLU A 12 -8.25 2.42 -4.09
CA GLU A 12 -8.88 3.39 -3.19
C GLU A 12 -7.85 3.95 -2.22
N ALA A 13 -7.86 5.27 -2.10
CA ALA A 13 -6.93 5.94 -1.21
C ALA A 13 -7.65 7.10 -0.51
N GLY A 14 -7.22 7.39 0.71
CA GLY A 14 -7.81 8.46 1.48
C GLY A 14 -6.78 9.07 2.45
N SER A 15 -5.62 9.38 1.90
CA SER A 15 -4.56 9.97 2.69
C SER A 15 -3.61 10.77 1.80
N LYS A 16 -2.59 11.34 2.42
CA LYS A 16 -1.61 12.13 1.69
C LYS A 16 -0.57 11.20 1.08
N SER A 17 -0.87 9.92 1.14
CA SER A 17 0.03 8.91 0.60
C SER A 17 0.26 9.17 -0.90
N LYS A 18 -0.61 10.00 -1.46
CA LYS A 18 -0.51 10.34 -2.87
C LYS A 18 0.62 11.33 -3.07
N GLY A 19 1.26 11.69 -1.98
CA GLY A 19 2.35 12.65 -2.01
C GLY A 19 3.64 11.97 -2.49
N CYS A 20 4.66 12.03 -1.64
CA CYS A 20 5.94 11.42 -1.96
C CYS A 20 6.55 10.89 -0.66
N ALA A 21 7.58 10.06 -0.83
CA ALA A 21 8.26 9.48 0.31
C ALA A 21 8.85 10.60 1.17
N LEU A 22 9.43 11.57 0.50
CA LEU A 22 10.03 12.70 1.19
C LEU A 22 9.04 13.86 1.22
N CYS A 23 8.59 14.24 0.05
CA CYS A 23 7.63 15.33 -0.06
C CYS A 23 6.24 14.74 -0.24
N GLY A 24 5.25 15.62 -0.35
CA GLY A 24 3.87 15.19 -0.53
C GLY A 24 2.96 16.39 -0.81
N ALA A 25 3.21 17.02 -1.95
CA ALA A 25 2.42 18.18 -2.35
C ALA A 25 1.55 17.80 -3.55
N THR A 26 2.13 17.03 -4.45
CA THR A 26 1.41 16.59 -5.64
C THR A 26 0.77 15.23 -5.40
N TRP A 27 -0.51 15.15 -5.75
CA TRP A 27 -1.27 13.92 -5.58
C TRP A 27 -2.01 13.63 -6.88
N GLY A 28 -2.35 12.37 -7.07
CA GLY A 28 -3.06 11.95 -8.27
C GLY A 28 -3.41 10.47 -8.21
N ASP A 29 -4.30 10.06 -9.10
CA ASP A 29 -4.74 8.67 -9.16
C ASP A 29 -4.19 8.03 -10.43
N TYR A 30 -3.46 8.84 -11.20
CA TYR A 30 -2.89 8.36 -12.45
C TYR A 30 -1.66 7.50 -12.19
N HIS A 31 -1.11 7.63 -10.98
CA HIS A 31 0.05 6.87 -10.59
C HIS A 31 -0.34 5.83 -9.55
N ALA A 32 0.51 4.81 -9.42
CA ALA A 32 0.27 3.75 -8.47
C ALA A 32 1.11 3.99 -7.21
N ASP A 33 0.47 3.80 -6.07
CA ASP A 33 1.15 3.99 -4.79
C ASP A 33 1.87 2.69 -4.40
N PHE A 34 2.93 2.85 -3.63
CA PHE A 34 3.71 1.71 -3.18
C PHE A 34 3.37 1.35 -1.73
N LEU A 35 4.04 0.32 -1.24
CA LEU A 35 3.83 -0.13 0.13
C LEU A 35 4.20 1.00 1.09
N GLY A 36 5.00 1.92 0.59
CA GLY A 36 5.44 3.05 1.39
C GLY A 36 4.45 4.21 1.30
N GLU A 37 3.17 3.86 1.14
CA GLU A 37 2.13 4.85 1.02
C GLU A 37 2.62 6.06 0.24
N ASP A 38 3.38 5.77 -0.81
CA ASP A 38 3.92 6.82 -1.66
C ASP A 38 4.08 6.29 -3.08
N LEU A 39 4.17 7.23 -4.02
CA LEU A 39 4.32 6.86 -5.42
C LEU A 39 5.52 7.60 -6.00
N PHE A 40 6.28 6.88 -6.81
CA PHE A 40 7.46 7.46 -7.43
C PHE A 40 7.21 7.75 -8.91
N PHE A 41 5.97 7.53 -9.32
CA PHE A 41 5.58 7.76 -10.71
C PHE A 41 5.38 9.26 -10.98
N CYS A 42 5.57 10.04 -9.94
CA CYS A 42 5.41 11.49 -10.04
C CYS A 42 6.79 12.11 -10.29
N CYS A 43 7.68 11.89 -9.33
CA CYS A 43 9.03 12.42 -9.43
C CYS A 43 9.99 11.25 -9.66
N ASP A 44 9.99 10.33 -8.71
CA ASP A 44 10.86 9.16 -8.81
C ASP A 44 12.30 9.58 -8.51
N ILE A 45 12.44 10.76 -7.94
CA ILE A 45 13.75 11.29 -7.59
C ILE A 45 13.97 11.17 -6.08
N CYS A 46 13.03 11.73 -5.33
CA CYS A 46 13.10 11.69 -3.89
C CYS A 46 12.17 10.58 -3.39
N ALA A 47 11.39 10.06 -4.31
CA ALA A 47 10.46 8.99 -3.98
C ALA A 47 11.05 7.64 -4.41
N ALA A 48 10.39 6.58 -3.99
CA ALA A 48 10.85 5.24 -4.32
C ALA A 48 12.10 4.91 -3.50
N GLU A 49 11.92 4.89 -2.19
CA GLU A 49 13.04 4.59 -1.29
C GLU A 49 13.12 3.09 -1.04
N PHE A 50 14.34 2.62 -0.86
CA PHE A 50 14.57 1.21 -0.60
C PHE A 50 14.19 0.84 0.83
N MET A 51 13.73 1.84 1.56
CA MET A 51 13.33 1.64 2.94
C MET A 51 12.31 0.50 3.06
N ASN A 52 11.54 0.34 2.00
CA ASN A 52 10.52 -0.71 1.97
C ASN A 52 11.06 -1.90 1.20
N MET A 53 10.23 -2.94 1.12
CA MET A 53 10.61 -4.15 0.41
C MET A 53 10.30 -4.04 -1.07
N MET A 54 11.07 -4.77 -1.87
CA MET A 54 10.89 -4.77 -3.31
C MET A 54 9.45 -5.07 -3.68
N ASP A 55 8.84 -5.95 -2.89
CA ASP A 55 7.46 -6.34 -3.12
C ASP A 55 6.63 -5.09 -3.42
N GLU A 56 6.98 -4.00 -2.76
CA GLU A 56 6.28 -2.75 -2.95
C GLU A 56 6.04 -2.49 -4.43
N ALA A 57 7.05 -2.82 -5.23
CA ALA A 57 6.96 -2.63 -6.67
C ALA A 57 5.87 -3.54 -7.24
N PHE A 58 5.97 -4.82 -6.91
CA PHE A 58 4.99 -5.79 -7.37
C PHE A 58 3.57 -5.37 -7.01
N LYS A 59 3.44 -4.80 -5.82
CA LYS A 59 2.14 -4.34 -5.34
C LYS A 59 1.48 -3.50 -6.44
N HIS A 60 2.22 -2.52 -6.92
CA HIS A 60 1.71 -1.64 -7.95
C HIS A 60 1.10 -2.47 -9.08
N THR A 61 1.92 -3.38 -9.60
CA THR A 61 1.48 -4.25 -10.68
C THR A 61 0.36 -5.17 -10.20
N ALA A 62 0.46 -5.58 -8.94
CA ALA A 62 -0.52 -6.46 -8.35
C ALA A 62 -1.88 -5.75 -8.32
N ARG A 63 -1.87 -4.55 -7.76
CA ARG A 63 -3.09 -3.75 -7.66
C ARG A 63 -3.37 -3.06 -8.99
N HIS A 64 -2.62 -3.45 -10.01
CA HIS A 64 -2.79 -2.88 -11.33
C HIS A 64 -3.98 -3.54 -12.03
N ASN A 65 -3.98 -4.86 -12.02
CA ASN A 65 -5.04 -5.62 -12.64
C ASN A 65 -5.81 -6.39 -11.58
N VAL A 66 -5.09 -7.27 -10.90
CA VAL A 66 -5.68 -8.08 -9.85
C VAL A 66 -5.45 -7.42 -8.50
N ASP A 67 -5.51 -8.23 -7.45
CA ASP A 67 -5.30 -7.73 -6.10
C ASP A 67 -4.37 -8.67 -5.35
N GLU A 68 -3.47 -8.07 -4.57
CA GLU A 68 -2.52 -8.85 -3.79
C GLU A 68 -2.26 -8.17 -2.45
N LEU A 69 -2.16 -9.00 -1.41
CA LEU A 69 -1.91 -8.49 -0.07
C LEU A 69 -0.84 -9.34 0.59
N HIS A 70 0.16 -8.66 1.16
CA HIS A 70 1.24 -9.34 1.83
C HIS A 70 1.70 -8.52 3.03
N ILE A 71 2.00 -9.22 4.11
CA ILE A 71 2.44 -8.57 5.33
C ILE A 71 3.65 -9.32 5.90
N ASP A 72 4.69 -8.56 6.21
CA ASP A 72 5.91 -9.14 6.75
C ASP A 72 6.51 -8.18 7.76
N GLY A 73 7.02 -8.74 8.85
CA GLY A 73 7.63 -7.94 9.90
C GLY A 73 8.94 -8.57 10.37
N ASN A 74 9.98 -7.75 10.41
CA ASN A 74 11.28 -8.22 10.84
C ASN A 74 11.99 -7.09 11.61
N TYR A 75 12.67 -7.48 12.68
CA TYR A 75 13.39 -6.53 13.50
C TYR A 75 14.61 -5.98 12.77
N GLN A 76 14.84 -6.52 11.58
CA GLN A 76 15.97 -6.10 10.77
C GLN A 76 15.49 -5.30 9.56
N LEU A 77 14.18 -5.34 9.36
CA LEU A 77 13.58 -4.62 8.24
C LEU A 77 14.18 -3.21 8.16
N GLY A 78 14.01 -2.47 9.24
CA GLY A 78 14.52 -1.12 9.31
C GLY A 78 13.65 -0.24 10.21
N ARG A 79 13.09 -0.87 11.23
CA ARG A 79 12.23 -0.17 12.17
C ARG A 79 11.21 0.69 11.42
N ASN A 80 10.52 0.04 10.49
CA ASN A 80 9.52 0.73 9.70
C ASN A 80 8.15 0.08 9.95
N VAL A 81 7.23 0.88 10.45
CA VAL A 81 5.89 0.41 10.74
C VAL A 81 4.88 1.21 9.93
N LEU A 82 4.27 0.55 8.96
CA LEU A 82 3.28 1.20 8.11
C LEU A 82 1.97 0.41 8.17
N LEU A 83 0.92 1.09 8.61
CA LEU A 83 -0.38 0.46 8.72
C LEU A 83 -1.35 1.15 7.76
N LYS A 84 -1.78 0.40 6.75
CA LYS A 84 -2.70 0.92 5.75
C LYS A 84 -3.93 0.01 5.68
N ASN A 85 -5.08 0.60 5.97
CA ASN A 85 -6.33 -0.14 5.93
C ASN A 85 -7.21 0.42 4.81
N GLY A 86 -7.55 -0.45 3.87
CA GLY A 86 -8.39 -0.07 2.75
C GLY A 86 -9.72 -0.81 2.79
N GLU A 87 -10.79 -0.03 2.87
CA GLU A 87 -12.13 -0.60 2.92
C GLU A 87 -12.97 -0.06 1.75
N ASP A 88 -13.43 -0.99 0.91
CA ASP A 88 -14.23 -0.62 -0.23
C ASP A 88 -15.61 -1.28 -0.11
N ARG A 89 -16.64 -0.43 -0.06
CA ARG A 89 -18.00 -0.91 0.07
C ARG A 89 -18.81 -0.51 -1.17
N LEU A 90 -19.26 -1.52 -1.90
CA LEU A 90 -20.05 -1.29 -3.10
C LEU A 90 -21.00 -2.48 -3.31
N ARG A 91 -22.03 -2.22 -4.10
CA ARG A 91 -23.02 -3.26 -4.39
C ARG A 91 -22.35 -4.44 -5.09
N PHE A 92 -21.32 -4.13 -5.86
CA PHE A 92 -20.59 -5.16 -6.57
C PHE A 92 -20.05 -6.23 -5.61
N TYR A 93 -19.70 -5.78 -4.42
CA TYR A 93 -19.18 -6.68 -3.41
C TYR A 93 -20.22 -6.95 -2.32
N VAL A 94 -20.45 -8.23 -2.07
CA VAL A 94 -21.41 -8.63 -1.06
C VAL A 94 -20.68 -9.29 0.11
N LYS A 95 -19.56 -9.92 -0.21
CA LYS A 95 -18.77 -10.59 0.80
C LYS A 95 -18.03 -9.54 1.64
N PHE A 96 -17.74 -8.41 1.00
CA PHE A 96 -17.05 -7.33 1.68
C PHE A 96 -15.69 -7.79 2.18
N GLY A 97 -14.91 -8.34 1.27
CA GLY A 97 -13.57 -8.82 1.61
C GLY A 97 -12.87 -7.85 2.55
N PRO A 98 -12.63 -6.61 2.04
CA PRO A 98 -11.97 -5.58 2.83
C PRO A 98 -12.90 -5.01 3.88
N GLY A 99 -12.33 -4.66 5.01
CA GLY A 99 -13.10 -4.09 6.11
C GLY A 99 -12.21 -3.79 7.32
N ALA A 100 -11.56 -4.83 7.81
CA ALA A 100 -10.67 -4.68 8.95
C ALA A 100 -9.27 -5.16 8.57
N VAL A 101 -8.31 -4.75 9.37
CA VAL A 101 -6.92 -5.13 9.13
C VAL A 101 -6.78 -6.65 9.29
N ILE A 102 -7.53 -7.18 10.24
CA ILE A 102 -7.51 -8.61 10.50
C ILE A 102 -7.75 -9.37 9.21
N LYS A 103 -8.60 -8.79 8.37
CA LYS A 103 -8.94 -9.40 7.10
C LYS A 103 -7.65 -9.62 6.29
N GLU A 104 -6.76 -8.64 6.37
CA GLU A 104 -5.50 -8.70 5.66
C GLU A 104 -4.65 -9.86 6.19
N PHE A 105 -4.53 -9.90 7.51
CA PHE A 105 -3.75 -10.94 8.16
C PHE A 105 -4.07 -12.31 7.56
N LYS A 106 -5.33 -12.49 7.19
CA LYS A 106 -5.77 -13.74 6.60
C LYS A 106 -4.68 -14.29 5.69
N ILE A 107 -3.94 -13.38 5.09
CA ILE A 107 -2.86 -13.76 4.19
C ILE A 107 -2.18 -15.01 4.74
N THR A 108 -2.01 -15.04 6.05
CA THR A 108 -1.37 -16.17 6.71
C THR A 108 -2.07 -16.48 8.03
N ASP A 109 -2.28 -15.43 8.81
CA ASP A 109 -2.95 -15.58 10.09
C ASP A 109 -4.11 -16.57 9.96
N MET A 1 9.22 -4.21 17.28
CA MET A 1 7.86 -3.83 16.97
C MET A 1 7.78 -3.12 15.61
N SER A 2 7.88 -3.92 14.56
CA SER A 2 7.82 -3.38 13.21
C SER A 2 6.89 -4.25 12.35
N GLU A 3 5.88 -3.61 11.81
CA GLU A 3 4.91 -4.30 10.96
C GLU A 3 4.43 -3.37 9.84
N VAL A 4 4.56 -3.87 8.62
CA VAL A 4 4.14 -3.10 7.45
C VAL A 4 2.96 -3.82 6.77
N ASN A 5 1.83 -3.15 6.76
CA ASN A 5 0.63 -3.71 6.14
C ASN A 5 -0.02 -2.64 5.27
N ILE A 6 -0.20 -2.99 4.00
CA ILE A 6 -0.82 -2.08 3.06
C ILE A 6 -1.75 -2.86 2.13
N VAL A 7 -2.91 -2.26 1.86
CA VAL A 7 -3.89 -2.88 1.00
C VAL A 7 -4.54 -1.82 0.11
N VAL A 8 -4.76 -2.19 -1.14
CA VAL A 8 -5.36 -1.29 -2.10
C VAL A 8 -6.51 -2.00 -2.81
N ASN A 9 -7.70 -1.45 -2.65
CA ASN A 9 -8.89 -2.02 -3.28
C ASN A 9 -9.51 -1.00 -4.22
N GLY A 10 -9.40 -1.27 -5.51
CA GLY A 10 -9.94 -0.38 -6.52
C GLY A 10 -9.32 1.01 -6.41
N ARG A 11 -8.00 1.04 -6.47
CA ARG A 11 -7.27 2.30 -6.38
C ARG A 11 -7.94 3.23 -5.36
N GLU A 12 -8.01 2.76 -4.13
CA GLU A 12 -8.63 3.53 -3.07
C GLU A 12 -7.55 4.32 -2.30
N ALA A 13 -7.74 5.63 -2.26
CA ALA A 13 -6.80 6.49 -1.57
C ALA A 13 -7.58 7.45 -0.66
N GLY A 14 -6.86 8.01 0.31
CA GLY A 14 -7.47 8.94 1.24
C GLY A 14 -6.47 9.35 2.33
N SER A 15 -5.25 9.64 1.90
CA SER A 15 -4.20 10.04 2.82
C SER A 15 -3.14 10.85 2.08
N LYS A 16 -2.13 11.28 2.83
CA LYS A 16 -1.05 12.07 2.26
C LYS A 16 -0.04 11.13 1.59
N SER A 17 -0.45 9.87 1.47
CA SER A 17 0.39 8.86 0.85
C SER A 17 0.20 8.89 -0.67
N LYS A 18 -0.44 9.95 -1.14
CA LYS A 18 -0.70 10.10 -2.57
C LYS A 18 0.47 10.85 -3.21
N GLY A 19 1.20 11.58 -2.37
CA GLY A 19 2.34 12.36 -2.85
C GLY A 19 3.61 11.50 -2.86
N CYS A 20 4.68 12.09 -2.34
CA CYS A 20 5.96 11.40 -2.28
C CYS A 20 6.14 10.84 -0.88
N ALA A 21 7.14 9.98 -0.74
CA ALA A 21 7.43 9.36 0.55
C ALA A 21 7.94 10.43 1.52
N LEU A 22 8.82 11.28 1.00
CA LEU A 22 9.39 12.34 1.80
C LEU A 22 8.27 13.25 2.30
N CYS A 23 7.56 13.84 1.34
CA CYS A 23 6.46 14.73 1.68
C CYS A 23 5.31 14.44 0.71
N GLY A 24 4.20 15.14 0.94
CA GLY A 24 3.02 14.97 0.11
C GLY A 24 2.64 16.29 -0.57
N ALA A 25 3.15 16.46 -1.79
CA ALA A 25 2.87 17.66 -2.55
C ALA A 25 1.95 17.31 -3.73
N THR A 26 2.23 16.18 -4.34
CA THR A 26 1.44 15.72 -5.47
C THR A 26 0.27 14.85 -4.99
N TRP A 27 -0.56 14.46 -5.95
CA TRP A 27 -1.71 13.64 -5.64
C TRP A 27 -2.26 13.06 -6.96
N GLY A 28 -3.09 12.05 -6.82
CA GLY A 28 -3.68 11.41 -7.98
C GLY A 28 -3.82 9.91 -7.78
N ASP A 29 -5.01 9.41 -8.06
CA ASP A 29 -5.29 7.98 -7.91
C ASP A 29 -4.87 7.25 -9.18
N TYR A 30 -4.46 8.03 -10.18
CA TYR A 30 -4.03 7.47 -11.45
C TYR A 30 -2.58 6.99 -11.38
N HIS A 31 -1.98 7.16 -10.21
CA HIS A 31 -0.60 6.76 -10.00
C HIS A 31 -0.57 5.40 -9.31
N ALA A 32 0.64 4.91 -9.07
CA ALA A 32 0.81 3.62 -8.43
C ALA A 32 1.46 3.83 -7.05
N ASP A 33 0.79 3.30 -6.04
CA ASP A 33 1.28 3.42 -4.68
C ASP A 33 2.21 2.24 -4.37
N PHE A 34 3.03 2.42 -3.35
CA PHE A 34 3.96 1.38 -2.94
C PHE A 34 3.74 0.97 -1.48
N LEU A 35 4.43 -0.07 -1.07
CA LEU A 35 4.31 -0.57 0.29
C LEU A 35 4.79 0.52 1.26
N GLY A 36 5.71 1.35 0.77
CA GLY A 36 6.25 2.42 1.58
C GLY A 36 5.18 3.48 1.89
N GLU A 37 4.06 3.34 1.21
CA GLU A 37 2.95 4.26 1.39
C GLU A 37 3.30 5.64 0.83
N ASP A 38 3.76 5.63 -0.42
CA ASP A 38 4.12 6.87 -1.10
C ASP A 38 3.88 6.72 -2.60
N LEU A 39 4.12 7.81 -3.31
CA LEU A 39 3.92 7.81 -4.75
C LEU A 39 5.18 8.36 -5.42
N PHE A 40 5.79 7.53 -6.26
CA PHE A 40 6.99 7.91 -6.98
C PHE A 40 6.69 8.21 -8.45
N PHE A 41 5.58 7.66 -8.91
CA PHE A 41 5.16 7.86 -10.29
C PHE A 41 4.84 9.33 -10.56
N CYS A 42 4.98 10.14 -9.52
CA CYS A 42 4.72 11.56 -9.63
C CYS A 42 6.05 12.29 -9.81
N CYS A 43 6.97 12.02 -8.90
CA CYS A 43 8.29 12.65 -8.95
C CYS A 43 9.30 11.57 -9.30
N ASP A 44 9.23 10.47 -8.58
CA ASP A 44 10.14 9.36 -8.81
C ASP A 44 11.58 9.87 -8.72
N ILE A 45 11.73 11.03 -8.11
CA ILE A 45 13.04 11.64 -7.93
C ILE A 45 13.51 11.46 -6.49
N CYS A 46 12.74 12.07 -5.58
CA CYS A 46 13.06 11.98 -4.16
C CYS A 46 12.28 10.81 -3.57
N ALA A 47 11.34 10.31 -4.35
CA ALA A 47 10.51 9.19 -3.91
C ALA A 47 11.03 7.91 -4.55
N ALA A 48 10.50 6.79 -4.06
CA ALA A 48 10.89 5.48 -4.57
C ALA A 48 12.22 5.09 -3.93
N GLU A 49 12.18 4.88 -2.62
CA GLU A 49 13.37 4.50 -1.89
C GLU A 49 13.57 2.99 -1.95
N PHE A 50 14.83 2.59 -1.96
CA PHE A 50 15.18 1.18 -2.04
C PHE A 50 15.38 0.59 -0.63
N MET A 51 15.17 1.44 0.36
CA MET A 51 15.33 1.02 1.75
C MET A 51 14.24 0.02 2.15
N ASN A 52 13.33 -0.22 1.21
CA ASN A 52 12.25 -1.15 1.45
C ASN A 52 12.55 -2.48 0.75
N MET A 53 11.60 -3.39 0.85
CA MET A 53 11.75 -4.69 0.23
C MET A 53 11.32 -4.66 -1.24
N MET A 54 11.76 -5.67 -1.98
CA MET A 54 11.42 -5.76 -3.39
C MET A 54 9.92 -5.96 -3.59
N ASP A 55 9.33 -6.72 -2.67
CA ASP A 55 7.91 -7.00 -2.74
C ASP A 55 7.15 -5.70 -3.03
N GLU A 56 7.68 -4.61 -2.48
CA GLU A 56 7.07 -3.30 -2.67
C GLU A 56 6.68 -3.11 -4.14
N ALA A 57 7.65 -3.36 -5.01
CA ALA A 57 7.44 -3.22 -6.44
C ALA A 57 6.40 -4.24 -6.90
N PHE A 58 6.60 -5.48 -6.47
CA PHE A 58 5.68 -6.55 -6.82
C PHE A 58 4.23 -6.16 -6.53
N LYS A 59 4.06 -5.42 -5.44
CA LYS A 59 2.74 -4.98 -5.04
C LYS A 59 2.10 -4.20 -6.19
N HIS A 60 2.85 -3.23 -6.71
CA HIS A 60 2.37 -2.42 -7.80
C HIS A 60 1.71 -3.31 -8.86
N THR A 61 2.33 -4.47 -9.08
CA THR A 61 1.81 -5.41 -10.05
C THR A 61 0.44 -5.94 -9.62
N ALA A 62 0.30 -6.10 -8.31
CA ALA A 62 -0.96 -6.60 -7.76
C ALA A 62 -2.09 -5.64 -8.15
N ARG A 63 -1.91 -4.39 -7.76
CA ARG A 63 -2.91 -3.37 -8.05
C ARG A 63 -2.90 -3.03 -9.55
N HIS A 64 -2.17 -3.84 -10.30
CA HIS A 64 -2.07 -3.64 -11.74
C HIS A 64 -3.36 -4.08 -12.41
N ASN A 65 -3.65 -5.37 -12.28
CA ASN A 65 -4.85 -5.94 -12.86
C ASN A 65 -5.79 -6.42 -11.74
N VAL A 66 -5.27 -7.33 -10.94
CA VAL A 66 -6.05 -7.88 -9.84
C VAL A 66 -5.71 -7.10 -8.56
N ASP A 67 -5.88 -7.78 -7.43
CA ASP A 67 -5.60 -7.17 -6.15
C ASP A 67 -4.80 -8.14 -5.28
N GLU A 68 -3.72 -7.62 -4.72
CA GLU A 68 -2.86 -8.43 -3.88
C GLU A 68 -2.28 -7.58 -2.75
N LEU A 69 -2.22 -8.18 -1.57
CA LEU A 69 -1.69 -7.50 -0.40
C LEU A 69 -0.74 -8.43 0.35
N HIS A 70 0.35 -7.85 0.83
CA HIS A 70 1.34 -8.61 1.56
C HIS A 70 1.86 -7.78 2.74
N ILE A 71 2.05 -8.47 3.86
CA ILE A 71 2.53 -7.81 5.06
C ILE A 71 3.63 -8.67 5.70
N ASP A 72 4.75 -8.02 6.00
CA ASP A 72 5.87 -8.71 6.60
C ASP A 72 6.58 -7.76 7.59
N GLY A 73 6.99 -8.32 8.71
CA GLY A 73 7.67 -7.54 9.73
C GLY A 73 8.89 -8.30 10.27
N ASN A 74 10.01 -7.59 10.30
CA ASN A 74 11.25 -8.18 10.78
C ASN A 74 12.07 -7.10 11.50
N TYR A 75 12.57 -7.48 12.67
CA TYR A 75 13.37 -6.57 13.47
C TYR A 75 14.57 -6.05 12.68
N GLN A 76 14.85 -6.73 11.58
CA GLN A 76 15.97 -6.35 10.72
C GLN A 76 15.46 -5.62 9.48
N LEU A 77 14.16 -5.70 9.27
CA LEU A 77 13.54 -5.05 8.13
C LEU A 77 14.08 -3.62 8.01
N GLY A 78 13.77 -2.82 9.01
CA GLY A 78 14.22 -1.43 9.02
C GLY A 78 13.35 -0.59 9.97
N ARG A 79 12.75 -1.27 10.92
CA ARG A 79 11.89 -0.60 11.89
C ARG A 79 10.92 0.34 11.18
N ASN A 80 10.20 -0.22 10.21
CA ASN A 80 9.24 0.57 9.44
C ASN A 80 7.84 0.03 9.72
N VAL A 81 6.99 0.91 10.25
CA VAL A 81 5.62 0.55 10.56
C VAL A 81 4.67 1.44 9.76
N LEU A 82 4.01 0.83 8.80
CA LEU A 82 3.06 1.55 7.96
C LEU A 82 1.71 0.85 8.01
N LEU A 83 0.70 1.59 8.47
CA LEU A 83 -0.64 1.06 8.57
C LEU A 83 -1.57 1.82 7.61
N LYS A 84 -1.98 1.12 6.56
CA LYS A 84 -2.86 1.72 5.57
C LYS A 84 -4.11 0.85 5.42
N ASN A 85 -5.25 1.46 5.70
CA ASN A 85 -6.52 0.77 5.60
C ASN A 85 -7.37 1.40 4.49
N GLY A 86 -7.58 0.62 3.44
CA GLY A 86 -8.36 1.09 2.31
C GLY A 86 -9.62 0.23 2.12
N GLU A 87 -10.76 0.88 2.29
CA GLU A 87 -12.04 0.20 2.14
C GLU A 87 -12.91 0.93 1.12
N ASP A 88 -13.27 0.20 0.07
CA ASP A 88 -14.10 0.76 -0.98
C ASP A 88 -14.99 -0.34 -1.56
N ARG A 89 -16.16 0.08 -2.03
CA ARG A 89 -17.11 -0.86 -2.61
C ARG A 89 -17.32 -0.54 -4.09
N LEU A 90 -16.94 -1.50 -4.92
CA LEU A 90 -17.08 -1.35 -6.36
C LEU A 90 -17.92 -2.51 -6.91
N ARG A 91 -18.52 -2.26 -8.06
CA ARG A 91 -19.35 -3.27 -8.71
C ARG A 91 -18.48 -4.29 -9.44
N PHE A 92 -17.19 -3.98 -9.48
CA PHE A 92 -16.23 -4.86 -10.16
C PHE A 92 -15.95 -6.11 -9.33
N TYR A 93 -15.98 -5.93 -8.01
CA TYR A 93 -15.73 -7.03 -7.10
C TYR A 93 -17.02 -7.81 -6.82
N VAL A 94 -16.85 -9.04 -6.37
CA VAL A 94 -17.97 -9.90 -6.06
C VAL A 94 -18.06 -10.10 -4.54
N LYS A 95 -16.89 -10.17 -3.92
CA LYS A 95 -16.82 -10.36 -2.48
C LYS A 95 -16.83 -9.00 -1.79
N PHE A 96 -16.21 -8.02 -2.46
CA PHE A 96 -16.15 -6.67 -1.93
C PHE A 96 -15.97 -6.70 -0.41
N GLY A 97 -14.99 -7.46 0.04
CA GLY A 97 -14.70 -7.58 1.45
C GLY A 97 -14.02 -6.31 1.98
N PRO A 98 -14.38 -5.96 3.24
CA PRO A 98 -13.83 -4.78 3.88
C PRO A 98 -12.38 -5.02 4.31
N GLY A 99 -11.49 -5.02 3.35
CA GLY A 99 -10.07 -5.24 3.62
C GLY A 99 -9.64 -4.48 4.88
N ALA A 100 -9.50 -5.24 5.96
CA ALA A 100 -9.09 -4.67 7.23
C ALA A 100 -7.67 -5.14 7.57
N VAL A 101 -7.10 -4.51 8.59
CA VAL A 101 -5.75 -4.86 9.02
C VAL A 101 -5.73 -6.31 9.50
N ILE A 102 -6.74 -6.65 10.29
CA ILE A 102 -6.85 -8.00 10.82
C ILE A 102 -6.91 -9.00 9.67
N LYS A 103 -7.62 -8.59 8.61
CA LYS A 103 -7.76 -9.44 7.44
C LYS A 103 -6.39 -9.65 6.80
N GLU A 104 -5.66 -8.55 6.64
CA GLU A 104 -4.35 -8.61 6.03
C GLU A 104 -3.54 -9.76 6.64
N PHE A 105 -3.60 -9.86 7.96
CA PHE A 105 -2.88 -10.91 8.66
C PHE A 105 -3.16 -12.28 8.04
N LYS A 106 -4.41 -12.47 7.64
CA LYS A 106 -4.83 -13.72 7.04
C LYS A 106 -3.72 -14.21 6.09
N ILE A 107 -3.03 -13.25 5.50
CA ILE A 107 -1.96 -13.56 4.57
C ILE A 107 -1.14 -14.74 5.13
N THR A 108 -1.06 -14.79 6.45
CA THR A 108 -0.31 -15.85 7.12
C THR A 108 -1.09 -16.37 8.32
N ASP A 109 -1.53 -15.43 9.15
CA ASP A 109 -2.29 -15.79 10.34
C ASP A 109 -3.27 -16.92 10.00
N MET A 1 8.17 -4.30 18.08
CA MET A 1 8.18 -5.00 16.82
C MET A 1 8.04 -4.04 15.65
N SER A 2 8.25 -4.57 14.45
CA SER A 2 8.15 -3.77 13.24
C SER A 2 7.41 -4.55 12.14
N GLU A 3 6.27 -4.02 11.76
CA GLU A 3 5.47 -4.66 10.73
C GLU A 3 4.88 -3.61 9.78
N VAL A 4 5.06 -3.83 8.49
CA VAL A 4 4.56 -2.92 7.49
C VAL A 4 3.55 -3.66 6.60
N ASN A 5 2.30 -3.22 6.70
CA ASN A 5 1.24 -3.82 5.92
C ASN A 5 0.41 -2.71 5.26
N ILE A 6 0.13 -2.91 3.99
CA ILE A 6 -0.66 -1.94 3.24
C ILE A 6 -1.54 -2.67 2.22
N VAL A 7 -2.84 -2.53 2.41
CA VAL A 7 -3.80 -3.18 1.53
C VAL A 7 -4.60 -2.11 0.79
N VAL A 8 -4.83 -2.37 -0.50
CA VAL A 8 -5.57 -1.43 -1.33
C VAL A 8 -6.64 -2.20 -2.11
N ASN A 9 -7.89 -1.94 -1.76
CA ASN A 9 -9.00 -2.59 -2.43
C ASN A 9 -9.87 -1.54 -3.13
N GLY A 10 -9.85 -1.60 -4.45
CA GLY A 10 -10.61 -0.66 -5.24
C GLY A 10 -9.84 0.65 -5.47
N ARG A 11 -8.54 0.50 -5.68
CA ARG A 11 -7.69 1.65 -5.90
C ARG A 11 -8.13 2.82 -5.02
N GLU A 12 -8.10 2.58 -3.72
CA GLU A 12 -8.50 3.61 -2.77
C GLU A 12 -7.28 4.17 -2.05
N ALA A 13 -7.23 5.49 -1.96
CA ALA A 13 -6.13 6.16 -1.30
C ALA A 13 -6.60 6.75 0.03
N GLY A 14 -5.72 6.68 1.02
CA GLY A 14 -6.04 7.19 2.35
C GLY A 14 -5.11 8.34 2.72
N SER A 15 -4.00 8.42 2.01
CA SER A 15 -3.01 9.45 2.26
C SER A 15 -2.64 10.16 0.95
N LYS A 16 -1.80 11.18 1.08
CA LYS A 16 -1.37 11.94 -0.08
C LYS A 16 -0.09 11.31 -0.64
N SER A 17 0.17 10.08 -0.21
CA SER A 17 1.35 9.36 -0.66
C SER A 17 1.42 9.38 -2.19
N LYS A 18 0.27 9.64 -2.80
CA LYS A 18 0.19 9.68 -4.26
C LYS A 18 1.24 10.65 -4.79
N GLY A 19 1.70 11.53 -3.91
CA GLY A 19 2.70 12.51 -4.28
C GLY A 19 4.11 11.95 -4.09
N CYS A 20 4.61 12.08 -2.87
CA CYS A 20 5.94 11.59 -2.56
C CYS A 20 5.94 11.10 -1.10
N ALA A 21 6.95 10.30 -0.78
CA ALA A 21 7.08 9.77 0.56
C ALA A 21 7.24 10.92 1.56
N LEU A 22 8.04 11.91 1.14
CA LEU A 22 8.29 13.07 1.98
C LEU A 22 6.98 13.83 2.19
N CYS A 23 6.41 14.26 1.07
CA CYS A 23 5.15 15.00 1.11
C CYS A 23 4.28 14.55 -0.06
N GLY A 24 3.01 14.89 0.03
CA GLY A 24 2.07 14.53 -1.02
C GLY A 24 1.57 15.77 -1.77
N ALA A 25 2.11 15.94 -2.98
CA ALA A 25 1.74 17.07 -3.80
C ALA A 25 0.91 16.59 -4.99
N THR A 26 1.45 15.60 -5.68
CA THR A 26 0.77 15.03 -6.84
C THR A 26 -0.08 13.83 -6.42
N TRP A 27 -1.24 13.73 -7.06
CA TRP A 27 -2.16 12.64 -6.77
C TRP A 27 -2.79 12.19 -8.08
N GLY A 28 -2.69 10.89 -8.33
CA GLY A 28 -3.25 10.32 -9.54
C GLY A 28 -3.14 8.78 -9.52
N ASP A 29 -4.05 8.16 -10.24
CA ASP A 29 -4.08 6.70 -10.32
C ASP A 29 -3.06 6.24 -11.36
N TYR A 30 -2.87 7.07 -12.38
CA TYR A 30 -1.94 6.75 -13.44
C TYR A 30 -0.53 6.51 -12.88
N HIS A 31 -0.34 6.94 -11.65
CA HIS A 31 0.95 6.78 -10.99
C HIS A 31 0.93 5.50 -10.14
N ALA A 32 2.13 5.06 -9.78
CA ALA A 32 2.27 3.87 -8.97
C ALA A 32 2.56 4.26 -7.53
N ASP A 33 2.06 3.45 -6.61
CA ASP A 33 2.27 3.70 -5.20
C ASP A 33 3.20 2.64 -4.61
N PHE A 34 3.69 2.92 -3.42
CA PHE A 34 4.60 1.99 -2.75
C PHE A 34 4.01 1.52 -1.42
N LEU A 35 4.78 0.67 -0.74
CA LEU A 35 4.34 0.14 0.53
C LEU A 35 4.60 1.17 1.63
N GLY A 36 5.63 1.98 1.40
CA GLY A 36 6.00 3.01 2.36
C GLY A 36 5.09 4.24 2.22
N GLU A 37 4.10 4.10 1.35
CA GLU A 37 3.16 5.18 1.12
C GLU A 37 3.86 6.36 0.44
N ASP A 38 4.37 6.09 -0.76
CA ASP A 38 5.06 7.12 -1.52
C ASP A 38 4.87 6.85 -3.02
N LEU A 39 4.97 7.92 -3.78
CA LEU A 39 4.81 7.82 -5.24
C LEU A 39 6.07 8.35 -5.91
N PHE A 40 6.72 7.46 -6.65
CA PHE A 40 7.93 7.82 -7.36
C PHE A 40 7.66 8.09 -8.84
N PHE A 41 6.45 8.57 -9.09
CA PHE A 41 6.03 8.87 -10.45
C PHE A 41 5.93 10.38 -10.67
N CYS A 42 6.03 11.12 -9.57
CA CYS A 42 5.96 12.57 -9.62
C CYS A 42 7.39 13.12 -9.60
N CYS A 43 8.11 12.76 -8.56
CA CYS A 43 9.49 13.22 -8.41
C CYS A 43 10.41 12.03 -8.63
N ASP A 44 10.23 11.01 -7.80
CA ASP A 44 11.04 9.81 -7.89
C ASP A 44 12.49 10.15 -7.57
N ILE A 45 12.67 11.34 -6.98
CA ILE A 45 14.00 11.78 -6.61
C ILE A 45 14.19 11.62 -5.11
N CYS A 46 13.26 12.19 -4.36
CA CYS A 46 13.32 12.12 -2.91
C CYS A 46 12.35 11.03 -2.45
N ALA A 47 11.50 10.59 -3.37
CA ALA A 47 10.53 9.56 -3.07
C ALA A 47 11.05 8.22 -3.61
N ALA A 48 10.35 7.16 -3.23
CA ALA A 48 10.72 5.82 -3.67
C ALA A 48 11.92 5.34 -2.84
N GLU A 49 11.70 5.22 -1.55
CA GLU A 49 12.75 4.78 -0.65
C GLU A 49 12.80 3.25 -0.60
N PHE A 50 14.00 2.72 -0.44
CA PHE A 50 14.20 1.28 -0.38
C PHE A 50 13.86 0.74 1.01
N MET A 51 13.44 1.65 1.88
CA MET A 51 13.08 1.27 3.23
C MET A 51 12.05 0.14 3.24
N ASN A 52 11.30 0.06 2.15
CA ASN A 52 10.28 -0.96 2.02
C ASN A 52 10.82 -2.10 1.16
N MET A 53 9.97 -3.09 0.95
CA MET A 53 10.34 -4.25 0.14
C MET A 53 10.04 -4.01 -1.34
N MET A 54 10.71 -4.77 -2.18
CA MET A 54 10.53 -4.65 -3.61
C MET A 54 9.11 -5.04 -4.02
N ASP A 55 8.61 -6.09 -3.38
CA ASP A 55 7.27 -6.57 -3.67
C ASP A 55 6.31 -5.37 -3.74
N GLU A 56 6.58 -4.39 -2.89
CA GLU A 56 5.75 -3.19 -2.85
C GLU A 56 5.45 -2.71 -4.27
N ALA A 57 6.46 -2.80 -5.12
CA ALA A 57 6.31 -2.37 -6.51
C ALA A 57 5.23 -3.22 -7.18
N PHE A 58 5.41 -4.53 -7.09
CA PHE A 58 4.45 -5.45 -7.68
C PHE A 58 3.02 -5.11 -7.28
N LYS A 59 2.89 -4.64 -6.03
CA LYS A 59 1.59 -4.28 -5.51
C LYS A 59 0.88 -3.34 -6.50
N HIS A 60 1.69 -2.50 -7.15
CA HIS A 60 1.16 -1.56 -8.11
C HIS A 60 0.53 -2.32 -9.28
N THR A 61 1.32 -3.20 -9.87
CA THR A 61 0.85 -3.99 -11.00
C THR A 61 -0.37 -4.82 -10.59
N ALA A 62 -0.35 -5.28 -9.35
CA ALA A 62 -1.44 -6.08 -8.84
C ALA A 62 -2.69 -5.20 -8.68
N ARG A 63 -2.53 -4.13 -7.92
CA ARG A 63 -3.62 -3.21 -7.68
C ARG A 63 -4.02 -2.51 -8.99
N HIS A 64 -3.25 -2.81 -10.04
CA HIS A 64 -3.51 -2.22 -11.34
C HIS A 64 -4.74 -2.90 -11.97
N ASN A 65 -4.73 -4.23 -11.91
CA ASN A 65 -5.83 -4.99 -12.47
C ASN A 65 -6.56 -5.72 -11.34
N VAL A 66 -5.84 -6.64 -10.70
CA VAL A 66 -6.40 -7.41 -9.60
C VAL A 66 -6.05 -6.74 -8.28
N ASP A 67 -5.99 -7.55 -7.24
CA ASP A 67 -5.66 -7.04 -5.91
C ASP A 67 -4.74 -8.03 -5.21
N GLU A 68 -3.75 -7.48 -4.51
CA GLU A 68 -2.79 -8.30 -3.79
C GLU A 68 -2.43 -7.65 -2.45
N LEU A 69 -2.32 -8.50 -1.43
CA LEU A 69 -1.99 -8.02 -0.10
C LEU A 69 -0.92 -8.92 0.51
N HIS A 70 0.13 -8.28 1.02
CA HIS A 70 1.22 -9.01 1.63
C HIS A 70 1.74 -8.24 2.85
N ILE A 71 2.05 -8.99 3.90
CA ILE A 71 2.55 -8.40 5.12
C ILE A 71 3.76 -9.20 5.61
N ASP A 72 4.83 -8.47 5.91
CA ASP A 72 6.04 -9.10 6.40
C ASP A 72 6.72 -8.19 7.41
N GLY A 73 7.24 -8.80 8.46
CA GLY A 73 7.92 -8.05 9.52
C GLY A 73 9.22 -8.73 9.92
N ASN A 74 10.29 -7.93 9.94
CA ASN A 74 11.59 -8.44 10.31
C ASN A 74 12.34 -7.38 11.13
N TYR A 75 13.04 -7.85 12.14
CA TYR A 75 13.80 -6.94 13.00
C TYR A 75 14.96 -6.31 12.24
N GLN A 76 15.14 -6.77 11.01
CA GLN A 76 16.20 -6.25 10.17
C GLN A 76 15.63 -5.36 9.07
N LEU A 77 14.30 -5.38 8.97
CA LEU A 77 13.62 -4.57 7.97
C LEU A 77 14.21 -3.16 7.96
N GLY A 78 14.00 -2.47 9.08
CA GLY A 78 14.50 -1.11 9.22
C GLY A 78 13.70 -0.33 10.27
N ARG A 79 13.23 -1.07 11.26
CA ARG A 79 12.45 -0.47 12.33
C ARG A 79 11.37 0.44 11.75
N ASN A 80 10.60 -0.12 10.82
CA ASN A 80 9.52 0.63 10.18
C ASN A 80 8.20 -0.11 10.39
N VAL A 81 7.28 0.58 11.05
CA VAL A 81 5.98 0.00 11.32
C VAL A 81 4.89 0.89 10.69
N LEU A 82 4.28 0.36 9.66
CA LEU A 82 3.23 1.08 8.96
C LEU A 82 1.96 0.22 8.92
N LEU A 83 0.90 0.76 9.51
CA LEU A 83 -0.37 0.06 9.55
C LEU A 83 -1.41 0.84 8.73
N LYS A 84 -1.78 0.27 7.60
CA LYS A 84 -2.76 0.89 6.73
C LYS A 84 -3.90 -0.08 6.47
N ASN A 85 -5.10 0.34 6.86
CA ASN A 85 -6.28 -0.48 6.67
C ASN A 85 -7.22 0.21 5.69
N GLY A 86 -7.45 -0.46 4.56
CA GLY A 86 -8.33 0.08 3.54
C GLY A 86 -9.56 -0.80 3.35
N GLU A 87 -10.72 -0.19 3.58
CA GLU A 87 -11.98 -0.91 3.45
C GLU A 87 -12.89 -0.20 2.45
N ASP A 88 -13.23 -0.94 1.39
CA ASP A 88 -14.09 -0.39 0.36
C ASP A 88 -15.19 -1.41 0.03
N ARG A 89 -16.42 -1.02 0.33
CA ARG A 89 -17.56 -1.89 0.08
C ARG A 89 -18.78 -1.05 -0.32
N LEU A 90 -19.67 -1.69 -1.08
CA LEU A 90 -20.88 -1.02 -1.53
C LEU A 90 -22.04 -2.02 -1.55
N ARG A 91 -23.23 -1.48 -1.70
CA ARG A 91 -24.43 -2.32 -1.73
C ARG A 91 -24.37 -3.26 -2.94
N PHE A 92 -23.51 -2.93 -3.88
CA PHE A 92 -23.36 -3.74 -5.07
C PHE A 92 -22.93 -5.17 -4.72
N TYR A 93 -22.15 -5.27 -3.65
CA TYR A 93 -21.66 -6.55 -3.19
C TYR A 93 -22.55 -7.10 -2.07
N VAL A 94 -22.65 -8.42 -2.04
CA VAL A 94 -23.46 -9.09 -1.04
C VAL A 94 -22.55 -9.71 0.02
N LYS A 95 -21.40 -10.17 -0.43
CA LYS A 95 -20.43 -10.78 0.47
C LYS A 95 -20.06 -9.78 1.57
N PHE A 96 -19.80 -8.55 1.15
CA PHE A 96 -19.44 -7.49 2.08
C PHE A 96 -18.20 -7.88 2.89
N GLY A 97 -17.10 -8.03 2.18
CA GLY A 97 -15.84 -8.40 2.81
C GLY A 97 -15.07 -7.16 3.26
N PRO A 98 -14.95 -7.01 4.60
CA PRO A 98 -14.25 -5.88 5.18
C PRO A 98 -12.73 -6.04 5.03
N GLY A 99 -12.13 -5.13 4.28
CA GLY A 99 -10.70 -5.16 4.05
C GLY A 99 -9.94 -4.67 5.29
N ALA A 100 -9.74 -5.59 6.23
CA ALA A 100 -9.03 -5.26 7.45
C ALA A 100 -7.76 -6.11 7.54
N VAL A 101 -7.00 -5.86 8.59
CA VAL A 101 -5.76 -6.60 8.81
C VAL A 101 -6.08 -8.10 8.91
N ILE A 102 -7.13 -8.40 9.65
CA ILE A 102 -7.54 -9.78 9.84
C ILE A 102 -7.66 -10.46 8.48
N LYS A 103 -8.09 -9.68 7.50
CA LYS A 103 -8.26 -10.20 6.15
C LYS A 103 -6.89 -10.58 5.59
N GLU A 104 -5.99 -9.62 5.61
CA GLU A 104 -4.64 -9.84 5.11
C GLU A 104 -3.91 -10.88 5.96
N PHE A 105 -4.16 -10.80 7.26
CA PHE A 105 -3.54 -11.73 8.20
C PHE A 105 -3.62 -13.17 7.68
N LYS A 106 -4.72 -13.46 7.00
CA LYS A 106 -4.92 -14.79 6.44
C LYS A 106 -3.81 -15.09 5.42
N ILE A 107 -3.41 -14.04 4.71
CA ILE A 107 -2.37 -14.17 3.71
C ILE A 107 -1.26 -15.07 4.24
N THR A 108 -1.03 -14.98 5.54
CA THR A 108 0.00 -15.78 6.19
C THR A 108 -0.28 -15.88 7.69
N ASP A 109 -0.43 -14.72 8.31
CA ASP A 109 -0.69 -14.67 9.75
C ASP A 109 -1.94 -15.50 10.06
N MET A 1 7.51 -4.76 17.58
CA MET A 1 7.94 -5.38 16.33
C MET A 1 7.77 -4.41 15.16
N SER A 2 8.44 -4.74 14.06
CA SER A 2 8.36 -3.91 12.87
C SER A 2 7.71 -4.70 11.73
N GLU A 3 6.54 -4.23 11.33
CA GLU A 3 5.80 -4.87 10.26
C GLU A 3 5.08 -3.82 9.40
N VAL A 4 5.16 -4.01 8.10
CA VAL A 4 4.53 -3.09 7.17
C VAL A 4 3.43 -3.83 6.39
N ASN A 5 2.22 -3.31 6.52
CA ASN A 5 1.08 -3.90 5.85
C ASN A 5 0.28 -2.81 5.14
N ILE A 6 0.02 -3.05 3.86
CA ILE A 6 -0.73 -2.09 3.06
C ILE A 6 -1.75 -2.84 2.20
N VAL A 7 -2.93 -2.26 2.10
CA VAL A 7 -4.00 -2.85 1.31
C VAL A 7 -4.74 -1.76 0.54
N VAL A 8 -4.99 -2.03 -0.73
CA VAL A 8 -5.68 -1.09 -1.58
C VAL A 8 -6.82 -1.80 -2.30
N ASN A 9 -8.01 -1.22 -2.17
CA ASN A 9 -9.20 -1.78 -2.80
C ASN A 9 -9.71 -0.82 -3.87
N GLY A 10 -9.56 -1.23 -5.12
CA GLY A 10 -10.01 -0.40 -6.23
C GLY A 10 -9.41 1.00 -6.15
N ARG A 11 -8.08 1.06 -6.27
CA ARG A 11 -7.38 2.32 -6.22
C ARG A 11 -8.04 3.25 -5.19
N GLU A 12 -8.06 2.79 -3.95
CA GLU A 12 -8.65 3.56 -2.86
C GLU A 12 -7.63 4.57 -2.32
N ALA A 13 -7.95 5.83 -2.50
CA ALA A 13 -7.09 6.90 -2.03
C ALA A 13 -7.76 7.64 -0.88
N GLY A 14 -7.06 8.63 -0.36
CA GLY A 14 -7.58 9.42 0.74
C GLY A 14 -6.46 9.86 1.70
N SER A 15 -5.29 10.02 1.13
CA SER A 15 -4.12 10.43 1.91
C SER A 15 -3.08 11.09 1.00
N LYS A 16 -2.00 11.52 1.62
CA LYS A 16 -0.93 12.18 0.88
C LYS A 16 0.05 11.12 0.39
N SER A 17 -0.32 9.86 0.58
CA SER A 17 0.52 8.76 0.17
C SER A 17 0.58 8.68 -1.36
N LYS A 18 -0.41 9.31 -1.98
CA LYS A 18 -0.48 9.33 -3.43
C LYS A 18 0.63 10.22 -3.99
N GLY A 19 1.34 10.87 -3.07
CA GLY A 19 2.42 11.76 -3.45
C GLY A 19 3.78 11.05 -3.31
N CYS A 20 4.58 11.55 -2.39
CA CYS A 20 5.90 10.98 -2.15
C CYS A 20 6.02 10.66 -0.66
N ALA A 21 6.98 9.82 -0.34
CA ALA A 21 7.22 9.42 1.03
C ALA A 21 7.62 10.65 1.85
N LEU A 22 8.42 11.50 1.24
CA LEU A 22 8.88 12.71 1.89
C LEU A 22 7.69 13.66 2.09
N CYS A 23 7.07 14.03 0.99
CA CYS A 23 5.93 14.93 1.03
C CYS A 23 5.00 14.58 -0.15
N GLY A 24 3.72 14.88 0.06
CA GLY A 24 2.73 14.59 -0.97
C GLY A 24 2.01 15.87 -1.39
N ALA A 25 2.44 16.42 -2.52
CA ALA A 25 1.86 17.64 -3.03
C ALA A 25 1.07 17.32 -4.31
N THR A 26 1.26 16.10 -4.79
CA THR A 26 0.58 15.66 -5.99
C THR A 26 -0.11 14.31 -5.75
N TRP A 27 -1.27 14.16 -6.35
CA TRP A 27 -2.04 12.92 -6.21
C TRP A 27 -2.58 12.54 -7.59
N GLY A 28 -2.76 11.25 -7.79
CA GLY A 28 -3.27 10.74 -9.05
C GLY A 28 -3.51 9.23 -8.98
N ASP A 29 -4.44 8.77 -9.80
CA ASP A 29 -4.77 7.36 -9.84
C ASP A 29 -3.97 6.68 -10.96
N TYR A 30 -3.64 7.48 -11.97
CA TYR A 30 -2.88 6.97 -13.10
C TYR A 30 -1.61 6.27 -12.63
N HIS A 31 -1.22 6.56 -11.40
CA HIS A 31 -0.03 5.96 -10.82
C HIS A 31 -0.42 4.96 -9.75
N ALA A 32 0.59 4.35 -9.15
CA ALA A 32 0.37 3.35 -8.11
C ALA A 32 1.14 3.75 -6.86
N ASP A 33 0.82 3.07 -5.77
CA ASP A 33 1.48 3.34 -4.50
C ASP A 33 2.30 2.11 -4.08
N PHE A 34 3.18 2.34 -3.12
CA PHE A 34 4.02 1.26 -2.62
C PHE A 34 3.72 0.96 -1.15
N LEU A 35 4.45 -0.01 -0.62
CA LEU A 35 4.26 -0.40 0.77
C LEU A 35 4.47 0.83 1.67
N GLY A 36 5.31 1.73 1.19
CA GLY A 36 5.60 2.95 1.94
C GLY A 36 4.58 4.04 1.64
N GLU A 37 3.38 3.59 1.27
CA GLU A 37 2.31 4.52 0.94
C GLU A 37 2.87 5.80 0.33
N ASP A 38 3.64 5.63 -0.74
CA ASP A 38 4.24 6.76 -1.42
C ASP A 38 4.21 6.51 -2.93
N LEU A 39 4.15 7.60 -3.67
CA LEU A 39 4.10 7.52 -5.12
C LEU A 39 5.46 7.96 -5.69
N PHE A 40 6.08 7.04 -6.41
CA PHE A 40 7.38 7.33 -7.02
C PHE A 40 7.25 7.57 -8.52
N PHE A 41 6.16 7.06 -9.08
CA PHE A 41 5.90 7.21 -10.49
C PHE A 41 5.61 8.67 -10.85
N CYS A 42 5.64 9.51 -9.82
CA CYS A 42 5.38 10.93 -10.01
C CYS A 42 6.71 11.67 -9.95
N CYS A 43 7.46 11.41 -8.89
CA CYS A 43 8.76 12.05 -8.70
C CYS A 43 9.83 10.98 -8.88
N ASP A 44 9.77 9.96 -8.04
CA ASP A 44 10.74 8.88 -8.09
C ASP A 44 12.11 9.39 -7.65
N ILE A 45 12.08 10.57 -7.03
CA ILE A 45 13.31 11.18 -6.55
C ILE A 45 13.40 11.01 -5.03
N CYS A 46 12.44 11.60 -4.33
CA CYS A 46 12.40 11.53 -2.88
C CYS A 46 11.51 10.35 -2.49
N ALA A 47 10.80 9.82 -3.48
CA ALA A 47 9.92 8.69 -3.25
C ALA A 47 10.62 7.41 -3.71
N ALA A 48 10.00 6.29 -3.37
CA ALA A 48 10.56 4.99 -3.74
C ALA A 48 11.79 4.70 -2.88
N GLU A 49 11.55 4.56 -1.60
CA GLU A 49 12.63 4.27 -0.66
C GLU A 49 12.85 2.77 -0.55
N PHE A 50 14.12 2.40 -0.43
CA PHE A 50 14.49 1.00 -0.32
C PHE A 50 14.20 0.46 1.08
N MET A 51 13.66 1.34 1.91
CA MET A 51 13.32 0.98 3.27
C MET A 51 12.29 -0.15 3.32
N ASN A 52 11.65 -0.34 2.18
CA ASN A 52 10.64 -1.39 2.06
C ASN A 52 11.19 -2.56 1.25
N MET A 53 10.35 -3.55 1.04
CA MET A 53 10.75 -4.72 0.29
C MET A 53 10.56 -4.50 -1.22
N MET A 54 11.21 -5.37 -1.99
CA MET A 54 11.12 -5.29 -3.44
C MET A 54 9.69 -5.54 -3.92
N ASP A 55 9.09 -6.58 -3.35
CA ASP A 55 7.73 -6.95 -3.73
C ASP A 55 6.86 -5.69 -3.77
N GLU A 56 7.17 -4.76 -2.87
CA GLU A 56 6.43 -3.51 -2.81
C GLU A 56 6.23 -2.94 -4.22
N ALA A 57 7.26 -3.07 -5.04
CA ALA A 57 7.20 -2.58 -6.40
C ALA A 57 6.15 -3.37 -7.18
N PHE A 58 6.29 -4.69 -7.13
CA PHE A 58 5.35 -5.55 -7.83
C PHE A 58 3.91 -5.23 -7.45
N LYS A 59 3.71 -4.94 -6.18
CA LYS A 59 2.40 -4.60 -5.68
C LYS A 59 1.73 -3.60 -6.63
N HIS A 60 2.52 -2.63 -7.05
CA HIS A 60 2.03 -1.60 -7.95
C HIS A 60 1.31 -2.26 -9.13
N THR A 61 1.99 -3.22 -9.73
CA THR A 61 1.42 -3.93 -10.86
C THR A 61 0.11 -4.61 -10.47
N ALA A 62 0.07 -5.07 -9.23
CA ALA A 62 -1.11 -5.74 -8.72
C ALA A 62 -2.20 -4.70 -8.45
N ARG A 63 -1.84 -3.68 -7.69
CA ARG A 63 -2.77 -2.61 -7.36
C ARG A 63 -3.18 -1.85 -8.62
N HIS A 64 -2.63 -2.29 -9.75
CA HIS A 64 -2.92 -1.67 -11.02
C HIS A 64 -4.30 -2.10 -11.50
N ASN A 65 -4.45 -3.40 -11.68
CA ASN A 65 -5.72 -3.96 -12.14
C ASN A 65 -6.31 -4.84 -11.04
N VAL A 66 -5.46 -5.71 -10.51
CA VAL A 66 -5.88 -6.61 -9.45
C VAL A 66 -5.53 -6.01 -8.09
N ASP A 67 -5.33 -6.88 -7.12
CA ASP A 67 -4.99 -6.44 -5.77
C ASP A 67 -3.97 -7.41 -5.17
N GLU A 68 -3.01 -6.85 -4.46
CA GLU A 68 -1.97 -7.64 -3.83
C GLU A 68 -1.73 -7.16 -2.40
N LEU A 69 -1.53 -8.13 -1.52
CA LEU A 69 -1.30 -7.81 -0.11
C LEU A 69 -0.13 -8.66 0.40
N HIS A 70 0.82 -7.99 1.04
CA HIS A 70 1.99 -8.66 1.58
C HIS A 70 2.41 -7.99 2.88
N ILE A 71 2.80 -8.82 3.83
CA ILE A 71 3.24 -8.32 5.13
C ILE A 71 4.52 -9.04 5.56
N ASP A 72 5.51 -8.25 5.94
CA ASP A 72 6.78 -8.80 6.37
C ASP A 72 7.36 -7.94 7.50
N GLY A 73 7.94 -8.61 8.48
CA GLY A 73 8.52 -7.91 9.62
C GLY A 73 9.90 -8.49 9.95
N ASN A 74 10.87 -7.60 10.09
CA ASN A 74 12.22 -8.01 10.41
C ASN A 74 12.87 -6.95 11.31
N TYR A 75 13.55 -7.43 12.34
CA TYR A 75 14.22 -6.53 13.27
C TYR A 75 15.40 -5.82 12.60
N GLN A 76 15.70 -6.26 11.39
CA GLN A 76 16.79 -5.67 10.64
C GLN A 76 16.25 -4.87 9.46
N LEU A 77 14.98 -5.09 9.16
CA LEU A 77 14.34 -4.39 8.07
C LEU A 77 14.70 -2.90 8.12
N GLY A 78 14.58 -2.34 9.31
CA GLY A 78 14.90 -0.93 9.52
C GLY A 78 14.12 -0.37 10.71
N ARG A 79 13.03 -1.05 11.05
CA ARG A 79 12.19 -0.63 12.16
C ARG A 79 11.14 0.37 11.68
N ASN A 80 10.41 -0.02 10.65
CA ASN A 80 9.38 0.83 10.09
C ASN A 80 8.04 0.08 10.12
N VAL A 81 7.09 0.67 10.82
CA VAL A 81 5.77 0.08 10.94
C VAL A 81 4.74 0.99 10.26
N LEU A 82 4.22 0.52 9.14
CA LEU A 82 3.24 1.28 8.39
C LEU A 82 1.94 0.47 8.31
N LEU A 83 0.89 1.07 8.85
CA LEU A 83 -0.42 0.43 8.84
C LEU A 83 -1.39 1.24 7.97
N LYS A 84 -1.80 0.63 6.88
CA LYS A 84 -2.73 1.28 5.96
C LYS A 84 -3.99 0.42 5.80
N ASN A 85 -5.11 0.99 6.16
CA ASN A 85 -6.39 0.30 6.06
C ASN A 85 -7.28 1.00 5.03
N GLY A 86 -7.59 0.26 3.98
CA GLY A 86 -8.42 0.80 2.92
C GLY A 86 -9.76 0.05 2.83
N GLU A 87 -10.84 0.80 3.02
CA GLU A 87 -12.17 0.23 2.97
C GLU A 87 -12.97 0.82 1.82
N ASP A 88 -13.32 -0.04 0.87
CA ASP A 88 -14.07 0.39 -0.28
C ASP A 88 -15.25 -0.57 -0.51
N ARG A 89 -16.45 -0.04 -0.34
CA ARG A 89 -17.66 -0.82 -0.51
C ARG A 89 -18.81 0.06 -1.00
N LEU A 90 -19.70 -0.56 -1.75
CA LEU A 90 -20.85 0.16 -2.29
C LEU A 90 -22.10 -0.71 -2.14
N ARG A 91 -23.23 -0.05 -1.90
CA ARG A 91 -24.49 -0.75 -1.74
C ARG A 91 -24.68 -1.76 -2.88
N PHE A 92 -24.17 -1.39 -4.05
CA PHE A 92 -24.27 -2.26 -5.20
C PHE A 92 -23.65 -3.63 -4.93
N TYR A 93 -22.63 -3.62 -4.09
CA TYR A 93 -21.95 -4.85 -3.73
C TYR A 93 -22.62 -5.53 -2.54
N VAL A 94 -22.45 -6.84 -2.47
CA VAL A 94 -23.02 -7.62 -1.39
C VAL A 94 -21.90 -8.15 -0.50
N LYS A 95 -20.69 -8.17 -1.05
CA LYS A 95 -19.55 -8.66 -0.32
C LYS A 95 -19.00 -7.54 0.56
N PHE A 96 -19.21 -6.32 0.12
CA PHE A 96 -18.76 -5.16 0.86
C PHE A 96 -17.37 -5.40 1.45
N GLY A 97 -16.50 -5.96 0.63
CA GLY A 97 -15.14 -6.25 1.06
C GLY A 97 -14.61 -5.15 1.99
N PRO A 98 -14.53 -5.51 3.30
CA PRO A 98 -14.06 -4.57 4.30
C PRO A 98 -12.53 -4.41 4.22
N GLY A 99 -12.02 -3.46 4.98
CA GLY A 99 -10.59 -3.20 5.00
C GLY A 99 -10.08 -3.08 6.44
N ALA A 100 -9.84 -4.23 7.04
CA ALA A 100 -9.34 -4.28 8.40
C ALA A 100 -8.04 -5.09 8.45
N VAL A 101 -7.30 -4.89 9.53
CA VAL A 101 -6.04 -5.58 9.69
C VAL A 101 -6.29 -7.08 9.77
N ILE A 102 -7.42 -7.44 10.37
CA ILE A 102 -7.79 -8.84 10.51
C ILE A 102 -7.55 -9.55 9.17
N LYS A 103 -8.16 -9.01 8.13
CA LYS A 103 -8.02 -9.59 6.81
C LYS A 103 -6.56 -9.48 6.35
N GLU A 104 -5.97 -8.33 6.67
CA GLU A 104 -4.58 -8.09 6.30
C GLU A 104 -3.71 -9.29 6.68
N PHE A 105 -4.01 -9.87 7.84
CA PHE A 105 -3.27 -11.01 8.32
C PHE A 105 -3.47 -12.22 7.40
N LYS A 106 -4.70 -12.37 6.94
CA LYS A 106 -5.03 -13.48 6.06
C LYS A 106 -3.87 -13.71 5.08
N ILE A 107 -3.22 -12.63 4.72
CA ILE A 107 -2.10 -12.70 3.80
C ILE A 107 -1.24 -13.92 4.14
N THR A 108 -1.25 -14.28 5.42
CA THR A 108 -0.49 -15.43 5.88
C THR A 108 -1.27 -16.18 6.95
N ASP A 109 -1.48 -15.50 8.08
CA ASP A 109 -2.21 -16.10 9.18
C ASP A 109 -3.51 -16.72 8.66
N MET A 1 10.34 -5.26 16.82
CA MET A 1 8.90 -5.41 16.66
C MET A 1 8.36 -4.40 15.65
N SER A 2 8.68 -4.63 14.39
CA SER A 2 8.24 -3.75 13.33
C SER A 2 7.53 -4.58 12.24
N GLU A 3 6.33 -4.13 11.90
CA GLU A 3 5.54 -4.81 10.88
C GLU A 3 4.75 -3.79 10.06
N VAL A 4 4.91 -3.90 8.75
CA VAL A 4 4.21 -3.00 7.84
C VAL A 4 3.37 -3.82 6.86
N ASN A 5 2.08 -3.48 6.82
CA ASN A 5 1.16 -4.17 5.94
C ASN A 5 0.17 -3.16 5.35
N ILE A 6 0.16 -3.09 4.03
CA ILE A 6 -0.73 -2.18 3.34
C ILE A 6 -1.58 -2.96 2.33
N VAL A 7 -2.89 -2.91 2.55
CA VAL A 7 -3.82 -3.61 1.68
C VAL A 7 -4.73 -2.59 0.99
N VAL A 8 -4.99 -2.83 -0.28
CA VAL A 8 -5.85 -1.94 -1.05
C VAL A 8 -6.77 -2.78 -1.95
N ASN A 9 -8.05 -2.77 -1.59
CA ASN A 9 -9.04 -3.52 -2.35
C ASN A 9 -10.13 -2.57 -2.83
N GLY A 10 -10.16 -2.36 -4.13
CA GLY A 10 -11.15 -1.47 -4.73
C GLY A 10 -10.51 -0.15 -5.15
N ARG A 11 -9.25 -0.22 -5.54
CA ARG A 11 -8.53 0.96 -5.96
C ARG A 11 -9.05 2.20 -5.23
N GLU A 12 -8.98 2.14 -3.91
CA GLU A 12 -9.44 3.25 -3.09
C GLU A 12 -8.26 3.90 -2.37
N ALA A 13 -8.12 5.20 -2.60
CA ALA A 13 -7.04 5.96 -1.98
C ALA A 13 -7.52 7.38 -1.72
N GLY A 14 -7.01 7.96 -0.64
CA GLY A 14 -7.37 9.33 -0.28
C GLY A 14 -6.46 9.84 0.84
N SER A 15 -5.20 10.04 0.49
CA SER A 15 -4.22 10.54 1.45
C SER A 15 -3.12 11.30 0.72
N LYS A 16 -2.18 11.80 1.51
CA LYS A 16 -1.06 12.56 0.95
C LYS A 16 0.05 11.60 0.55
N SER A 17 -0.30 10.32 0.48
CA SER A 17 0.66 9.30 0.11
C SER A 17 0.79 9.22 -1.41
N LYS A 18 0.17 10.17 -2.08
CA LYS A 18 0.21 10.23 -3.53
C LYS A 18 1.37 11.12 -3.96
N GLY A 19 2.02 11.73 -2.97
CA GLY A 19 3.14 12.60 -3.24
C GLY A 19 4.44 11.80 -3.35
N CYS A 20 5.44 12.25 -2.60
CA CYS A 20 6.73 11.59 -2.61
C CYS A 20 7.03 11.11 -1.19
N ALA A 21 8.06 10.26 -1.08
CA ALA A 21 8.46 9.73 0.21
C ALA A 21 8.99 10.87 1.08
N LEU A 22 9.85 11.68 0.49
CA LEU A 22 10.44 12.81 1.19
C LEU A 22 9.34 13.81 1.55
N CYS A 23 8.68 14.31 0.51
CA CYS A 23 7.62 15.28 0.70
C CYS A 23 6.36 14.75 0.02
N GLY A 24 5.24 14.86 0.73
CA GLY A 24 3.97 14.39 0.21
C GLY A 24 3.00 15.55 0.02
N ALA A 25 3.41 16.50 -0.83
CA ALA A 25 2.58 17.66 -1.10
C ALA A 25 1.99 17.53 -2.51
N THR A 26 2.58 16.64 -3.29
CA THR A 26 2.13 16.42 -4.65
C THR A 26 1.13 15.25 -4.70
N TRP A 27 0.43 15.15 -5.81
CA TRP A 27 -0.55 14.10 -5.99
C TRP A 27 -0.37 13.52 -7.40
N GLY A 28 -0.65 12.23 -7.51
CA GLY A 28 -0.53 11.55 -8.79
C GLY A 28 -1.57 10.44 -8.92
N ASP A 29 -2.70 10.81 -9.50
CA ASP A 29 -3.78 9.85 -9.69
C ASP A 29 -3.36 8.80 -10.72
N TYR A 30 -2.93 9.29 -11.87
CA TYR A 30 -2.48 8.40 -12.93
C TYR A 30 -1.32 7.53 -12.48
N HIS A 31 -0.65 7.98 -11.43
CA HIS A 31 0.48 7.26 -10.89
C HIS A 31 0.00 6.30 -9.79
N ALA A 32 0.89 5.41 -9.39
CA ALA A 32 0.57 4.43 -8.36
C ALA A 32 1.53 4.62 -7.18
N ASP A 33 1.08 4.18 -6.02
CA ASP A 33 1.89 4.28 -4.81
C ASP A 33 1.98 2.91 -4.15
N PHE A 34 3.18 2.57 -3.71
CA PHE A 34 3.42 1.30 -3.06
C PHE A 34 3.23 1.42 -1.54
N LEU A 35 3.43 0.30 -0.86
CA LEU A 35 3.29 0.26 0.59
C LEU A 35 4.11 1.40 1.19
N GLY A 36 5.09 1.85 0.44
CA GLY A 36 5.94 2.94 0.89
C GLY A 36 5.12 4.13 1.37
N GLU A 37 3.88 4.19 0.88
CA GLU A 37 2.98 5.26 1.26
C GLU A 37 3.41 6.57 0.60
N ASP A 38 3.96 6.45 -0.60
CA ASP A 38 4.43 7.61 -1.34
C ASP A 38 4.32 7.32 -2.84
N LEU A 39 4.56 8.36 -3.63
CA LEU A 39 4.50 8.24 -5.07
C LEU A 39 5.82 8.71 -5.69
N PHE A 40 6.48 7.78 -6.36
CA PHE A 40 7.75 8.10 -6.99
C PHE A 40 7.58 8.22 -8.51
N PHE A 41 6.53 7.61 -9.01
CA PHE A 41 6.25 7.65 -10.44
C PHE A 41 6.03 9.09 -10.91
N CYS A 42 5.95 10.00 -9.95
CA CYS A 42 5.75 11.40 -10.26
C CYS A 42 7.11 12.05 -10.50
N CYS A 43 8.00 11.84 -9.55
CA CYS A 43 9.34 12.40 -9.65
C CYS A 43 10.32 11.25 -9.88
N ASP A 44 10.35 10.33 -8.93
CA ASP A 44 11.23 9.18 -9.02
C ASP A 44 12.69 9.65 -8.93
N ILE A 45 12.85 10.85 -8.40
CA ILE A 45 14.18 11.43 -8.26
C ILE A 45 14.61 11.33 -6.79
N CYS A 46 13.82 11.94 -5.92
CA CYS A 46 14.10 11.94 -4.50
C CYS A 46 13.23 10.85 -3.84
N ALA A 47 12.29 10.34 -4.62
CA ALA A 47 11.39 9.32 -4.13
C ALA A 47 11.87 7.95 -4.62
N ALA A 48 11.26 6.91 -4.06
CA ALA A 48 11.61 5.55 -4.43
C ALA A 48 12.88 5.14 -3.69
N GLU A 49 12.77 5.08 -2.37
CA GLU A 49 13.89 4.70 -1.54
C GLU A 49 13.96 3.18 -1.40
N PHE A 50 15.19 2.68 -1.44
CA PHE A 50 15.41 1.24 -1.32
C PHE A 50 15.30 0.78 0.13
N MET A 51 14.98 1.74 1.00
CA MET A 51 14.84 1.45 2.41
C MET A 51 13.69 0.45 2.66
N ASN A 52 12.68 0.55 1.81
CA ASN A 52 11.52 -0.32 1.93
C ASN A 52 11.77 -1.60 1.11
N MET A 53 10.76 -2.44 1.07
CA MET A 53 10.86 -3.69 0.34
C MET A 53 10.39 -3.50 -1.11
N MET A 54 11.04 -4.23 -2.00
CA MET A 54 10.70 -4.16 -3.42
C MET A 54 9.28 -4.66 -3.66
N ASP A 55 8.91 -5.71 -2.93
CA ASP A 55 7.58 -6.28 -3.07
C ASP A 55 6.54 -5.17 -3.06
N GLU A 56 6.83 -4.14 -2.27
CA GLU A 56 5.93 -3.00 -2.16
C GLU A 56 5.47 -2.55 -3.54
N ALA A 57 6.39 -2.66 -4.50
CA ALA A 57 6.10 -2.27 -5.87
C ALA A 57 5.01 -3.18 -6.43
N PHE A 58 5.21 -4.47 -6.24
CA PHE A 58 4.26 -5.46 -6.72
C PHE A 58 2.82 -5.04 -6.41
N LYS A 59 2.65 -4.52 -5.20
CA LYS A 59 1.34 -4.07 -4.77
C LYS A 59 0.67 -3.26 -5.89
N HIS A 60 1.40 -2.25 -6.34
CA HIS A 60 0.91 -1.39 -7.41
C HIS A 60 0.40 -2.24 -8.56
N THR A 61 1.28 -3.12 -9.03
CA THR A 61 0.92 -4.01 -10.13
C THR A 61 -0.28 -4.89 -9.76
N ALA A 62 -0.32 -5.26 -8.48
CA ALA A 62 -1.39 -6.09 -7.98
C ALA A 62 -2.74 -5.39 -8.22
N ARG A 63 -2.83 -4.18 -7.68
CA ARG A 63 -4.04 -3.40 -7.83
C ARG A 63 -4.20 -2.92 -9.28
N HIS A 64 -3.35 -3.46 -10.14
CA HIS A 64 -3.39 -3.11 -11.55
C HIS A 64 -4.58 -3.78 -12.22
N ASN A 65 -4.57 -5.10 -12.22
CA ASN A 65 -5.65 -5.86 -12.82
C ASN A 65 -6.37 -6.66 -11.74
N VAL A 66 -5.61 -7.52 -11.07
CA VAL A 66 -6.17 -8.34 -10.01
C VAL A 66 -5.93 -7.65 -8.66
N ASP A 67 -5.86 -8.47 -7.62
CA ASP A 67 -5.64 -7.96 -6.28
C ASP A 67 -4.61 -8.84 -5.56
N GLU A 68 -3.62 -8.18 -4.97
CA GLU A 68 -2.59 -8.90 -4.25
C GLU A 68 -2.16 -8.11 -3.01
N LEU A 69 -1.93 -8.85 -1.93
CA LEU A 69 -1.52 -8.23 -0.68
C LEU A 69 -0.37 -9.03 -0.07
N HIS A 70 0.59 -8.30 0.47
CA HIS A 70 1.75 -8.93 1.10
C HIS A 70 2.09 -8.20 2.40
N ILE A 71 2.45 -9.00 3.39
CA ILE A 71 2.81 -8.44 4.69
C ILE A 71 4.08 -9.12 5.20
N ASP A 72 5.04 -8.29 5.61
CA ASP A 72 6.30 -8.80 6.10
C ASP A 72 6.80 -7.88 7.24
N GLY A 73 7.35 -8.52 8.26
CA GLY A 73 7.87 -7.77 9.40
C GLY A 73 9.24 -8.30 9.82
N ASN A 74 10.17 -7.38 9.97
CA ASN A 74 11.52 -7.74 10.38
C ASN A 74 12.09 -6.63 11.27
N TYR A 75 12.81 -7.07 12.30
CA TYR A 75 13.41 -6.13 13.25
C TYR A 75 14.50 -5.30 12.56
N GLN A 76 14.79 -5.67 11.33
CA GLN A 76 15.81 -4.97 10.56
C GLN A 76 15.17 -4.22 9.38
N LEU A 77 13.87 -4.44 9.23
CA LEU A 77 13.13 -3.80 8.15
C LEU A 77 13.50 -2.32 8.10
N GLY A 78 13.15 -1.61 9.16
CA GLY A 78 13.43 -0.19 9.25
C GLY A 78 12.51 0.50 10.25
N ARG A 79 12.08 -0.27 11.24
CA ARG A 79 11.19 0.24 12.27
C ARG A 79 10.04 1.02 11.64
N ASN A 80 9.37 0.36 10.69
CA ASN A 80 8.25 0.98 10.00
C ASN A 80 6.98 0.19 10.31
N VAL A 81 6.03 0.87 10.93
CA VAL A 81 4.77 0.25 11.29
C VAL A 81 3.63 0.96 10.54
N LEU A 82 3.06 0.24 9.59
CA LEU A 82 1.98 0.77 8.79
C LEU A 82 0.77 -0.17 8.87
N LEU A 83 -0.33 0.37 9.37
CA LEU A 83 -1.55 -0.41 9.51
C LEU A 83 -2.63 0.17 8.60
N LYS A 84 -2.95 -0.59 7.55
CA LYS A 84 -3.96 -0.16 6.60
C LYS A 84 -5.03 -1.25 6.48
N ASN A 85 -6.25 -0.86 6.80
CA ASN A 85 -7.37 -1.79 6.73
C ASN A 85 -8.35 -1.32 5.66
N GLY A 86 -8.50 -2.14 4.63
CA GLY A 86 -9.40 -1.83 3.54
C GLY A 86 -10.55 -2.82 3.48
N GLU A 87 -11.77 -2.29 3.62
CA GLU A 87 -12.95 -3.12 3.58
C GLU A 87 -13.93 -2.61 2.51
N ASP A 88 -14.22 -3.46 1.55
CA ASP A 88 -15.13 -3.12 0.47
C ASP A 88 -15.92 -4.35 0.05
N ARG A 89 -17.23 -4.24 0.14
CA ARG A 89 -18.11 -5.33 -0.24
C ARG A 89 -19.29 -4.81 -1.06
N LEU A 90 -19.49 -5.44 -2.21
CA LEU A 90 -20.57 -5.06 -3.09
C LEU A 90 -21.41 -6.29 -3.44
N ARG A 91 -22.45 -6.06 -4.22
CA ARG A 91 -23.33 -7.14 -4.64
C ARG A 91 -22.74 -7.87 -5.84
N PHE A 92 -21.87 -7.16 -6.55
CA PHE A 92 -21.23 -7.73 -7.73
C PHE A 92 -20.11 -8.70 -7.32
N TYR A 93 -19.91 -8.81 -6.02
CA TYR A 93 -18.88 -9.70 -5.49
C TYR A 93 -19.45 -11.09 -5.24
N VAL A 94 -18.84 -12.06 -5.89
CA VAL A 94 -19.28 -13.45 -5.74
C VAL A 94 -18.29 -14.19 -4.84
N LYS A 95 -17.09 -13.62 -4.73
CA LYS A 95 -16.07 -14.22 -3.90
C LYS A 95 -16.27 -13.80 -2.45
N PHE A 96 -16.81 -12.60 -2.28
CA PHE A 96 -17.07 -12.07 -0.95
C PHE A 96 -15.86 -12.27 -0.03
N GLY A 97 -14.81 -11.50 -0.30
CA GLY A 97 -13.60 -11.58 0.49
C GLY A 97 -13.30 -10.25 1.18
N PRO A 98 -13.65 -10.20 2.49
CA PRO A 98 -13.41 -8.99 3.27
C PRO A 98 -11.94 -8.84 3.61
N GLY A 99 -11.28 -7.95 2.89
CA GLY A 99 -9.86 -7.70 3.10
C GLY A 99 -9.62 -7.08 4.47
N ALA A 100 -9.51 -7.95 5.47
CA ALA A 100 -9.28 -7.51 6.84
C ALA A 100 -7.82 -7.74 7.20
N VAL A 101 -7.40 -7.11 8.28
CA VAL A 101 -6.03 -7.24 8.75
C VAL A 101 -5.76 -8.70 9.10
N ILE A 102 -6.76 -9.34 9.69
CA ILE A 102 -6.64 -10.73 10.08
C ILE A 102 -6.49 -11.60 8.82
N LYS A 103 -7.28 -11.26 7.82
CA LYS A 103 -7.24 -11.99 6.56
C LYS A 103 -5.88 -11.79 5.89
N GLU A 104 -5.34 -10.60 6.08
CA GLU A 104 -4.05 -10.27 5.50
C GLU A 104 -3.06 -11.41 5.74
N PHE A 105 -3.18 -12.02 6.91
CA PHE A 105 -2.30 -13.13 7.26
C PHE A 105 -2.45 -14.29 6.27
N LYS A 106 -3.67 -14.50 5.84
CA LYS A 106 -3.96 -15.57 4.90
C LYS A 106 -2.92 -15.54 3.77
N ILE A 107 -2.40 -14.34 3.52
CA ILE A 107 -1.41 -14.17 2.48
C ILE A 107 -0.45 -15.36 2.49
N THR A 108 -0.08 -15.77 3.70
CA THR A 108 0.82 -16.89 3.86
C THR A 108 0.42 -17.74 5.07
N ASP A 109 0.14 -17.04 6.17
CA ASP A 109 -0.26 -17.71 7.39
C ASP A 109 -1.20 -18.87 7.06
N MET A 1 10.38 -2.97 17.45
CA MET A 1 9.56 -3.77 16.56
C MET A 1 9.16 -2.99 15.31
N SER A 2 9.07 -3.71 14.21
CA SER A 2 8.70 -3.08 12.94
C SER A 2 7.61 -3.91 12.25
N GLU A 3 6.53 -3.23 11.90
CA GLU A 3 5.42 -3.88 11.23
C GLU A 3 4.79 -2.93 10.20
N VAL A 4 4.77 -3.39 8.96
CA VAL A 4 4.20 -2.60 7.88
C VAL A 4 2.98 -3.32 7.32
N ASN A 5 1.86 -2.62 7.31
CA ASN A 5 0.62 -3.18 6.80
C ASN A 5 0.05 -2.25 5.72
N ILE A 6 0.01 -2.77 4.51
CA ILE A 6 -0.52 -2.00 3.39
C ILE A 6 -1.30 -2.94 2.46
N VAL A 7 -2.61 -2.74 2.46
CA VAL A 7 -3.48 -3.55 1.62
C VAL A 7 -4.44 -2.63 0.85
N VAL A 8 -4.42 -2.78 -0.46
CA VAL A 8 -5.28 -1.98 -1.32
C VAL A 8 -6.17 -2.91 -2.16
N ASN A 9 -7.45 -2.91 -1.84
CA ASN A 9 -8.40 -3.74 -2.56
C ASN A 9 -9.65 -2.91 -2.88
N GLY A 10 -9.81 -2.62 -4.16
CA GLY A 10 -10.96 -1.84 -4.62
C GLY A 10 -10.50 -0.53 -5.26
N ARG A 11 -9.20 -0.42 -5.45
CA ARG A 11 -8.63 0.77 -6.05
C ARG A 11 -9.19 2.03 -5.37
N GLU A 12 -8.94 2.11 -4.07
CA GLU A 12 -9.41 3.25 -3.29
C GLU A 12 -8.23 4.11 -2.85
N ALA A 13 -8.53 5.38 -2.60
CA ALA A 13 -7.50 6.31 -2.18
C ALA A 13 -8.15 7.42 -1.35
N GLY A 14 -7.30 8.29 -0.82
CA GLY A 14 -7.77 9.40 0.00
C GLY A 14 -6.76 9.74 1.10
N SER A 15 -5.52 9.95 0.68
CA SER A 15 -4.46 10.29 1.61
C SER A 15 -3.35 11.05 0.89
N LYS A 16 -2.45 11.61 1.68
CA LYS A 16 -1.34 12.38 1.14
C LYS A 16 -0.21 11.41 0.76
N SER A 17 -0.52 10.12 0.86
CA SER A 17 0.47 9.10 0.53
C SER A 17 0.78 9.14 -0.97
N LYS A 18 -0.05 9.88 -1.69
CA LYS A 18 0.13 10.00 -3.13
C LYS A 18 1.40 10.80 -3.41
N GLY A 19 1.95 11.39 -2.35
CA GLY A 19 3.16 12.18 -2.46
C GLY A 19 4.40 11.28 -2.51
N CYS A 20 5.43 11.71 -1.78
CA CYS A 20 6.67 10.96 -1.73
C CYS A 20 6.78 10.31 -0.35
N ALA A 21 7.78 9.46 -0.20
CA ALA A 21 8.01 8.78 1.06
C ALA A 21 8.46 9.78 2.11
N LEU A 22 9.41 10.62 1.71
CA LEU A 22 9.93 11.63 2.62
C LEU A 22 8.86 12.71 2.85
N CYS A 23 8.46 13.34 1.75
CA CYS A 23 7.45 14.39 1.82
C CYS A 23 6.21 13.90 1.07
N GLY A 24 5.06 14.14 1.69
CA GLY A 24 3.79 13.73 1.09
C GLY A 24 2.89 14.93 0.85
N ALA A 25 3.37 15.83 -0.02
CA ALA A 25 2.62 17.03 -0.35
C ALA A 25 2.12 16.92 -1.79
N THR A 26 2.74 16.01 -2.54
CA THR A 26 2.36 15.81 -3.92
C THR A 26 1.29 14.72 -4.03
N TRP A 27 0.50 14.82 -5.08
CA TRP A 27 -0.57 13.86 -5.32
C TRP A 27 -0.37 13.27 -6.72
N GLY A 28 -1.17 12.24 -7.00
CA GLY A 28 -1.09 11.58 -8.29
C GLY A 28 -2.03 10.36 -8.34
N ASP A 29 -2.63 10.17 -9.50
CA ASP A 29 -3.54 9.05 -9.69
C ASP A 29 -2.91 8.03 -10.62
N TYR A 30 -2.32 8.54 -11.69
CA TYR A 30 -1.67 7.69 -12.68
C TYR A 30 -0.34 7.15 -12.15
N HIS A 31 -0.03 7.55 -10.92
CA HIS A 31 1.20 7.12 -10.29
C HIS A 31 0.95 5.82 -9.51
N ALA A 32 1.98 4.99 -9.46
CA ALA A 32 1.89 3.73 -8.77
C ALA A 32 2.31 3.92 -7.30
N ASP A 33 1.46 3.45 -6.41
CA ASP A 33 1.73 3.57 -4.99
C ASP A 33 2.50 2.34 -4.51
N PHE A 34 3.27 2.53 -3.46
CA PHE A 34 4.07 1.45 -2.90
C PHE A 34 3.59 1.09 -1.49
N LEU A 35 4.25 0.10 -0.91
CA LEU A 35 3.91 -0.34 0.43
C LEU A 35 4.25 0.76 1.42
N GLY A 36 5.27 1.53 1.09
CA GLY A 36 5.70 2.62 1.93
C GLY A 36 4.67 3.74 1.96
N GLU A 37 3.68 3.62 1.09
CA GLU A 37 2.62 4.61 1.01
C GLU A 37 3.15 5.90 0.40
N ASP A 38 3.84 5.75 -0.73
CA ASP A 38 4.40 6.90 -1.41
C ASP A 38 4.45 6.61 -2.92
N LEU A 39 4.54 7.68 -3.69
CA LEU A 39 4.59 7.56 -5.15
C LEU A 39 5.98 7.96 -5.64
N PHE A 40 6.59 7.06 -6.38
CA PHE A 40 7.93 7.30 -6.91
C PHE A 40 7.86 7.66 -8.39
N PHE A 41 6.67 8.05 -8.82
CA PHE A 41 6.45 8.43 -10.21
C PHE A 41 6.22 9.94 -10.34
N CYS A 42 6.25 10.62 -9.20
CA CYS A 42 6.05 12.05 -9.17
C CYS A 42 7.41 12.73 -9.13
N CYS A 43 8.22 12.32 -8.16
CA CYS A 43 9.54 12.87 -8.00
C CYS A 43 10.57 11.80 -8.38
N ASP A 44 10.43 10.64 -7.75
CA ASP A 44 11.32 9.53 -8.02
C ASP A 44 12.77 9.97 -7.74
N ILE A 45 12.89 11.10 -7.06
CA ILE A 45 14.19 11.63 -6.73
C ILE A 45 14.51 11.36 -5.26
N CYS A 46 13.65 11.89 -4.40
CA CYS A 46 13.82 11.70 -2.97
C CYS A 46 12.94 10.53 -2.52
N ALA A 47 12.09 10.09 -3.45
CA ALA A 47 11.20 8.98 -3.16
C ALA A 47 11.77 7.70 -3.77
N ALA A 48 11.16 6.59 -3.41
CA ALA A 48 11.60 5.29 -3.91
C ALA A 48 12.82 4.83 -3.12
N GLU A 49 12.61 4.60 -1.84
CA GLU A 49 13.68 4.16 -0.97
C GLU A 49 13.82 2.64 -1.01
N PHE A 50 15.05 2.18 -0.87
CA PHE A 50 15.33 0.75 -0.89
C PHE A 50 14.91 0.08 0.42
N MET A 51 14.38 0.91 1.31
CA MET A 51 13.93 0.42 2.61
C MET A 51 12.70 -0.47 2.46
N ASN A 52 11.98 -0.27 1.36
CA ASN A 52 10.78 -1.04 1.09
C ASN A 52 11.17 -2.32 0.34
N MET A 53 10.21 -3.22 0.23
CA MET A 53 10.42 -4.48 -0.46
C MET A 53 10.02 -4.38 -1.93
N MET A 54 10.76 -5.08 -2.77
CA MET A 54 10.48 -5.08 -4.19
C MET A 54 9.00 -5.36 -4.46
N ASP A 55 8.44 -6.22 -3.62
CA ASP A 55 7.03 -6.59 -3.76
C ASP A 55 6.21 -5.33 -4.01
N GLU A 56 6.63 -4.24 -3.39
CA GLU A 56 5.94 -2.97 -3.53
C GLU A 56 5.61 -2.71 -5.02
N ALA A 57 6.51 -3.15 -5.87
CA ALA A 57 6.34 -2.98 -7.30
C ALA A 57 5.12 -3.79 -7.76
N PHE A 58 5.16 -5.08 -7.45
CA PHE A 58 4.08 -5.97 -7.82
C PHE A 58 2.76 -5.53 -7.17
N LYS A 59 2.88 -5.02 -5.96
CA LYS A 59 1.71 -4.56 -5.23
C LYS A 59 0.81 -3.74 -6.17
N HIS A 60 1.44 -2.84 -6.89
CA HIS A 60 0.72 -1.98 -7.82
C HIS A 60 0.11 -2.85 -8.93
N THR A 61 0.98 -3.61 -9.58
CA THR A 61 0.56 -4.48 -10.66
C THR A 61 -0.57 -5.40 -10.19
N ALA A 62 -0.48 -5.80 -8.94
CA ALA A 62 -1.48 -6.68 -8.35
C ALA A 62 -2.83 -5.96 -8.31
N ARG A 63 -2.82 -4.80 -7.66
CA ARG A 63 -4.03 -4.01 -7.53
C ARG A 63 -4.36 -3.34 -8.87
N HIS A 64 -3.62 -3.73 -9.90
CA HIS A 64 -3.82 -3.19 -11.22
C HIS A 64 -5.08 -3.79 -11.84
N ASN A 65 -5.03 -5.09 -12.06
CA ASN A 65 -6.16 -5.80 -12.65
C ASN A 65 -6.71 -6.80 -11.62
N VAL A 66 -5.80 -7.52 -10.99
CA VAL A 66 -6.18 -8.51 -10.00
C VAL A 66 -6.09 -7.88 -8.61
N ASP A 67 -5.98 -8.74 -7.61
CA ASP A 67 -5.90 -8.28 -6.23
C ASP A 67 -4.85 -9.12 -5.49
N GLU A 68 -3.98 -8.42 -4.78
CA GLU A 68 -2.93 -9.08 -4.01
C GLU A 68 -2.68 -8.34 -2.70
N LEU A 69 -2.47 -9.13 -1.65
CA LEU A 69 -2.22 -8.56 -0.34
C LEU A 69 -1.04 -9.29 0.31
N HIS A 70 -0.09 -8.50 0.81
CA HIS A 70 1.09 -9.06 1.45
C HIS A 70 1.50 -8.16 2.62
N ILE A 71 1.90 -8.80 3.71
CA ILE A 71 2.35 -8.08 4.88
C ILE A 71 3.63 -8.70 5.42
N ASP A 72 4.62 -7.85 5.66
CA ASP A 72 5.90 -8.29 6.17
C ASP A 72 6.47 -7.24 7.12
N GLY A 73 7.05 -7.72 8.21
CA GLY A 73 7.63 -6.83 9.20
C GLY A 73 9.02 -7.32 9.63
N ASN A 74 9.98 -6.41 9.59
CA ASN A 74 11.35 -6.74 9.97
C ASN A 74 11.97 -5.53 10.67
N TYR A 75 12.74 -5.82 11.72
CA TYR A 75 13.40 -4.77 12.47
C TYR A 75 14.46 -4.08 11.62
N GLN A 76 14.69 -4.63 10.44
CA GLN A 76 15.67 -4.07 9.53
C GLN A 76 14.98 -3.38 8.35
N LEU A 77 13.67 -3.50 8.34
CA LEU A 77 12.87 -2.89 7.27
C LEU A 77 13.38 -1.47 7.03
N GLY A 78 13.20 -0.63 8.04
CA GLY A 78 13.63 0.76 7.94
C GLY A 78 12.86 1.65 8.91
N ARG A 79 12.51 1.05 10.05
CA ARG A 79 11.77 1.78 11.07
C ARG A 79 10.58 2.51 10.44
N ASN A 80 9.95 1.83 9.50
CA ASN A 80 8.80 2.40 8.82
C ASN A 80 7.55 1.57 9.13
N VAL A 81 6.58 2.23 9.74
CA VAL A 81 5.34 1.57 10.10
C VAL A 81 4.17 2.21 9.34
N LEU A 82 3.63 1.45 8.40
CA LEU A 82 2.52 1.95 7.60
C LEU A 82 1.35 0.96 7.70
N LEU A 83 0.23 1.46 8.21
CA LEU A 83 -0.95 0.64 8.36
C LEU A 83 -2.06 1.16 7.44
N LYS A 84 -2.40 0.35 6.45
CA LYS A 84 -3.44 0.73 5.50
C LYS A 84 -4.51 -0.36 5.47
N ASN A 85 -5.72 0.05 5.81
CA ASN A 85 -6.84 -0.89 5.82
C ASN A 85 -7.86 -0.47 4.76
N GLY A 86 -8.08 -1.38 3.82
CA GLY A 86 -9.02 -1.12 2.74
C GLY A 86 -10.21 -2.08 2.81
N GLU A 87 -11.39 -1.49 2.95
CA GLU A 87 -12.61 -2.27 3.03
C GLU A 87 -13.60 -1.83 1.94
N ASP A 88 -13.95 -2.78 1.09
CA ASP A 88 -14.89 -2.50 0.01
C ASP A 88 -15.91 -3.63 -0.07
N ARG A 89 -17.17 -3.26 0.12
CA ARG A 89 -18.25 -4.24 0.06
C ARG A 89 -19.40 -3.70 -0.78
N LEU A 90 -19.99 -4.60 -1.55
CA LEU A 90 -21.11 -4.23 -2.41
C LEU A 90 -22.18 -5.32 -2.35
N ARG A 91 -23.43 -4.89 -2.40
CA ARG A 91 -24.55 -5.82 -2.34
C ARG A 91 -24.50 -6.77 -3.55
N PHE A 92 -23.69 -6.39 -4.53
CA PHE A 92 -23.54 -7.19 -5.72
C PHE A 92 -22.76 -8.47 -5.44
N TYR A 93 -22.23 -8.56 -4.23
CA TYR A 93 -21.47 -9.72 -3.82
C TYR A 93 -22.28 -10.60 -2.88
N VAL A 94 -22.21 -11.91 -3.13
CA VAL A 94 -22.93 -12.87 -2.31
C VAL A 94 -21.96 -13.53 -1.34
N LYS A 95 -20.68 -13.25 -1.53
CA LYS A 95 -19.65 -13.81 -0.68
C LYS A 95 -19.39 -12.87 0.49
N PHE A 96 -19.27 -11.58 0.16
CA PHE A 96 -19.03 -10.57 1.18
C PHE A 96 -17.69 -10.83 1.89
N GLY A 97 -16.62 -10.51 1.20
CA GLY A 97 -15.28 -10.69 1.76
C GLY A 97 -14.72 -9.37 2.31
N PRO A 98 -14.66 -9.31 3.67
CA PRO A 98 -14.15 -8.12 4.33
C PRO A 98 -12.63 -8.03 4.21
N GLY A 99 -12.15 -6.80 4.11
CA GLY A 99 -10.72 -6.57 3.98
C GLY A 99 -10.17 -5.85 5.21
N ALA A 100 -10.10 -6.58 6.31
CA ALA A 100 -9.61 -6.03 7.56
C ALA A 100 -8.15 -6.45 7.76
N VAL A 101 -7.53 -5.84 8.75
CA VAL A 101 -6.14 -6.14 9.06
C VAL A 101 -6.02 -7.61 9.50
N ILE A 102 -6.99 -8.03 10.28
CA ILE A 102 -7.01 -9.40 10.78
C ILE A 102 -7.18 -10.36 9.59
N LYS A 103 -8.02 -9.95 8.66
CA LYS A 103 -8.27 -10.76 7.48
C LYS A 103 -7.00 -10.87 6.65
N GLU A 104 -6.45 -9.72 6.31
CA GLU A 104 -5.23 -9.67 5.52
C GLU A 104 -4.11 -10.45 6.23
N PHE A 105 -4.12 -10.35 7.56
CA PHE A 105 -3.12 -11.02 8.36
C PHE A 105 -3.02 -12.51 7.98
N LYS A 106 -4.18 -13.08 7.64
CA LYS A 106 -4.24 -14.48 7.27
C LYS A 106 -3.23 -14.74 6.14
N ILE A 107 -2.89 -13.68 5.43
CA ILE A 107 -1.94 -13.78 4.33
C ILE A 107 -0.90 -14.84 4.67
N THR A 108 -0.50 -14.85 5.93
CA THR A 108 0.50 -15.80 6.39
C THR A 108 0.50 -15.88 7.92
N ASP A 109 0.41 -14.72 8.54
CA ASP A 109 0.40 -14.64 9.99
C ASP A 109 -0.74 -15.51 10.53
N MET A 1 11.01 -5.45 16.52
CA MET A 1 9.58 -5.63 16.45
C MET A 1 8.92 -4.57 15.59
N SER A 2 8.97 -4.80 14.28
CA SER A 2 8.38 -3.86 13.33
C SER A 2 7.35 -4.58 12.46
N GLU A 3 6.25 -3.90 12.20
CA GLU A 3 5.19 -4.46 11.38
C GLU A 3 4.61 -3.38 10.46
N VAL A 4 4.46 -3.75 9.20
CA VAL A 4 3.91 -2.83 8.22
C VAL A 4 2.56 -3.37 7.71
N ASN A 5 1.62 -2.45 7.55
CA ASN A 5 0.29 -2.81 7.07
C ASN A 5 -0.08 -1.94 5.87
N ILE A 6 -0.22 -2.59 4.73
CA ILE A 6 -0.56 -1.89 3.50
C ILE A 6 -1.62 -2.69 2.75
N VAL A 7 -2.79 -2.08 2.61
CA VAL A 7 -3.89 -2.72 1.91
C VAL A 7 -4.68 -1.67 1.13
N VAL A 8 -4.81 -1.91 -0.16
CA VAL A 8 -5.54 -0.99 -1.03
C VAL A 8 -6.56 -1.78 -1.85
N ASN A 9 -7.82 -1.42 -1.65
CA ASN A 9 -8.90 -2.09 -2.36
C ASN A 9 -9.67 -1.05 -3.19
N GLY A 10 -9.53 -1.17 -4.50
CA GLY A 10 -10.21 -0.26 -5.41
C GLY A 10 -9.46 1.08 -5.50
N ARG A 11 -8.20 1.00 -5.91
CA ARG A 11 -7.38 2.17 -6.04
C ARG A 11 -7.76 3.20 -4.97
N GLU A 12 -7.61 2.78 -3.72
CA GLU A 12 -7.93 3.65 -2.59
C GLU A 12 -6.65 4.03 -1.84
N ALA A 13 -6.60 5.28 -1.41
CA ALA A 13 -5.45 5.78 -0.68
C ALA A 13 -5.93 6.56 0.55
N GLY A 14 -5.21 6.38 1.65
CA GLY A 14 -5.55 7.05 2.89
C GLY A 14 -4.48 8.08 3.26
N SER A 15 -3.41 8.09 2.46
CA SER A 15 -2.31 9.02 2.70
C SER A 15 -1.96 9.75 1.41
N LYS A 16 -0.96 10.62 1.52
CA LYS A 16 -0.51 11.39 0.36
C LYS A 16 0.52 10.57 -0.42
N SER A 17 0.64 9.31 -0.03
CA SER A 17 1.58 8.42 -0.69
C SER A 17 1.51 8.60 -2.20
N LYS A 18 0.34 9.01 -2.66
CA LYS A 18 0.12 9.21 -4.08
C LYS A 18 1.24 10.12 -4.64
N GLY A 19 1.68 11.03 -3.79
CA GLY A 19 2.73 11.95 -4.18
C GLY A 19 4.11 11.37 -3.87
N CYS A 20 4.67 11.82 -2.75
CA CYS A 20 5.98 11.35 -2.32
C CYS A 20 5.84 10.75 -0.92
N ALA A 21 6.90 10.08 -0.49
CA ALA A 21 6.91 9.46 0.82
C ALA A 21 6.86 10.55 1.89
N LEU A 22 7.75 11.51 1.75
CA LEU A 22 7.83 12.61 2.70
C LEU A 22 6.54 13.44 2.62
N CYS A 23 6.26 13.91 1.40
CA CYS A 23 5.07 14.71 1.18
C CYS A 23 4.38 14.19 -0.09
N GLY A 24 3.19 14.71 -0.33
CA GLY A 24 2.41 14.32 -1.50
C GLY A 24 1.23 15.25 -1.72
N ALA A 25 1.48 16.31 -2.47
CA ALA A 25 0.44 17.29 -2.76
C ALA A 25 -0.28 16.89 -4.05
N THR A 26 0.40 16.08 -4.85
CA THR A 26 -0.16 15.62 -6.10
C THR A 26 -0.90 14.29 -5.91
N TRP A 27 -1.98 14.13 -6.66
CA TRP A 27 -2.77 12.93 -6.58
C TRP A 27 -3.25 12.57 -7.99
N GLY A 28 -3.02 11.32 -8.36
CA GLY A 28 -3.42 10.84 -9.68
C GLY A 28 -3.68 9.34 -9.66
N ASP A 29 -4.19 8.85 -10.78
CA ASP A 29 -4.49 7.43 -10.90
C ASP A 29 -3.50 6.78 -11.88
N TYR A 30 -2.99 7.62 -12.78
CA TYR A 30 -2.04 7.14 -13.77
C TYR A 30 -0.80 6.54 -13.10
N HIS A 31 -0.59 6.95 -11.86
CA HIS A 31 0.56 6.47 -11.10
C HIS A 31 0.09 5.43 -10.09
N ALA A 32 1.04 4.61 -9.65
CA ALA A 32 0.73 3.56 -8.68
C ALA A 32 1.73 3.65 -7.52
N ASP A 33 1.20 3.50 -6.31
CA ASP A 33 2.02 3.56 -5.12
C ASP A 33 2.44 2.14 -4.72
N PHE A 34 3.46 2.08 -3.87
CA PHE A 34 3.95 0.79 -3.40
C PHE A 34 3.57 0.56 -1.94
N LEU A 35 3.98 -0.59 -1.43
CA LEU A 35 3.69 -0.96 -0.06
C LEU A 35 4.41 0.01 0.88
N GLY A 36 5.31 0.79 0.31
CA GLY A 36 6.07 1.76 1.08
C GLY A 36 5.25 3.02 1.33
N GLU A 37 4.00 2.96 0.90
CA GLU A 37 3.10 4.10 1.07
C GLU A 37 3.71 5.36 0.45
N ASP A 38 4.24 5.19 -0.75
CA ASP A 38 4.85 6.30 -1.46
C ASP A 38 4.59 6.15 -2.96
N LEU A 39 4.99 7.17 -3.71
CA LEU A 39 4.81 7.15 -5.15
C LEU A 39 6.00 7.84 -5.82
N PHE A 40 6.71 7.07 -6.62
CA PHE A 40 7.88 7.59 -7.33
C PHE A 40 7.57 7.82 -8.81
N PHE A 41 6.29 8.09 -9.07
CA PHE A 41 5.86 8.34 -10.44
C PHE A 41 5.52 9.81 -10.65
N CYS A 42 5.53 10.55 -9.55
CA CYS A 42 5.24 11.98 -9.61
C CYS A 42 6.52 12.75 -9.34
N CYS A 43 7.23 12.32 -8.30
CA CYS A 43 8.49 12.96 -7.93
C CYS A 43 9.63 11.99 -8.24
N ASP A 44 9.57 10.83 -7.60
CA ASP A 44 10.60 9.83 -7.80
C ASP A 44 11.96 10.40 -7.43
N ILE A 45 11.92 11.53 -6.73
CA ILE A 45 13.15 12.19 -6.31
C ILE A 45 13.36 11.94 -4.81
N CYS A 46 12.42 12.41 -4.02
CA CYS A 46 12.50 12.24 -2.57
C CYS A 46 11.69 11.00 -2.20
N ALA A 47 10.95 10.49 -3.16
CA ALA A 47 10.13 9.31 -2.95
C ALA A 47 10.86 8.08 -3.50
N ALA A 48 10.30 6.92 -3.18
CA ALA A 48 10.89 5.67 -3.62
C ALA A 48 12.10 5.33 -2.76
N GLU A 49 11.83 5.09 -1.48
CA GLU A 49 12.89 4.75 -0.55
C GLU A 49 13.21 3.25 -0.62
N PHE A 50 14.50 2.96 -0.67
CA PHE A 50 14.95 1.58 -0.73
C PHE A 50 14.81 0.89 0.62
N MET A 51 14.68 1.71 1.65
CA MET A 51 14.54 1.20 3.00
C MET A 51 13.51 0.07 3.06
N ASN A 52 12.60 0.10 2.09
CA ASN A 52 11.56 -0.92 2.02
C ASN A 52 12.01 -2.04 1.09
N MET A 53 11.12 -3.00 0.90
CA MET A 53 11.41 -4.13 0.04
C MET A 53 11.02 -3.83 -1.42
N MET A 54 11.69 -4.51 -2.33
CA MET A 54 11.42 -4.32 -3.75
C MET A 54 9.98 -4.72 -4.09
N ASP A 55 9.51 -5.74 -3.39
CA ASP A 55 8.14 -6.22 -3.61
C ASP A 55 7.19 -5.03 -3.68
N GLU A 56 7.50 -4.01 -2.89
CA GLU A 56 6.69 -2.82 -2.86
C GLU A 56 6.34 -2.37 -4.28
N ALA A 57 7.33 -2.49 -5.16
CA ALA A 57 7.14 -2.10 -6.55
C ALA A 57 6.10 -3.01 -7.19
N PHE A 58 6.36 -4.31 -7.10
CA PHE A 58 5.47 -5.30 -7.67
C PHE A 58 4.07 -5.21 -7.04
N LYS A 59 4.07 -4.89 -5.75
CA LYS A 59 2.82 -4.76 -5.02
C LYS A 59 1.83 -3.94 -5.84
N HIS A 60 2.37 -2.96 -6.55
CA HIS A 60 1.55 -2.10 -7.38
C HIS A 60 0.90 -2.92 -8.50
N THR A 61 1.65 -3.91 -8.97
CA THR A 61 1.16 -4.77 -10.04
C THR A 61 -0.16 -5.44 -9.61
N ALA A 62 -0.24 -5.75 -8.33
CA ALA A 62 -1.42 -6.39 -7.79
C ALA A 62 -2.64 -5.50 -8.05
N ARG A 63 -2.55 -4.27 -7.55
CA ARG A 63 -3.64 -3.32 -7.72
C ARG A 63 -3.65 -2.79 -9.16
N HIS A 64 -2.86 -3.43 -10.00
CA HIS A 64 -2.78 -3.04 -11.40
C HIS A 64 -4.03 -3.50 -12.14
N ASN A 65 -4.20 -4.81 -12.19
CA ASN A 65 -5.34 -5.40 -12.86
C ASN A 65 -6.22 -6.12 -11.83
N VAL A 66 -5.61 -7.05 -11.12
CA VAL A 66 -6.32 -7.81 -10.10
C VAL A 66 -6.10 -7.16 -8.74
N ASP A 67 -6.19 -7.98 -7.70
CA ASP A 67 -6.00 -7.49 -6.34
C ASP A 67 -5.11 -8.47 -5.58
N GLU A 68 -4.09 -7.90 -4.94
CA GLU A 68 -3.16 -8.72 -4.16
C GLU A 68 -2.70 -7.94 -2.92
N LEU A 69 -2.59 -8.67 -1.82
CA LEU A 69 -2.16 -8.07 -0.57
C LEU A 69 -1.12 -8.98 0.10
N HIS A 70 -0.04 -8.36 0.53
CA HIS A 70 1.04 -9.09 1.18
C HIS A 70 1.65 -8.24 2.28
N ILE A 71 1.96 -8.90 3.40
CA ILE A 71 2.54 -8.21 4.53
C ILE A 71 3.71 -9.03 5.08
N ASP A 72 4.78 -8.34 5.43
CA ASP A 72 5.96 -9.00 5.97
C ASP A 72 6.59 -8.11 7.04
N GLY A 73 7.04 -8.76 8.10
CA GLY A 73 7.67 -8.04 9.20
C GLY A 73 8.94 -8.74 9.66
N ASN A 74 10.01 -7.96 9.77
CA ASN A 74 11.29 -8.49 10.20
C ASN A 74 12.01 -7.45 11.05
N TYR A 75 12.66 -7.94 12.11
CA TYR A 75 13.40 -7.06 13.01
C TYR A 75 14.60 -6.44 12.31
N GLN A 76 14.85 -6.91 11.08
CA GLN A 76 15.96 -6.42 10.30
C GLN A 76 15.45 -5.62 9.10
N LEU A 77 14.14 -5.62 8.94
CA LEU A 77 13.52 -4.92 7.84
C LEU A 77 14.04 -3.47 7.80
N GLY A 78 14.07 -2.86 8.98
CA GLY A 78 14.55 -1.49 9.11
C GLY A 78 13.85 -0.77 10.26
N ARG A 79 12.74 -1.34 10.68
CA ARG A 79 11.97 -0.77 11.78
C ARG A 79 11.00 0.29 11.24
N ASN A 80 10.21 -0.12 10.26
CA ASN A 80 9.23 0.78 9.65
C ASN A 80 7.82 0.26 9.93
N VAL A 81 7.05 1.09 10.61
CA VAL A 81 5.67 0.72 10.95
C VAL A 81 4.71 1.66 10.22
N LEU A 82 4.01 1.10 9.24
CA LEU A 82 3.05 1.87 8.47
C LEU A 82 1.69 1.19 8.52
N LEU A 83 0.72 1.92 9.05
CA LEU A 83 -0.63 1.40 9.16
C LEU A 83 -1.57 2.22 8.27
N LYS A 84 -2.02 1.57 7.20
CA LYS A 84 -2.93 2.22 6.26
C LYS A 84 -4.20 1.37 6.11
N ASN A 85 -5.32 1.99 6.44
CA ASN A 85 -6.60 1.31 6.35
C ASN A 85 -7.46 2.00 5.29
N GLY A 86 -7.73 1.27 4.23
CA GLY A 86 -8.54 1.78 3.14
C GLY A 86 -9.85 1.01 3.01
N GLU A 87 -10.95 1.75 3.16
CA GLU A 87 -12.27 1.14 3.06
C GLU A 87 -13.09 1.87 2.00
N ASP A 88 -13.50 1.10 0.99
CA ASP A 88 -14.31 1.64 -0.08
C ASP A 88 -15.49 0.71 -0.37
N ARG A 89 -16.68 1.30 -0.36
CA ARG A 89 -17.88 0.53 -0.63
C ARG A 89 -18.93 1.39 -1.34
N LEU A 90 -19.39 0.89 -2.47
CA LEU A 90 -20.38 1.60 -3.25
C LEU A 90 -21.63 0.73 -3.42
N ARG A 91 -22.76 1.39 -3.59
CA ARG A 91 -24.01 0.68 -3.76
C ARG A 91 -23.99 -0.15 -5.04
N PHE A 92 -23.23 0.34 -6.02
CA PHE A 92 -23.11 -0.36 -7.29
C PHE A 92 -22.58 -1.78 -7.09
N TYR A 93 -21.77 -1.93 -6.05
CA TYR A 93 -21.19 -3.23 -5.74
C TYR A 93 -22.12 -4.05 -4.84
N VAL A 94 -22.12 -5.35 -5.07
CA VAL A 94 -22.95 -6.26 -4.29
C VAL A 94 -22.11 -6.94 -3.22
N LYS A 95 -20.79 -6.92 -3.45
CA LYS A 95 -19.87 -7.53 -2.51
C LYS A 95 -19.46 -6.50 -1.45
N PHE A 96 -19.21 -5.28 -1.92
CA PHE A 96 -18.83 -4.21 -1.02
C PHE A 96 -17.97 -4.73 0.13
N GLY A 97 -16.78 -5.19 -0.22
CA GLY A 97 -15.85 -5.72 0.76
C GLY A 97 -14.82 -4.67 1.17
N PRO A 98 -14.96 -4.19 2.43
CA PRO A 98 -14.05 -3.18 2.96
C PRO A 98 -12.69 -3.79 3.30
N GLY A 99 -11.71 -3.50 2.45
CA GLY A 99 -10.37 -4.02 2.65
C GLY A 99 -9.65 -3.27 3.78
N ALA A 100 -9.87 -3.75 5.00
CA ALA A 100 -9.25 -3.13 6.16
C ALA A 100 -7.99 -3.90 6.53
N VAL A 101 -7.30 -3.40 7.54
CA VAL A 101 -6.07 -4.03 8.01
C VAL A 101 -6.39 -5.46 8.48
N ILE A 102 -7.54 -5.60 9.10
CA ILE A 102 -7.97 -6.89 9.60
C ILE A 102 -8.12 -7.87 8.43
N LYS A 103 -8.61 -7.33 7.32
CA LYS A 103 -8.80 -8.14 6.13
C LYS A 103 -7.46 -8.61 5.61
N GLU A 104 -6.46 -7.75 5.76
CA GLU A 104 -5.11 -8.06 5.30
C GLU A 104 -4.72 -9.46 5.78
N PHE A 105 -5.14 -9.79 6.98
CA PHE A 105 -4.84 -11.09 7.56
C PHE A 105 -5.13 -12.22 6.56
N LYS A 106 -6.19 -12.01 5.77
CA LYS A 106 -6.58 -12.99 4.77
C LYS A 106 -5.35 -13.45 4.00
N ILE A 107 -4.35 -12.57 3.96
CA ILE A 107 -3.12 -12.87 3.25
C ILE A 107 -2.74 -14.33 3.50
N THR A 108 -2.90 -14.75 4.74
CA THR A 108 -2.59 -16.12 5.11
C THR A 108 -3.67 -16.70 6.01
N ASP A 109 -4.07 -15.90 6.99
CA ASP A 109 -5.11 -16.31 7.93
C ASP A 109 -6.21 -17.06 7.16
N MET A 1 9.58 -4.44 17.47
CA MET A 1 9.22 -5.15 16.25
C MET A 1 8.76 -4.18 15.17
N SER A 2 8.93 -4.60 13.93
CA SER A 2 8.54 -3.78 12.79
C SER A 2 7.91 -4.65 11.70
N GLU A 3 6.68 -4.32 11.36
CA GLU A 3 5.96 -5.06 10.34
C GLU A 3 5.11 -4.12 9.49
N VAL A 4 5.12 -4.38 8.19
CA VAL A 4 4.35 -3.55 7.27
C VAL A 4 3.25 -4.40 6.62
N ASN A 5 2.03 -3.90 6.71
CA ASN A 5 0.89 -4.60 6.15
C ASN A 5 -0.11 -3.57 5.59
N ILE A 6 -0.34 -3.67 4.30
CA ILE A 6 -1.27 -2.76 3.63
C ILE A 6 -2.08 -3.55 2.60
N VAL A 7 -3.40 -3.42 2.70
CA VAL A 7 -4.29 -4.11 1.79
C VAL A 7 -5.22 -3.08 1.14
N VAL A 8 -5.23 -3.08 -0.18
CA VAL A 8 -6.08 -2.16 -0.93
C VAL A 8 -7.12 -2.96 -1.71
N ASN A 9 -8.37 -2.74 -1.35
CA ASN A 9 -9.48 -3.43 -2.01
C ASN A 9 -10.35 -2.41 -2.73
N GLY A 10 -10.29 -2.46 -4.06
CA GLY A 10 -11.07 -1.55 -4.87
C GLY A 10 -10.33 -0.22 -5.08
N ARG A 11 -9.02 -0.34 -5.29
CA ARG A 11 -8.19 0.84 -5.49
C ARG A 11 -8.73 2.02 -4.67
N GLU A 12 -8.80 1.81 -3.37
CA GLU A 12 -9.29 2.85 -2.48
C GLU A 12 -8.12 3.54 -1.78
N ALA A 13 -8.07 4.85 -1.95
CA ALA A 13 -7.01 5.65 -1.35
C ALA A 13 -7.63 6.85 -0.64
N GLY A 14 -6.79 7.55 0.12
CA GLY A 14 -7.24 8.72 0.86
C GLY A 14 -6.09 9.33 1.67
N SER A 15 -4.99 9.58 0.97
CA SER A 15 -3.82 10.16 1.61
C SER A 15 -2.98 10.90 0.57
N LYS A 16 -1.88 11.47 1.05
CA LYS A 16 -0.99 12.22 0.18
C LYS A 16 -0.03 11.24 -0.51
N SER A 17 -0.30 9.96 -0.33
CA SER A 17 0.53 8.93 -0.93
C SER A 17 0.80 9.26 -2.39
N LYS A 18 -0.20 9.85 -3.03
CA LYS A 18 -0.08 10.22 -4.43
C LYS A 18 1.21 11.03 -4.63
N GLY A 19 1.65 11.65 -3.55
CA GLY A 19 2.86 12.46 -3.59
C GLY A 19 4.10 11.60 -3.33
N CYS A 20 5.01 12.15 -2.56
CA CYS A 20 6.24 11.44 -2.23
C CYS A 20 6.12 10.91 -0.80
N ALA A 21 7.10 10.10 -0.42
CA ALA A 21 7.11 9.52 0.91
C ALA A 21 7.39 10.61 1.93
N LEU A 22 8.50 11.30 1.75
CA LEU A 22 8.88 12.37 2.65
C LEU A 22 7.72 13.35 2.79
N CYS A 23 7.31 13.91 1.66
CA CYS A 23 6.22 14.86 1.63
C CYS A 23 5.31 14.52 0.44
N GLY A 24 4.12 15.08 0.48
CA GLY A 24 3.15 14.85 -0.58
C GLY A 24 2.57 16.17 -1.09
N ALA A 25 3.25 16.75 -2.07
CA ALA A 25 2.81 18.01 -2.64
C ALA A 25 2.30 17.77 -4.06
N THR A 26 2.64 16.60 -4.59
CA THR A 26 2.23 16.23 -5.94
C THR A 26 1.21 15.08 -5.88
N TRP A 27 0.67 14.78 -7.05
CA TRP A 27 -0.31 13.71 -7.16
C TRP A 27 -0.12 13.04 -8.51
N GLY A 28 -0.26 11.72 -8.51
CA GLY A 28 -0.12 10.94 -9.73
C GLY A 28 -1.23 9.90 -9.85
N ASP A 29 -1.75 9.78 -11.07
CA ASP A 29 -2.83 8.84 -11.33
C ASP A 29 -2.27 7.69 -12.19
N TYR A 30 -1.26 8.02 -12.98
CA TYR A 30 -0.64 7.02 -13.84
C TYR A 30 0.63 6.45 -13.20
N HIS A 31 0.93 6.95 -12.00
CA HIS A 31 2.11 6.50 -11.29
C HIS A 31 1.74 5.31 -10.40
N ALA A 32 2.78 4.66 -9.89
CA ALA A 32 2.58 3.51 -9.03
C ALA A 32 3.15 3.81 -7.63
N ASP A 33 2.54 3.18 -6.64
CA ASP A 33 2.98 3.36 -5.26
C ASP A 33 2.80 2.05 -4.50
N PHE A 34 3.76 1.78 -3.63
CA PHE A 34 3.73 0.57 -2.83
C PHE A 34 3.02 0.81 -1.50
N LEU A 35 2.94 -0.25 -0.71
CA LEU A 35 2.29 -0.17 0.59
C LEU A 35 2.85 1.02 1.37
N GLY A 36 4.04 1.44 0.96
CA GLY A 36 4.70 2.57 1.61
C GLY A 36 3.88 3.84 1.44
N GLU A 37 2.86 3.75 0.61
CA GLU A 37 2.00 4.89 0.35
C GLU A 37 2.84 6.11 -0.06
N ASP A 38 3.59 5.93 -1.12
CA ASP A 38 4.45 6.99 -1.62
C ASP A 38 4.62 6.84 -3.14
N LEU A 39 4.78 7.97 -3.81
CA LEU A 39 4.95 7.96 -5.25
C LEU A 39 6.40 8.31 -5.58
N PHE A 40 7.05 7.38 -6.27
CA PHE A 40 8.44 7.56 -6.65
C PHE A 40 8.55 7.90 -8.14
N PHE A 41 7.52 7.52 -8.89
CA PHE A 41 7.49 7.77 -10.31
C PHE A 41 7.16 9.24 -10.60
N CYS A 42 6.95 9.99 -9.54
CA CYS A 42 6.63 11.40 -9.67
C CYS A 42 7.91 12.20 -9.54
N CYS A 43 8.57 12.03 -8.40
CA CYS A 43 9.83 12.73 -8.14
C CYS A 43 10.98 11.73 -8.27
N ASP A 44 10.90 10.69 -7.45
CA ASP A 44 11.92 9.65 -7.46
C ASP A 44 13.21 10.22 -6.84
N ILE A 45 13.06 11.34 -6.17
CA ILE A 45 14.20 11.98 -5.53
C ILE A 45 14.15 11.73 -4.02
N CYS A 46 13.08 12.23 -3.40
CA CYS A 46 12.91 12.05 -1.97
C CYS A 46 11.99 10.85 -1.75
N ALA A 47 11.39 10.38 -2.84
CA ALA A 47 10.49 9.24 -2.77
C ALA A 47 11.24 7.98 -3.22
N ALA A 48 10.60 6.85 -3.00
CA ALA A 48 11.19 5.57 -3.37
C ALA A 48 12.37 5.27 -2.46
N GLU A 49 12.06 5.08 -1.18
CA GLU A 49 13.08 4.78 -0.20
C GLU A 49 13.39 3.28 -0.19
N PHE A 50 14.63 2.96 0.13
CA PHE A 50 15.06 1.58 0.19
C PHE A 50 14.53 0.89 1.44
N MET A 51 13.81 1.66 2.25
CA MET A 51 13.24 1.13 3.47
C MET A 51 12.21 0.05 3.17
N ASN A 52 11.56 0.18 2.03
CA ASN A 52 10.54 -0.77 1.62
C ASN A 52 11.11 -1.67 0.52
N MET A 53 10.50 -2.83 0.36
CA MET A 53 10.93 -3.78 -0.65
C MET A 53 10.26 -3.50 -1.99
N MET A 54 10.83 -4.07 -3.04
CA MET A 54 10.30 -3.90 -4.38
C MET A 54 8.90 -4.52 -4.50
N ASP A 55 8.80 -5.75 -4.03
CA ASP A 55 7.53 -6.47 -4.08
C ASP A 55 6.40 -5.53 -3.64
N GLU A 56 6.74 -4.68 -2.67
CA GLU A 56 5.77 -3.73 -2.15
C GLU A 56 5.03 -3.03 -3.30
N ALA A 57 5.82 -2.50 -4.21
CA ALA A 57 5.26 -1.81 -5.37
C ALA A 57 4.46 -2.79 -6.22
N PHE A 58 5.01 -3.99 -6.33
CA PHE A 58 4.38 -5.04 -7.12
C PHE A 58 2.88 -5.11 -6.83
N LYS A 59 2.55 -4.93 -5.55
CA LYS A 59 1.15 -4.96 -5.13
C LYS A 59 0.34 -3.97 -5.96
N HIS A 60 0.99 -2.86 -6.30
CA HIS A 60 0.35 -1.83 -7.09
C HIS A 60 -0.13 -2.41 -8.42
N THR A 61 0.77 -3.17 -9.05
CA THR A 61 0.45 -3.80 -10.32
C THR A 61 -0.85 -4.60 -10.21
N ALA A 62 -0.97 -5.34 -9.11
CA ALA A 62 -2.15 -6.14 -8.89
C ALA A 62 -3.29 -5.24 -8.41
N ARG A 63 -2.93 -4.22 -7.66
CA ARG A 63 -3.90 -3.28 -7.14
C ARG A 63 -4.50 -2.44 -8.28
N HIS A 64 -4.03 -2.73 -9.49
CA HIS A 64 -4.52 -2.02 -10.66
C HIS A 64 -5.87 -2.56 -11.07
N ASN A 65 -5.91 -3.86 -11.31
CA ASN A 65 -7.14 -4.52 -11.71
C ASN A 65 -7.57 -5.51 -10.63
N VAL A 66 -6.60 -6.29 -10.17
CA VAL A 66 -6.86 -7.28 -9.14
C VAL A 66 -6.51 -6.68 -7.78
N ASP A 67 -6.16 -7.57 -6.85
CA ASP A 67 -5.80 -7.14 -5.51
C ASP A 67 -4.64 -8.00 -5.01
N GLU A 68 -3.71 -7.34 -4.33
CA GLU A 68 -2.55 -8.03 -3.79
C GLU A 68 -2.27 -7.54 -2.36
N LEU A 69 -1.89 -8.49 -1.52
CA LEU A 69 -1.59 -8.18 -0.12
C LEU A 69 -0.31 -8.90 0.29
N HIS A 70 0.59 -8.13 0.87
CA HIS A 70 1.87 -8.68 1.32
C HIS A 70 2.30 -7.99 2.61
N ILE A 71 2.86 -8.78 3.51
CA ILE A 71 3.31 -8.25 4.79
C ILE A 71 4.69 -8.83 5.10
N ASP A 72 5.61 -7.94 5.44
CA ASP A 72 6.97 -8.35 5.77
C ASP A 72 7.51 -7.45 6.88
N GLY A 73 8.23 -8.06 7.81
CA GLY A 73 8.81 -7.32 8.91
C GLY A 73 10.27 -7.74 9.15
N ASN A 74 11.13 -6.75 9.24
CA ASN A 74 12.55 -7.00 9.46
C ASN A 74 13.13 -5.90 10.34
N TYR A 75 13.94 -6.31 11.31
CA TYR A 75 14.55 -5.36 12.22
C TYR A 75 15.50 -4.41 11.47
N GLN A 76 15.76 -4.76 10.22
CA GLN A 76 16.64 -3.96 9.39
C GLN A 76 15.85 -3.32 8.25
N LEU A 77 14.58 -3.69 8.17
CA LEU A 77 13.71 -3.16 7.13
C LEU A 77 13.74 -1.64 7.18
N GLY A 78 13.98 -1.12 8.37
CA GLY A 78 14.04 0.32 8.57
C GLY A 78 13.18 0.74 9.76
N ARG A 79 12.52 -0.24 10.35
CA ARG A 79 11.67 0.01 11.50
C ARG A 79 10.48 0.89 11.10
N ASN A 80 9.78 0.44 10.06
CA ASN A 80 8.62 1.17 9.56
C ASN A 80 7.38 0.30 9.72
N VAL A 81 6.43 0.82 10.49
CA VAL A 81 5.19 0.11 10.73
C VAL A 81 4.02 0.90 10.13
N LEU A 82 3.47 0.33 9.06
CA LEU A 82 2.36 0.97 8.37
C LEU A 82 1.19 -0.01 8.30
N LEU A 83 0.07 0.40 8.89
CA LEU A 83 -1.12 -0.43 8.89
C LEU A 83 -2.22 0.26 8.09
N LYS A 84 -2.58 -0.35 6.97
CA LYS A 84 -3.61 0.19 6.12
C LYS A 84 -4.71 -0.85 5.92
N ASN A 85 -5.91 -0.48 6.34
CA ASN A 85 -7.06 -1.37 6.22
C ASN A 85 -8.08 -0.76 5.26
N GLY A 86 -8.29 -1.47 4.16
CA GLY A 86 -9.24 -1.01 3.15
C GLY A 86 -10.41 -1.97 3.02
N GLU A 87 -11.57 -1.50 3.45
CA GLU A 87 -12.78 -2.31 3.39
C GLU A 87 -13.87 -1.57 2.61
N ASP A 88 -14.31 -2.20 1.53
CA ASP A 88 -15.33 -1.62 0.69
C ASP A 88 -16.47 -2.64 0.51
N ARG A 89 -17.62 -2.28 1.05
CA ARG A 89 -18.78 -3.15 0.97
C ARG A 89 -20.07 -2.32 1.11
N LEU A 90 -21.14 -2.85 0.53
CA LEU A 90 -22.43 -2.18 0.59
C LEU A 90 -23.48 -3.14 1.14
N ARG A 91 -24.65 -2.60 1.41
CA ARG A 91 -25.74 -3.40 1.94
C ARG A 91 -25.98 -4.63 1.05
N PHE A 92 -25.74 -4.45 -0.23
CA PHE A 92 -25.92 -5.53 -1.19
C PHE A 92 -25.13 -6.78 -0.76
N TYR A 93 -24.02 -6.53 -0.09
CA TYR A 93 -23.18 -7.61 0.37
C TYR A 93 -23.65 -8.13 1.74
N VAL A 94 -23.46 -9.43 1.94
CA VAL A 94 -23.86 -10.05 3.19
C VAL A 94 -22.61 -10.50 3.96
N LYS A 95 -21.48 -10.47 3.26
CA LYS A 95 -20.22 -10.85 3.86
C LYS A 95 -19.58 -9.65 4.55
N PHE A 96 -19.80 -8.48 3.94
CA PHE A 96 -19.25 -7.25 4.49
C PHE A 96 -17.84 -7.47 5.03
N GLY A 97 -16.98 -8.00 4.16
CA GLY A 97 -15.60 -8.26 4.53
C GLY A 97 -14.82 -8.83 3.35
N PRO A 98 -14.59 -7.96 2.34
CA PRO A 98 -13.85 -8.36 1.15
C PRO A 98 -12.35 -8.45 1.44
N GLY A 99 -11.89 -7.56 2.30
CA GLY A 99 -10.49 -7.53 2.67
C GLY A 99 -10.29 -6.85 4.02
N ALA A 100 -10.20 -7.68 5.05
CA ALA A 100 -10.01 -7.18 6.40
C ALA A 100 -8.55 -7.39 6.82
N VAL A 101 -8.18 -6.71 7.89
CA VAL A 101 -6.82 -6.81 8.41
C VAL A 101 -6.52 -8.27 8.75
N ILE A 102 -7.54 -8.96 9.22
CA ILE A 102 -7.40 -10.37 9.59
C ILE A 102 -7.01 -11.17 8.35
N LYS A 103 -7.56 -10.75 7.21
CA LYS A 103 -7.28 -11.43 5.96
C LYS A 103 -5.78 -11.30 5.64
N GLU A 104 -5.23 -10.15 6.00
CA GLU A 104 -3.82 -9.90 5.76
C GLU A 104 -2.97 -10.97 6.43
N PHE A 105 -3.41 -11.40 7.60
CA PHE A 105 -2.70 -12.42 8.34
C PHE A 105 -2.67 -13.74 7.57
N LYS A 106 -3.75 -14.01 6.86
CA LYS A 106 -3.86 -15.22 6.07
C LYS A 106 -2.72 -15.28 5.06
N ILE A 107 -2.53 -14.16 4.36
CA ILE A 107 -1.49 -14.06 3.37
C ILE A 107 -0.24 -14.82 3.85
N THR A 108 -0.06 -14.80 5.17
CA THR A 108 1.07 -15.48 5.78
C THR A 108 0.75 -15.87 7.22
N ASP A 109 0.71 -14.85 8.07
CA ASP A 109 0.42 -15.08 9.48
C ASP A 109 -0.90 -15.84 9.61
N MET A 1 7.41 -4.16 17.16
CA MET A 1 8.68 -3.50 16.95
C MET A 1 8.71 -2.77 15.61
N SER A 2 8.75 -3.55 14.54
CA SER A 2 8.77 -3.00 13.20
C SER A 2 7.99 -3.90 12.24
N GLU A 3 6.86 -3.38 11.78
CA GLU A 3 6.02 -4.13 10.86
C GLU A 3 5.41 -3.20 9.81
N VAL A 4 5.41 -3.66 8.58
CA VAL A 4 4.87 -2.89 7.48
C VAL A 4 3.64 -3.60 6.91
N ASN A 5 2.58 -2.84 6.73
CA ASN A 5 1.34 -3.39 6.19
C ASN A 5 0.66 -2.33 5.32
N ILE A 6 0.24 -2.77 4.14
CA ILE A 6 -0.43 -1.88 3.21
C ILE A 6 -1.52 -2.65 2.46
N VAL A 7 -2.66 -2.00 2.31
CA VAL A 7 -3.78 -2.61 1.61
C VAL A 7 -4.49 -1.55 0.78
N VAL A 8 -4.58 -1.82 -0.52
CA VAL A 8 -5.23 -0.91 -1.44
C VAL A 8 -6.31 -1.66 -2.21
N ASN A 9 -7.53 -1.11 -2.16
CA ASN A 9 -8.65 -1.71 -2.84
C ASN A 9 -9.14 -0.76 -3.93
N GLY A 10 -9.03 -1.23 -5.18
CA GLY A 10 -9.46 -0.44 -6.31
C GLY A 10 -8.43 0.64 -6.64
N ARG A 11 -7.17 0.25 -6.59
CA ARG A 11 -6.08 1.17 -6.88
C ARG A 11 -6.46 2.59 -6.44
N GLU A 12 -6.91 2.68 -5.20
CA GLU A 12 -7.31 3.97 -4.63
C GLU A 12 -6.49 4.26 -3.37
N ALA A 13 -6.05 5.50 -3.27
CA ALA A 13 -5.27 5.92 -2.11
C ALA A 13 -6.13 6.84 -1.23
N GLY A 14 -5.96 6.67 0.07
CA GLY A 14 -6.71 7.46 1.03
C GLY A 14 -5.77 8.12 2.04
N SER A 15 -4.55 8.36 1.59
CA SER A 15 -3.55 8.99 2.45
C SER A 15 -2.68 9.95 1.62
N LYS A 16 -1.77 10.61 2.31
CA LYS A 16 -0.87 11.54 1.65
C LYS A 16 0.02 10.78 0.66
N SER A 17 0.01 9.47 0.80
CA SER A 17 0.80 8.61 -0.07
C SER A 17 0.63 9.05 -1.53
N LYS A 18 -0.51 9.69 -1.79
CA LYS A 18 -0.81 10.15 -3.12
C LYS A 18 0.38 10.95 -3.67
N GLY A 19 0.81 11.91 -2.87
CA GLY A 19 1.93 12.75 -3.26
C GLY A 19 3.25 11.96 -3.24
N CYS A 20 4.11 12.33 -2.30
CA CYS A 20 5.39 11.66 -2.16
C CYS A 20 5.54 11.19 -0.71
N ALA A 21 6.58 10.42 -0.46
CA ALA A 21 6.83 9.89 0.86
C ALA A 21 7.31 11.03 1.76
N LEU A 22 7.60 12.16 1.14
CA LEU A 22 8.06 13.33 1.88
C LEU A 22 6.87 14.26 2.14
N CYS A 23 6.26 14.71 1.05
CA CYS A 23 5.13 15.60 1.13
C CYS A 23 3.92 14.91 0.51
N GLY A 24 2.78 15.59 0.59
CA GLY A 24 1.55 15.04 0.03
C GLY A 24 0.67 16.15 -0.52
N ALA A 25 1.23 16.90 -1.47
CA ALA A 25 0.51 18.00 -2.08
C ALA A 25 0.13 17.60 -3.52
N THR A 26 0.67 16.47 -3.95
CA THR A 26 0.40 15.98 -5.28
C THR A 26 -0.50 14.75 -5.23
N TRP A 27 -1.14 14.45 -6.35
CA TRP A 27 -2.03 13.31 -6.44
C TRP A 27 -1.55 12.42 -7.59
N GLY A 28 -1.89 11.15 -7.49
CA GLY A 28 -1.51 10.19 -8.52
C GLY A 28 -2.50 9.03 -8.59
N ASP A 29 -3.72 9.37 -8.97
CA ASP A 29 -4.77 8.37 -9.07
C ASP A 29 -4.35 7.29 -10.07
N TYR A 30 -3.96 7.74 -11.26
CA TYR A 30 -3.53 6.83 -12.30
C TYR A 30 -2.12 6.29 -12.01
N HIS A 31 -1.57 6.75 -10.89
CA HIS A 31 -0.24 6.31 -10.48
C HIS A 31 -0.36 5.08 -9.60
N ALA A 32 0.79 4.43 -9.40
CA ALA A 32 0.82 3.23 -8.58
C ALA A 32 1.24 3.61 -7.16
N ASP A 33 0.77 2.82 -6.21
CA ASP A 33 1.08 3.06 -4.81
C ASP A 33 2.32 2.25 -4.42
N PHE A 34 3.03 2.74 -3.41
CA PHE A 34 4.22 2.06 -2.93
C PHE A 34 4.02 1.53 -1.51
N LEU A 35 4.59 0.37 -1.27
CA LEU A 35 4.48 -0.26 0.04
C LEU A 35 4.86 0.76 1.13
N GLY A 36 5.85 1.58 0.80
CA GLY A 36 6.31 2.60 1.73
C GLY A 36 5.17 3.55 2.11
N GLU A 37 4.10 3.48 1.34
CA GLU A 37 2.95 4.33 1.58
C GLU A 37 3.14 5.69 0.92
N ASP A 38 3.64 5.66 -0.32
CA ASP A 38 3.87 6.88 -1.06
C ASP A 38 3.71 6.60 -2.56
N LEU A 39 3.87 7.64 -3.35
CA LEU A 39 3.74 7.52 -4.79
C LEU A 39 5.06 7.94 -5.45
N PHE A 40 5.66 7.00 -6.15
CA PHE A 40 6.91 7.25 -6.83
C PHE A 40 6.70 7.40 -8.34
N PHE A 41 5.49 7.82 -8.70
CA PHE A 41 5.15 8.01 -10.09
C PHE A 41 5.01 9.50 -10.43
N CYS A 42 5.21 10.32 -9.42
CA CYS A 42 5.11 11.76 -9.58
C CYS A 42 6.52 12.33 -9.76
N CYS A 43 7.35 12.10 -8.75
CA CYS A 43 8.72 12.58 -8.80
C CYS A 43 9.64 11.37 -8.93
N ASP A 44 9.56 10.50 -7.94
CA ASP A 44 10.38 9.30 -7.94
C ASP A 44 11.85 9.69 -7.71
N ILE A 45 12.03 10.89 -7.19
CA ILE A 45 13.37 11.39 -6.92
C ILE A 45 13.64 11.32 -5.42
N CYS A 46 12.74 11.90 -4.65
CA CYS A 46 12.88 11.90 -3.20
C CYS A 46 11.98 10.79 -2.63
N ALA A 47 11.05 10.34 -3.47
CA ALA A 47 10.13 9.29 -3.06
C ALA A 47 10.62 7.96 -3.62
N ALA A 48 9.98 6.89 -3.14
CA ALA A 48 10.33 5.55 -3.58
C ALA A 48 11.63 5.12 -2.90
N GLU A 49 11.56 4.99 -1.59
CA GLU A 49 12.71 4.58 -0.81
C GLU A 49 12.86 3.05 -0.82
N PHE A 50 14.09 2.60 -0.67
CA PHE A 50 14.37 1.18 -0.65
C PHE A 50 14.13 0.59 0.73
N MET A 51 13.69 1.45 1.65
CA MET A 51 13.43 1.02 3.01
C MET A 51 12.46 -0.15 3.04
N ASN A 52 11.78 -0.36 1.91
CA ASN A 52 10.82 -1.44 1.80
C ASN A 52 11.46 -2.60 1.03
N MET A 53 10.68 -3.65 0.85
CA MET A 53 11.16 -4.83 0.14
C MET A 53 10.75 -4.79 -1.33
N MET A 54 11.26 -5.75 -2.08
CA MET A 54 10.96 -5.84 -3.50
C MET A 54 9.45 -5.93 -3.73
N ASP A 55 8.79 -6.62 -2.82
CA ASP A 55 7.35 -6.79 -2.90
C ASP A 55 6.70 -5.46 -3.27
N GLU A 56 7.28 -4.39 -2.74
CA GLU A 56 6.77 -3.06 -3.00
C GLU A 56 6.45 -2.89 -4.48
N ALA A 57 7.34 -3.39 -5.32
CA ALA A 57 7.16 -3.30 -6.75
C ALA A 57 5.93 -4.12 -7.16
N PHE A 58 5.91 -5.37 -6.70
CA PHE A 58 4.80 -6.26 -7.01
C PHE A 58 3.46 -5.57 -6.74
N LYS A 59 3.45 -4.75 -5.71
CA LYS A 59 2.24 -4.02 -5.33
C LYS A 59 1.59 -3.45 -6.59
N HIS A 60 2.38 -2.69 -7.33
CA HIS A 60 1.89 -2.06 -8.54
C HIS A 60 1.22 -3.13 -9.42
N THR A 61 1.96 -4.18 -9.71
CA THR A 61 1.45 -5.26 -10.52
C THR A 61 0.21 -5.87 -9.88
N ALA A 62 0.21 -5.91 -8.56
CA ALA A 62 -0.90 -6.47 -7.81
C ALA A 62 -2.16 -5.66 -8.12
N ARG A 63 -2.05 -4.35 -7.96
CA ARG A 63 -3.17 -3.47 -8.21
C ARG A 63 -3.19 -3.05 -9.69
N HIS A 64 -2.36 -3.71 -10.47
CA HIS A 64 -2.27 -3.42 -11.89
C HIS A 64 -3.47 -4.02 -12.61
N ASN A 65 -3.67 -5.31 -12.39
CA ASN A 65 -4.79 -6.01 -13.01
C ASN A 65 -5.76 -6.47 -11.92
N VAL A 66 -5.28 -7.37 -11.07
CA VAL A 66 -6.09 -7.89 -10.00
C VAL A 66 -5.82 -7.09 -8.72
N ASP A 67 -6.02 -7.74 -7.59
CA ASP A 67 -5.80 -7.10 -6.30
C ASP A 67 -5.11 -8.09 -5.36
N GLU A 68 -4.04 -7.61 -4.74
CA GLU A 68 -3.27 -8.43 -3.82
C GLU A 68 -2.77 -7.59 -2.64
N LEU A 69 -2.84 -8.18 -1.46
CA LEU A 69 -2.40 -7.49 -0.25
C LEU A 69 -1.54 -8.45 0.58
N HIS A 70 -0.40 -7.94 1.00
CA HIS A 70 0.52 -8.74 1.81
C HIS A 70 1.20 -7.84 2.85
N ILE A 71 1.34 -8.38 4.05
CA ILE A 71 1.97 -7.64 5.14
C ILE A 71 2.97 -8.56 5.85
N ASP A 72 4.18 -8.03 6.03
CA ASP A 72 5.23 -8.78 6.70
C ASP A 72 6.07 -7.82 7.53
N GLY A 73 6.45 -8.29 8.72
CA GLY A 73 7.26 -7.48 9.62
C GLY A 73 8.39 -8.32 10.21
N ASN A 74 9.60 -7.76 10.13
CA ASN A 74 10.77 -8.44 10.66
C ASN A 74 11.74 -7.41 11.24
N TYR A 75 12.32 -7.76 12.38
CA TYR A 75 13.25 -6.87 13.04
C TYR A 75 14.43 -6.54 12.13
N GLN A 76 14.54 -7.30 11.06
CA GLN A 76 15.62 -7.09 10.10
C GLN A 76 15.11 -6.32 8.89
N LEU A 77 13.80 -6.12 8.86
CA LEU A 77 13.17 -5.39 7.77
C LEU A 77 13.91 -4.07 7.55
N GLY A 78 14.15 -3.37 8.64
CA GLY A 78 14.84 -2.10 8.59
C GLY A 78 14.23 -1.09 9.58
N ARG A 79 13.71 -1.64 10.66
CA ARG A 79 13.09 -0.80 11.69
C ARG A 79 12.14 0.21 11.05
N ASN A 80 11.30 -0.29 10.17
CA ASN A 80 10.33 0.55 9.49
C ASN A 80 8.93 -0.01 9.70
N VAL A 81 8.09 0.81 10.32
CA VAL A 81 6.71 0.41 10.59
C VAL A 81 5.76 1.33 9.83
N LEU A 82 5.11 0.75 8.82
CA LEU A 82 4.17 1.50 8.02
C LEU A 82 2.82 0.79 8.01
N LEU A 83 1.81 1.50 8.50
CA LEU A 83 0.46 0.95 8.57
C LEU A 83 -0.45 1.74 7.63
N LYS A 84 -0.99 1.05 6.65
CA LYS A 84 -1.88 1.66 5.68
C LYS A 84 -3.20 0.90 5.65
N ASN A 85 -4.27 1.61 5.96
CA ASN A 85 -5.59 1.01 5.97
C ASN A 85 -6.45 1.66 4.89
N GLY A 86 -6.86 0.84 3.92
CA GLY A 86 -7.69 1.33 2.83
C GLY A 86 -9.05 0.65 2.83
N GLU A 87 -10.08 1.46 2.96
CA GLU A 87 -11.45 0.95 2.98
C GLU A 87 -12.29 1.65 1.89
N ASP A 88 -12.80 0.83 0.98
CA ASP A 88 -13.62 1.35 -0.11
C ASP A 88 -15.05 0.81 0.04
N ARG A 89 -15.97 1.74 0.25
CA ARG A 89 -17.37 1.38 0.41
C ARG A 89 -18.26 2.53 -0.01
N LEU A 90 -19.48 2.19 -0.41
CA LEU A 90 -20.44 3.19 -0.84
C LEU A 90 -21.86 2.68 -0.57
N ARG A 91 -22.79 3.62 -0.45
CA ARG A 91 -24.17 3.28 -0.19
C ARG A 91 -24.74 2.47 -1.35
N PHE A 92 -24.26 2.78 -2.55
CA PHE A 92 -24.71 2.09 -3.74
C PHE A 92 -24.08 0.70 -3.85
N TYR A 93 -23.28 0.37 -2.84
CA TYR A 93 -22.60 -0.91 -2.82
C TYR A 93 -23.35 -1.90 -1.93
N VAL A 94 -23.22 -3.18 -2.27
CA VAL A 94 -23.88 -4.22 -1.52
C VAL A 94 -22.83 -5.04 -0.76
N LYS A 95 -21.58 -4.79 -1.10
CA LYS A 95 -20.47 -5.48 -0.46
C LYS A 95 -20.13 -4.79 0.87
N PHE A 96 -19.89 -3.49 0.77
CA PHE A 96 -19.56 -2.70 1.94
C PHE A 96 -18.73 -3.52 2.94
N GLY A 97 -17.59 -3.99 2.46
CA GLY A 97 -16.71 -4.79 3.30
C GLY A 97 -15.72 -3.90 4.06
N PRO A 98 -15.76 -4.03 5.41
CA PRO A 98 -14.87 -3.24 6.26
C PRO A 98 -13.45 -3.79 6.21
N GLY A 99 -12.50 -2.87 6.08
CA GLY A 99 -11.10 -3.24 6.02
C GLY A 99 -10.34 -2.69 7.23
N ALA A 100 -10.42 -3.44 8.32
CA ALA A 100 -9.73 -3.04 9.54
C ALA A 100 -8.36 -3.69 9.59
N VAL A 101 -7.42 -2.98 10.20
CA VAL A 101 -6.05 -3.47 10.32
C VAL A 101 -6.09 -4.93 10.82
N ILE A 102 -7.06 -5.20 11.66
CA ILE A 102 -7.20 -6.54 12.22
C ILE A 102 -7.52 -7.52 11.08
N LYS A 103 -8.37 -7.08 10.17
CA LYS A 103 -8.75 -7.91 9.04
C LYS A 103 -7.52 -8.18 8.18
N GLU A 104 -6.65 -7.19 8.11
CA GLU A 104 -5.43 -7.30 7.32
C GLU A 104 -4.76 -8.66 7.59
N PHE A 105 -4.57 -8.95 8.87
CA PHE A 105 -3.95 -10.21 9.27
C PHE A 105 -4.57 -11.38 8.51
N LYS A 106 -5.86 -11.28 8.27
CA LYS A 106 -6.58 -12.32 7.56
C LYS A 106 -5.89 -12.58 6.22
N ILE A 107 -5.05 -11.64 5.83
CA ILE A 107 -4.32 -11.76 4.57
C ILE A 107 -4.17 -13.25 4.21
N THR A 108 -3.72 -14.01 5.19
CA THR A 108 -3.53 -15.44 4.99
C THR A 108 -3.71 -16.19 6.31
N ASP A 109 -3.01 -15.71 7.34
CA ASP A 109 -3.08 -16.33 8.65
C ASP A 109 -4.54 -16.36 9.10
N MET A 1 8.87 -3.65 18.39
CA MET A 1 9.25 -4.37 17.18
C MET A 1 8.88 -3.58 15.94
N SER A 2 9.06 -4.22 14.78
CA SER A 2 8.74 -3.60 13.51
C SER A 2 7.66 -4.41 12.79
N GLU A 3 6.64 -3.70 12.35
CA GLU A 3 5.54 -4.34 11.63
C GLU A 3 5.00 -3.42 10.54
N VAL A 4 4.99 -3.94 9.32
CA VAL A 4 4.50 -3.17 8.19
C VAL A 4 3.50 -4.02 7.40
N ASN A 5 2.29 -3.47 7.27
CA ASN A 5 1.24 -4.16 6.55
C ASN A 5 0.40 -3.14 5.78
N ILE A 6 0.19 -3.44 4.51
CA ILE A 6 -0.59 -2.55 3.65
C ILE A 6 -1.46 -3.39 2.70
N VAL A 7 -2.74 -3.08 2.68
CA VAL A 7 -3.67 -3.79 1.83
C VAL A 7 -4.43 -2.79 0.96
N VAL A 8 -4.62 -3.17 -0.31
CA VAL A 8 -5.33 -2.32 -1.24
C VAL A 8 -6.39 -3.14 -1.96
N ASN A 9 -7.64 -2.83 -1.66
CA ASN A 9 -8.77 -3.52 -2.26
C ASN A 9 -9.74 -2.50 -2.86
N GLY A 10 -9.82 -2.50 -4.18
CA GLY A 10 -10.71 -1.59 -4.87
C GLY A 10 -9.91 -0.56 -5.68
N ARG A 11 -8.59 -0.69 -5.61
CA ARG A 11 -7.71 0.21 -6.33
C ARG A 11 -8.16 1.66 -6.13
N GLU A 12 -8.28 2.03 -4.86
CA GLU A 12 -8.69 3.38 -4.51
C GLU A 12 -7.64 4.04 -3.63
N ALA A 13 -7.61 5.37 -3.68
CA ALA A 13 -6.66 6.13 -2.89
C ALA A 13 -7.39 7.31 -2.23
N GLY A 14 -6.92 7.65 -1.04
CA GLY A 14 -7.51 8.76 -0.29
C GLY A 14 -6.58 9.23 0.82
N SER A 15 -5.35 9.53 0.42
CA SER A 15 -4.35 9.99 1.38
C SER A 15 -3.27 10.80 0.65
N LYS A 16 -2.33 11.31 1.44
CA LYS A 16 -1.25 12.10 0.89
C LYS A 16 -0.28 11.18 0.14
N SER A 17 -0.57 9.89 0.20
CA SER A 17 0.26 8.90 -0.47
C SER A 17 0.52 9.33 -1.91
N LYS A 18 -0.48 9.97 -2.50
CA LYS A 18 -0.37 10.43 -3.86
C LYS A 18 0.86 11.33 -4.00
N GLY A 19 1.31 11.83 -2.87
CA GLY A 19 2.49 12.70 -2.85
C GLY A 19 3.77 11.88 -2.89
N CYS A 20 4.62 12.10 -1.89
CA CYS A 20 5.88 11.40 -1.81
C CYS A 20 6.11 10.99 -0.35
N ALA A 21 7.03 10.06 -0.17
CA ALA A 21 7.35 9.58 1.17
C ALA A 21 8.02 10.70 1.97
N LEU A 22 8.51 11.69 1.24
CA LEU A 22 9.17 12.82 1.86
C LEU A 22 8.26 14.05 1.78
N CYS A 23 7.94 14.42 0.54
CA CYS A 23 7.08 15.57 0.32
C CYS A 23 5.70 15.06 -0.11
N GLY A 24 4.75 15.98 -0.17
CA GLY A 24 3.39 15.64 -0.56
C GLY A 24 2.65 16.87 -1.08
N ALA A 25 3.15 17.42 -2.17
CA ALA A 25 2.53 18.60 -2.76
C ALA A 25 1.87 18.21 -4.09
N THR A 26 2.23 17.02 -4.57
CA THR A 26 1.67 16.52 -5.82
C THR A 26 0.77 15.32 -5.54
N TRP A 27 -0.14 15.09 -6.49
CA TRP A 27 -1.07 13.98 -6.37
C TRP A 27 -1.55 13.61 -7.78
N GLY A 28 -1.82 12.32 -7.97
CA GLY A 28 -2.27 11.83 -9.24
C GLY A 28 -2.89 10.43 -9.11
N ASP A 29 -3.86 10.17 -9.97
CA ASP A 29 -4.54 8.87 -9.95
C ASP A 29 -3.86 7.94 -10.97
N TYR A 30 -3.14 8.55 -11.89
CA TYR A 30 -2.44 7.79 -12.91
C TYR A 30 -1.22 7.08 -12.35
N HIS A 31 -1.00 7.28 -11.05
CA HIS A 31 0.13 6.68 -10.37
C HIS A 31 -0.38 5.63 -9.38
N ALA A 32 0.57 4.99 -8.71
CA ALA A 32 0.24 3.96 -7.74
C ALA A 32 0.93 4.28 -6.41
N ASP A 33 0.56 3.52 -5.39
CA ASP A 33 1.14 3.71 -4.07
C ASP A 33 1.89 2.44 -3.66
N PHE A 34 2.87 2.63 -2.78
CA PHE A 34 3.66 1.50 -2.30
C PHE A 34 3.41 1.26 -0.82
N LEU A 35 4.00 0.17 -0.32
CA LEU A 35 3.84 -0.19 1.08
C LEU A 35 4.25 1.00 1.95
N GLY A 36 5.34 1.65 1.56
CA GLY A 36 5.83 2.80 2.29
C GLY A 36 4.77 3.90 2.37
N GLU A 37 3.74 3.73 1.56
CA GLU A 37 2.65 4.70 1.53
C GLU A 37 3.12 6.00 0.90
N ASP A 38 3.63 5.89 -0.33
CA ASP A 38 4.11 7.05 -1.05
C ASP A 38 3.92 6.84 -2.55
N LEU A 39 4.33 7.83 -3.32
CA LEU A 39 4.21 7.76 -4.76
C LEU A 39 5.55 8.13 -5.40
N PHE A 40 6.11 7.17 -6.12
CA PHE A 40 7.39 7.39 -6.79
C PHE A 40 7.20 7.58 -8.30
N PHE A 41 5.99 7.98 -8.65
CA PHE A 41 5.66 8.20 -10.06
C PHE A 41 5.50 9.69 -10.35
N CYS A 42 5.67 10.49 -9.31
CA CYS A 42 5.55 11.93 -9.45
C CYS A 42 6.96 12.54 -9.50
N CYS A 43 7.73 12.23 -8.46
CA CYS A 43 9.09 12.73 -8.37
C CYS A 43 10.05 11.57 -8.58
N ASP A 44 9.93 10.58 -7.70
CA ASP A 44 10.78 9.40 -7.77
C ASP A 44 12.23 9.80 -7.49
N ILE A 45 12.38 11.00 -6.94
CA ILE A 45 13.70 11.52 -6.61
C ILE A 45 13.94 11.40 -5.11
N CYS A 46 13.10 12.12 -4.35
CA CYS A 46 13.21 12.10 -2.91
C CYS A 46 12.38 10.93 -2.38
N ALA A 47 11.50 10.43 -3.24
CA ALA A 47 10.64 9.32 -2.87
C ALA A 47 11.23 8.02 -3.45
N ALA A 48 10.64 6.91 -3.01
CA ALA A 48 11.10 5.61 -3.47
C ALA A 48 12.37 5.22 -2.72
N GLU A 49 12.21 5.03 -1.41
CA GLU A 49 13.34 4.65 -0.57
C GLU A 49 13.55 3.14 -0.61
N PHE A 50 14.82 2.75 -0.53
CA PHE A 50 15.16 1.34 -0.56
C PHE A 50 14.85 0.68 0.78
N MET A 51 14.29 1.46 1.68
CA MET A 51 13.95 0.96 3.00
C MET A 51 12.73 0.04 2.93
N ASN A 52 12.20 -0.10 1.72
CA ASN A 52 11.04 -0.95 1.51
C ASN A 52 11.46 -2.20 0.74
N MET A 53 10.54 -3.15 0.68
CA MET A 53 10.80 -4.40 -0.02
C MET A 53 10.38 -4.30 -1.49
N MET A 54 10.95 -5.19 -2.29
CA MET A 54 10.65 -5.21 -3.72
C MET A 54 9.18 -5.58 -3.95
N ASP A 55 8.79 -6.70 -3.37
CA ASP A 55 7.42 -7.19 -3.50
C ASP A 55 6.45 -6.02 -3.28
N GLU A 56 6.84 -5.14 -2.36
CA GLU A 56 6.01 -3.99 -2.03
C GLU A 56 5.57 -3.28 -3.31
N ALA A 57 6.52 -3.12 -4.22
CA ALA A 57 6.25 -2.45 -5.48
C ALA A 57 5.25 -3.29 -6.28
N PHE A 58 5.51 -4.60 -6.30
CA PHE A 58 4.65 -5.52 -7.04
C PHE A 58 3.18 -5.22 -6.76
N LYS A 59 2.91 -4.80 -5.53
CA LYS A 59 1.55 -4.48 -5.13
C LYS A 59 0.88 -3.64 -6.23
N HIS A 60 1.61 -2.63 -6.68
CA HIS A 60 1.10 -1.75 -7.72
C HIS A 60 0.56 -2.59 -8.88
N THR A 61 1.37 -3.54 -9.32
CA THR A 61 0.99 -4.41 -10.42
C THR A 61 -0.21 -5.28 -10.02
N ALA A 62 -0.22 -5.66 -8.74
CA ALA A 62 -1.29 -6.48 -8.22
C ALA A 62 -2.62 -5.72 -8.32
N ARG A 63 -2.64 -4.54 -7.71
CA ARG A 63 -3.82 -3.71 -7.72
C ARG A 63 -3.97 -3.02 -9.08
N HIS A 64 -3.16 -3.46 -10.03
CA HIS A 64 -3.18 -2.90 -11.36
C HIS A 64 -4.39 -3.45 -12.12
N ASN A 65 -4.37 -4.75 -12.35
CA ASN A 65 -5.45 -5.41 -13.05
C ASN A 65 -6.17 -6.38 -12.11
N VAL A 66 -5.37 -7.22 -11.47
CA VAL A 66 -5.91 -8.20 -10.54
C VAL A 66 -5.84 -7.63 -9.11
N ASP A 67 -5.76 -8.54 -8.16
CA ASP A 67 -5.68 -8.14 -6.76
C ASP A 67 -4.68 -9.05 -6.03
N GLU A 68 -3.81 -8.41 -5.27
CA GLU A 68 -2.80 -9.14 -4.52
C GLU A 68 -2.52 -8.45 -3.19
N LEU A 69 -2.35 -9.26 -2.16
CA LEU A 69 -2.09 -8.74 -0.82
C LEU A 69 -0.96 -9.55 -0.19
N HIS A 70 -0.01 -8.82 0.39
CA HIS A 70 1.13 -9.44 1.04
C HIS A 70 1.54 -8.62 2.26
N ILE A 71 1.89 -9.34 3.32
CA ILE A 71 2.31 -8.69 4.55
C ILE A 71 3.56 -9.38 5.09
N ASP A 72 4.56 -8.57 5.41
CA ASP A 72 5.81 -9.08 5.93
C ASP A 72 6.38 -8.10 6.95
N GLY A 73 6.92 -8.66 8.02
CA GLY A 73 7.50 -7.85 9.07
C GLY A 73 8.85 -8.41 9.52
N ASN A 74 9.84 -7.52 9.57
CA ASN A 74 11.17 -7.90 9.97
C ASN A 74 11.82 -6.76 10.76
N TYR A 75 12.40 -7.11 11.90
CA TYR A 75 13.04 -6.13 12.75
C TYR A 75 14.38 -5.69 12.15
N GLN A 76 14.73 -6.31 11.04
CA GLN A 76 15.98 -6.00 10.36
C GLN A 76 15.69 -5.24 9.06
N LEU A 77 14.41 -5.11 8.75
CA LEU A 77 13.99 -4.41 7.55
C LEU A 77 14.68 -3.04 7.50
N GLY A 78 14.31 -2.20 8.47
CA GLY A 78 14.87 -0.86 8.55
C GLY A 78 14.06 0.02 9.50
N ARG A 79 13.54 -0.62 10.54
CA ARG A 79 12.75 0.10 11.53
C ARG A 79 11.70 0.96 10.83
N ASN A 80 10.93 0.32 9.95
CA ASN A 80 9.89 1.03 9.22
C ASN A 80 8.54 0.35 9.49
N VAL A 81 7.63 1.13 10.04
CA VAL A 81 6.31 0.63 10.36
C VAL A 81 5.26 1.45 9.62
N LEU A 82 4.64 0.81 8.62
CA LEU A 82 3.63 1.48 7.82
C LEU A 82 2.33 0.67 7.89
N LEU A 83 1.28 1.32 8.38
CA LEU A 83 -0.01 0.67 8.50
C LEU A 83 -1.02 1.37 7.57
N LYS A 84 -1.49 0.62 6.61
CA LYS A 84 -2.45 1.15 5.65
C LYS A 84 -3.70 0.26 5.64
N ASN A 85 -4.82 0.87 5.97
CA ASN A 85 -6.09 0.15 6.00
C ASN A 85 -7.02 0.72 4.92
N GLY A 86 -7.41 -0.15 4.00
CA GLY A 86 -8.29 0.24 2.91
C GLY A 86 -9.65 -0.48 3.02
N GLU A 87 -10.69 0.31 3.17
CA GLU A 87 -12.03 -0.24 3.29
C GLU A 87 -12.94 0.39 2.23
N ASP A 88 -13.49 -0.46 1.38
CA ASP A 88 -14.38 -0.01 0.32
C ASP A 88 -15.65 -0.86 0.34
N ARG A 89 -16.76 -0.19 0.64
CA ARG A 89 -18.05 -0.87 0.70
C ARG A 89 -19.17 0.09 0.29
N LEU A 90 -20.24 -0.49 -0.21
CA LEU A 90 -21.38 0.30 -0.64
C LEU A 90 -22.67 -0.30 -0.06
N ARG A 91 -23.76 0.40 -0.28
CA ARG A 91 -25.06 -0.05 0.22
C ARG A 91 -25.46 -1.37 -0.46
N PHE A 92 -25.01 -1.50 -1.70
CA PHE A 92 -25.32 -2.69 -2.47
C PHE A 92 -24.66 -3.93 -1.86
N TYR A 93 -23.63 -3.68 -1.07
CA TYR A 93 -22.91 -4.75 -0.41
C TYR A 93 -23.55 -5.11 0.93
N VAL A 94 -23.60 -6.40 1.20
CA VAL A 94 -24.20 -6.89 2.44
C VAL A 94 -23.08 -7.21 3.43
N LYS A 95 -21.85 -7.04 2.97
CA LYS A 95 -20.69 -7.32 3.80
C LYS A 95 -20.34 -6.06 4.60
N PHE A 96 -20.26 -4.94 3.89
CA PHE A 96 -19.94 -3.67 4.52
C PHE A 96 -18.84 -3.84 5.57
N GLY A 97 -17.87 -4.69 5.24
CA GLY A 97 -16.77 -4.95 6.15
C GLY A 97 -16.00 -3.66 6.46
N PRO A 98 -15.45 -3.61 7.71
CA PRO A 98 -14.69 -2.46 8.15
C PRO A 98 -13.31 -2.42 7.49
N GLY A 99 -13.09 -3.36 6.58
CA GLY A 99 -11.83 -3.45 5.87
C GLY A 99 -10.67 -3.00 6.77
N ALA A 100 -10.49 -3.73 7.86
CA ALA A 100 -9.43 -3.42 8.81
C ALA A 100 -8.18 -4.23 8.45
N VAL A 101 -7.06 -3.78 8.99
CA VAL A 101 -5.79 -4.44 8.73
C VAL A 101 -5.98 -5.96 8.85
N ILE A 102 -6.83 -6.35 9.79
CA ILE A 102 -7.11 -7.76 10.01
C ILE A 102 -7.35 -8.44 8.67
N LYS A 103 -8.27 -7.86 7.89
CA LYS A 103 -8.61 -8.40 6.59
C LYS A 103 -7.33 -8.76 5.86
N GLU A 104 -6.30 -7.95 6.06
CA GLU A 104 -5.01 -8.19 5.43
C GLU A 104 -4.64 -9.66 5.52
N PHE A 105 -4.99 -10.26 6.65
CA PHE A 105 -4.69 -11.67 6.87
C PHE A 105 -5.03 -12.51 5.63
N LYS A 106 -6.09 -12.10 4.96
CA LYS A 106 -6.53 -12.81 3.77
C LYS A 106 -5.36 -12.91 2.79
N ILE A 107 -4.37 -12.06 2.99
CA ILE A 107 -3.19 -12.05 2.14
C ILE A 107 -2.83 -13.49 1.76
N THR A 108 -2.94 -14.37 2.74
CA THR A 108 -2.64 -15.77 2.52
C THR A 108 -3.68 -16.66 3.20
N ASP A 109 -3.78 -16.50 4.52
CA ASP A 109 -4.73 -17.27 5.30
C ASP A 109 -6.13 -17.07 4.73
N MET A 1 7.59 -4.91 17.45
CA MET A 1 8.83 -4.99 16.68
C MET A 1 8.72 -4.20 15.37
N SER A 2 8.40 -4.92 14.31
CA SER A 2 8.25 -4.30 13.01
C SER A 2 7.14 -4.98 12.22
N GLU A 3 6.09 -4.23 11.95
CA GLU A 3 4.95 -4.75 11.21
C GLU A 3 4.41 -3.69 10.25
N VAL A 4 4.62 -3.94 8.96
CA VAL A 4 4.17 -3.02 7.93
C VAL A 4 3.21 -3.75 7.00
N ASN A 5 1.99 -3.23 6.93
CA ASN A 5 0.97 -3.82 6.07
C ASN A 5 0.20 -2.71 5.36
N ILE A 6 -0.09 -2.96 4.09
CA ILE A 6 -0.81 -1.99 3.29
C ILE A 6 -1.74 -2.73 2.32
N VAL A 7 -3.03 -2.42 2.44
CA VAL A 7 -4.02 -3.04 1.57
C VAL A 7 -4.76 -1.97 0.79
N VAL A 8 -4.78 -2.14 -0.52
CA VAL A 8 -5.44 -1.19 -1.39
C VAL A 8 -6.36 -1.94 -2.36
N ASN A 9 -7.65 -1.74 -2.18
CA ASN A 9 -8.64 -2.39 -3.02
C ASN A 9 -9.42 -1.32 -3.81
N GLY A 10 -9.17 -1.29 -5.11
CA GLY A 10 -9.83 -0.34 -5.97
C GLY A 10 -9.15 1.02 -5.93
N ARG A 11 -7.84 1.00 -6.19
CA ARG A 11 -7.06 2.22 -6.17
C ARG A 11 -7.64 3.22 -5.18
N GLU A 12 -7.94 2.72 -3.99
CA GLU A 12 -8.50 3.56 -2.95
C GLU A 12 -7.39 4.13 -2.06
N ALA A 13 -7.45 5.44 -1.86
CA ALA A 13 -6.46 6.11 -1.03
C ALA A 13 -7.15 7.17 -0.17
N GLY A 14 -6.45 7.60 0.87
CA GLY A 14 -6.98 8.60 1.77
C GLY A 14 -5.88 9.18 2.65
N SER A 15 -4.74 9.48 2.02
CA SER A 15 -3.61 10.04 2.72
C SER A 15 -2.75 10.85 1.76
N LYS A 16 -1.70 11.45 2.33
CA LYS A 16 -0.80 12.25 1.53
C LYS A 16 0.14 11.34 0.74
N SER A 17 -0.01 10.04 0.99
CA SER A 17 0.81 9.05 0.31
C SER A 17 0.70 9.24 -1.20
N LYS A 18 -0.48 9.65 -1.63
CA LYS A 18 -0.72 9.86 -3.06
C LYS A 18 0.39 10.74 -3.63
N GLY A 19 0.95 11.58 -2.76
CA GLY A 19 2.02 12.47 -3.18
C GLY A 19 3.33 11.70 -3.37
N CYS A 20 4.20 11.83 -2.38
CA CYS A 20 5.49 11.16 -2.42
C CYS A 20 5.76 10.52 -1.05
N ALA A 21 6.78 9.70 -1.01
CA ALA A 21 7.15 9.03 0.22
C ALA A 21 7.61 10.06 1.25
N LEU A 22 8.45 10.98 0.78
CA LEU A 22 8.98 12.02 1.64
C LEU A 22 8.13 13.29 1.46
N CYS A 23 7.88 13.62 0.21
CA CYS A 23 7.08 14.80 -0.11
C CYS A 23 5.62 14.39 -0.17
N GLY A 24 4.77 15.39 -0.40
CA GLY A 24 3.34 15.14 -0.49
C GLY A 24 2.62 16.34 -1.10
N ALA A 25 3.07 16.72 -2.29
CA ALA A 25 2.48 17.85 -2.99
C ALA A 25 1.71 17.34 -4.21
N THR A 26 1.96 16.08 -4.54
CA THR A 26 1.30 15.45 -5.68
C THR A 26 0.17 14.54 -5.21
N TRP A 27 -0.59 14.04 -6.17
CA TRP A 27 -1.70 13.17 -5.88
C TRP A 27 -2.16 12.53 -7.19
N GLY A 28 -2.48 11.24 -7.11
CA GLY A 28 -2.94 10.51 -8.27
C GLY A 28 -3.39 9.09 -7.89
N ASP A 29 -4.37 8.61 -8.62
CA ASP A 29 -4.91 7.28 -8.36
C ASP A 29 -4.40 6.31 -9.45
N TYR A 30 -4.36 6.82 -10.67
CA TYR A 30 -3.91 6.02 -11.79
C TYR A 30 -2.55 5.38 -11.49
N HIS A 31 -1.85 5.97 -10.53
CA HIS A 31 -0.54 5.46 -10.14
C HIS A 31 -0.70 4.48 -8.98
N ALA A 32 0.38 3.79 -8.68
CA ALA A 32 0.38 2.82 -7.60
C ALA A 32 1.42 3.23 -6.55
N ASP A 33 1.16 2.83 -5.32
CA ASP A 33 2.05 3.15 -4.21
C ASP A 33 2.64 1.85 -3.64
N PHE A 34 3.55 2.02 -2.70
CA PHE A 34 4.19 0.88 -2.07
C PHE A 34 3.71 0.71 -0.63
N LEU A 35 4.23 -0.32 0.02
CA LEU A 35 3.86 -0.60 1.39
C LEU A 35 4.06 0.65 2.24
N GLY A 36 4.97 1.49 1.80
CA GLY A 36 5.26 2.74 2.50
C GLY A 36 4.30 3.84 2.08
N GLU A 37 3.13 3.43 1.60
CA GLU A 37 2.12 4.37 1.17
C GLU A 37 2.78 5.63 0.60
N ASP A 38 3.35 5.48 -0.59
CA ASP A 38 4.01 6.59 -1.24
C ASP A 38 3.89 6.43 -2.76
N LEU A 39 3.79 7.57 -3.44
CA LEU A 39 3.67 7.56 -4.89
C LEU A 39 4.92 8.19 -5.50
N PHE A 40 5.61 7.41 -6.31
CA PHE A 40 6.83 7.88 -6.96
C PHE A 40 6.57 8.16 -8.44
N PHE A 41 5.39 7.78 -8.90
CA PHE A 41 5.01 7.99 -10.28
C PHE A 41 4.88 9.48 -10.60
N CYS A 42 4.99 10.28 -9.55
CA CYS A 42 4.90 11.73 -9.71
C CYS A 42 6.26 12.26 -10.14
N CYS A 43 7.25 12.01 -9.31
CA CYS A 43 8.61 12.46 -9.59
C CYS A 43 9.46 11.23 -9.90
N ASP A 44 9.43 10.29 -8.97
CA ASP A 44 10.20 9.06 -9.13
C ASP A 44 11.69 9.37 -8.93
N ILE A 45 11.95 10.54 -8.37
CA ILE A 45 13.31 10.96 -8.12
C ILE A 45 13.63 10.82 -6.64
N CYS A 46 12.90 11.58 -5.84
CA CYS A 46 13.09 11.54 -4.39
C CYS A 46 12.16 10.48 -3.81
N ALA A 47 11.26 9.99 -4.66
CA ALA A 47 10.32 8.96 -4.24
C ALA A 47 10.81 7.60 -4.72
N ALA A 48 10.15 6.56 -4.22
CA ALA A 48 10.51 5.21 -4.58
C ALA A 48 11.91 4.90 -4.07
N GLU A 49 12.04 4.90 -2.75
CA GLU A 49 13.33 4.62 -2.12
C GLU A 49 13.55 3.11 -2.01
N PHE A 50 14.80 2.71 -2.15
CA PHE A 50 15.16 1.31 -2.06
C PHE A 50 15.22 0.85 -0.60
N MET A 51 14.98 1.81 0.30
CA MET A 51 15.00 1.51 1.71
C MET A 51 13.87 0.55 2.10
N ASN A 52 12.99 0.32 1.14
CA ASN A 52 11.87 -0.58 1.36
C ASN A 52 12.17 -1.93 0.73
N MET A 53 11.20 -2.83 0.82
CA MET A 53 11.35 -4.16 0.26
C MET A 53 10.95 -4.19 -1.21
N MET A 54 11.58 -5.10 -1.95
CA MET A 54 11.29 -5.23 -3.37
C MET A 54 9.84 -5.70 -3.60
N ASP A 55 9.44 -6.67 -2.78
CA ASP A 55 8.10 -7.21 -2.89
C ASP A 55 7.09 -6.06 -3.01
N GLU A 56 7.40 -4.98 -2.31
CA GLU A 56 6.53 -3.80 -2.33
C GLU A 56 6.26 -3.37 -3.77
N ALA A 57 7.30 -3.49 -4.59
CA ALA A 57 7.19 -3.12 -5.99
C ALA A 57 6.20 -4.03 -6.69
N PHE A 58 6.46 -5.33 -6.57
CA PHE A 58 5.60 -6.33 -7.19
C PHE A 58 4.13 -6.03 -6.90
N LYS A 59 3.87 -5.60 -5.67
CA LYS A 59 2.51 -5.27 -5.27
C LYS A 59 2.01 -4.08 -6.08
N HIS A 60 2.87 -3.08 -6.20
CA HIS A 60 2.53 -1.88 -6.93
C HIS A 60 2.00 -2.27 -8.32
N THR A 61 2.69 -3.20 -8.94
CA THR A 61 2.29 -3.67 -10.27
C THR A 61 0.93 -4.35 -10.20
N ALA A 62 0.69 -5.04 -9.08
CA ALA A 62 -0.57 -5.73 -8.90
C ALA A 62 -1.66 -4.72 -8.54
N ARG A 63 -1.26 -3.72 -7.77
CA ARG A 63 -2.19 -2.68 -7.35
C ARG A 63 -2.43 -1.69 -8.48
N HIS A 64 -1.94 -2.06 -9.67
CA HIS A 64 -2.09 -1.22 -10.84
C HIS A 64 -3.36 -1.61 -11.59
N ASN A 65 -3.50 -2.91 -11.82
CA ASN A 65 -4.65 -3.44 -12.53
C ASN A 65 -5.46 -4.32 -11.58
N VAL A 66 -4.77 -5.28 -10.97
CA VAL A 66 -5.42 -6.19 -10.05
C VAL A 66 -5.24 -5.68 -8.62
N ASP A 67 -5.27 -6.60 -7.68
CA ASP A 67 -5.11 -6.26 -6.28
C ASP A 67 -4.18 -7.26 -5.61
N GLU A 68 -3.29 -6.73 -4.78
CA GLU A 68 -2.34 -7.58 -4.06
C GLU A 68 -2.07 -7.01 -2.67
N LEU A 69 -1.97 -7.92 -1.71
CA LEU A 69 -1.71 -7.51 -0.34
C LEU A 69 -0.64 -8.43 0.26
N HIS A 70 0.36 -7.80 0.85
CA HIS A 70 1.45 -8.54 1.46
C HIS A 70 1.93 -7.80 2.71
N ILE A 71 2.23 -8.59 3.74
CA ILE A 71 2.71 -8.03 5.00
C ILE A 71 3.90 -8.84 5.51
N ASP A 72 4.97 -8.12 5.84
CA ASP A 72 6.17 -8.76 6.33
C ASP A 72 6.82 -7.86 7.39
N GLY A 73 7.32 -8.51 8.43
CA GLY A 73 7.97 -7.78 9.51
C GLY A 73 9.28 -8.46 9.93
N ASN A 74 10.33 -7.66 10.00
CA ASN A 74 11.64 -8.17 10.38
C ASN A 74 12.38 -7.12 11.20
N TYR A 75 13.06 -7.58 12.23
CA TYR A 75 13.81 -6.70 13.10
C TYR A 75 14.86 -5.91 12.31
N GLN A 76 15.11 -6.38 11.10
CA GLN A 76 16.08 -5.74 10.23
C GLN A 76 15.39 -5.00 9.09
N LEU A 77 14.07 -5.17 9.04
CA LEU A 77 13.27 -4.53 7.99
C LEU A 77 13.59 -3.04 7.96
N GLY A 78 13.61 -2.44 9.15
CA GLY A 78 13.90 -1.02 9.27
C GLY A 78 13.11 -0.40 10.42
N ARG A 79 12.29 -1.23 11.05
CA ARG A 79 11.47 -0.78 12.17
C ARG A 79 10.44 0.24 11.68
N ASN A 80 9.70 -0.16 10.67
CA ASN A 80 8.66 0.70 10.10
C ASN A 80 7.31 0.00 10.18
N VAL A 81 6.39 0.64 10.89
CA VAL A 81 5.05 0.08 11.05
C VAL A 81 4.03 1.02 10.41
N LEU A 82 3.45 0.57 9.31
CA LEU A 82 2.47 1.36 8.60
C LEU A 82 1.19 0.55 8.44
N LEU A 83 0.11 1.08 9.00
CA LEU A 83 -1.17 0.41 8.92
C LEU A 83 -2.14 1.27 8.11
N LYS A 84 -2.47 0.77 6.93
CA LYS A 84 -3.38 1.49 6.04
C LYS A 84 -4.53 0.57 5.65
N ASN A 85 -5.74 0.99 6.01
CA ASN A 85 -6.93 0.22 5.70
C ASN A 85 -7.80 0.99 4.72
N GLY A 86 -7.92 0.43 3.52
CA GLY A 86 -8.73 1.05 2.48
C GLY A 86 -9.84 0.12 2.00
N GLU A 87 -11.06 0.57 2.16
CA GLU A 87 -12.22 -0.21 1.76
C GLU A 87 -13.06 0.57 0.74
N ASP A 88 -13.20 -0.01 -0.44
CA ASP A 88 -13.97 0.61 -1.49
C ASP A 88 -15.17 -0.28 -1.84
N ARG A 89 -16.32 0.36 -1.99
CA ARG A 89 -17.54 -0.35 -2.31
C ARG A 89 -18.44 0.52 -3.20
N LEU A 90 -18.91 -0.09 -4.27
CA LEU A 90 -19.78 0.61 -5.21
C LEU A 90 -21.13 -0.09 -5.26
N ARG A 91 -22.10 0.58 -5.87
CA ARG A 91 -23.44 0.04 -6.00
C ARG A 91 -23.47 -1.04 -7.09
N PHE A 92 -22.39 -1.08 -7.86
CA PHE A 92 -22.28 -2.04 -8.94
C PHE A 92 -21.94 -3.43 -8.40
N TYR A 93 -21.15 -3.43 -7.34
CA TYR A 93 -20.73 -4.68 -6.72
C TYR A 93 -21.11 -4.70 -5.23
N VAL A 94 -21.31 -5.91 -4.72
CA VAL A 94 -21.66 -6.08 -3.33
C VAL A 94 -20.50 -6.74 -2.58
N LYS A 95 -19.89 -7.71 -3.23
CA LYS A 95 -18.77 -8.43 -2.65
C LYS A 95 -17.62 -7.45 -2.42
N PHE A 96 -17.11 -6.91 -3.52
CA PHE A 96 -16.00 -5.96 -3.45
C PHE A 96 -15.04 -6.34 -2.34
N GLY A 97 -14.54 -7.57 -2.41
CA GLY A 97 -13.60 -8.05 -1.42
C GLY A 97 -12.87 -6.89 -0.74
N PRO A 98 -13.41 -6.48 0.44
CA PRO A 98 -12.82 -5.40 1.19
C PRO A 98 -11.55 -5.85 1.90
N GLY A 99 -10.45 -5.82 1.16
CA GLY A 99 -9.16 -6.23 1.70
C GLY A 99 -8.93 -5.60 3.08
N ALA A 100 -9.22 -6.39 4.11
CA ALA A 100 -9.04 -5.92 5.48
C ALA A 100 -7.76 -6.53 6.06
N VAL A 101 -7.20 -5.82 7.03
CA VAL A 101 -5.98 -6.29 7.68
C VAL A 101 -6.12 -7.77 8.02
N ILE A 102 -7.33 -8.13 8.44
CA ILE A 102 -7.60 -9.51 8.80
C ILE A 102 -7.45 -10.41 7.56
N LYS A 103 -7.99 -9.91 6.46
CA LYS A 103 -7.92 -10.66 5.21
C LYS A 103 -6.45 -10.78 4.77
N GLU A 104 -5.75 -9.65 4.82
CA GLU A 104 -4.36 -9.62 4.43
C GLU A 104 -3.53 -10.52 5.35
N PHE A 105 -3.79 -10.38 6.64
CA PHE A 105 -3.08 -11.17 7.63
C PHE A 105 -2.99 -12.64 7.20
N LYS A 106 -4.05 -13.09 6.56
CA LYS A 106 -4.12 -14.47 6.09
C LYS A 106 -2.91 -14.74 5.19
N ILE A 107 -2.69 -13.84 4.24
CA ILE A 107 -1.59 -13.98 3.31
C ILE A 107 -0.42 -14.67 4.02
N THR A 108 -0.19 -14.26 5.26
CA THR A 108 0.89 -14.82 6.04
C THR A 108 0.60 -14.65 7.53
N ASP A 109 0.44 -13.40 7.94
CA ASP A 109 0.16 -13.09 9.34
C ASP A 109 -1.09 -13.86 9.78
N MET A 1 9.40 -2.69 17.41
CA MET A 1 9.35 -3.65 16.34
C MET A 1 9.07 -2.96 15.00
N SER A 2 9.23 -3.73 13.92
CA SER A 2 8.99 -3.20 12.59
C SER A 2 7.91 -4.02 11.89
N GLU A 3 6.86 -3.33 11.48
CA GLU A 3 5.75 -3.99 10.80
C GLU A 3 5.18 -3.07 9.70
N VAL A 4 5.07 -3.63 8.51
CA VAL A 4 4.55 -2.86 7.38
C VAL A 4 3.23 -3.49 6.93
N ASN A 5 2.28 -2.63 6.59
CA ASN A 5 0.98 -3.09 6.14
C ASN A 5 0.46 -2.14 5.05
N ILE A 6 0.13 -2.74 3.92
CA ILE A 6 -0.37 -1.97 2.79
C ILE A 6 -1.52 -2.74 2.12
N VAL A 7 -2.62 -2.03 1.94
CA VAL A 7 -3.79 -2.63 1.32
C VAL A 7 -4.46 -1.60 0.41
N VAL A 8 -4.82 -2.06 -0.79
CA VAL A 8 -5.46 -1.19 -1.75
C VAL A 8 -6.51 -1.99 -2.53
N ASN A 9 -7.77 -1.63 -2.31
CA ASN A 9 -8.87 -2.30 -2.98
C ASN A 9 -9.60 -1.30 -3.87
N GLY A 10 -9.50 -1.52 -5.17
CA GLY A 10 -10.16 -0.66 -6.14
C GLY A 10 -9.38 0.65 -6.31
N ARG A 11 -8.06 0.52 -6.35
CA ARG A 11 -7.20 1.67 -6.50
C ARG A 11 -7.79 2.89 -5.79
N GLU A 12 -8.15 2.67 -4.52
CA GLU A 12 -8.73 3.73 -3.72
C GLU A 12 -7.64 4.45 -2.92
N ALA A 13 -7.70 5.77 -2.94
CA ALA A 13 -6.73 6.57 -2.23
C ALA A 13 -7.44 7.35 -1.11
N GLY A 14 -6.78 7.39 0.04
CA GLY A 14 -7.33 8.08 1.19
C GLY A 14 -6.27 8.32 2.26
N SER A 15 -5.03 8.42 1.80
CA SER A 15 -3.91 8.64 2.71
C SER A 15 -3.01 9.74 2.16
N LYS A 16 -2.07 10.16 3.01
CA LYS A 16 -1.15 11.22 2.63
C LYS A 16 -0.01 10.61 1.80
N SER A 17 -0.21 9.37 1.41
CA SER A 17 0.79 8.66 0.62
C SER A 17 0.66 9.06 -0.86
N LYS A 18 -0.46 9.70 -1.18
CA LYS A 18 -0.72 10.13 -2.54
C LYS A 18 0.46 10.97 -3.03
N GLY A 19 0.99 11.78 -2.13
CA GLY A 19 2.12 12.63 -2.47
C GLY A 19 3.42 11.83 -2.51
N CYS A 20 4.48 12.46 -2.02
CA CYS A 20 5.78 11.82 -1.99
C CYS A 20 6.07 11.35 -0.56
N ALA A 21 6.97 10.38 -0.46
CA ALA A 21 7.34 9.85 0.83
C ALA A 21 7.71 10.99 1.78
N LEU A 22 8.11 12.10 1.17
CA LEU A 22 8.50 13.28 1.94
C LEU A 22 7.25 13.89 2.58
N CYS A 23 6.31 14.28 1.72
CA CYS A 23 5.08 14.88 2.19
C CYS A 23 3.94 14.39 1.30
N GLY A 24 2.72 14.62 1.76
CA GLY A 24 1.54 14.21 1.02
C GLY A 24 0.75 15.43 0.53
N ALA A 25 1.34 16.14 -0.41
CA ALA A 25 0.70 17.32 -0.97
C ALA A 25 0.25 17.03 -2.40
N THR A 26 1.03 16.19 -3.07
CA THR A 26 0.72 15.82 -4.44
C THR A 26 -0.16 14.58 -4.48
N TRP A 27 -0.87 14.43 -5.59
CA TRP A 27 -1.76 13.30 -5.75
C TRP A 27 -1.64 12.81 -7.21
N GLY A 28 -1.74 11.50 -7.37
CA GLY A 28 -1.64 10.89 -8.69
C GLY A 28 -2.11 9.44 -8.66
N ASP A 29 -3.17 9.17 -9.40
CA ASP A 29 -3.72 7.83 -9.48
C ASP A 29 -3.11 7.10 -10.68
N TYR A 30 -2.94 7.85 -11.76
CA TYR A 30 -2.37 7.29 -12.97
C TYR A 30 -1.09 6.53 -12.67
N HIS A 31 -0.48 6.85 -11.55
CA HIS A 31 0.75 6.21 -11.14
C HIS A 31 0.45 5.01 -10.26
N ALA A 32 1.48 4.23 -9.97
CA ALA A 32 1.33 3.04 -9.16
C ALA A 32 2.13 3.22 -7.86
N ASP A 33 1.41 3.16 -6.74
CA ASP A 33 2.04 3.31 -5.44
C ASP A 33 2.56 1.94 -4.97
N PHE A 34 3.79 1.96 -4.47
CA PHE A 34 4.41 0.74 -3.98
C PHE A 34 4.28 0.63 -2.47
N LEU A 35 4.82 -0.46 -1.94
CA LEU A 35 4.77 -0.70 -0.51
C LEU A 35 5.25 0.55 0.24
N GLY A 36 6.10 1.31 -0.43
CA GLY A 36 6.63 2.52 0.14
C GLY A 36 5.51 3.47 0.57
N GLU A 37 4.42 3.41 -0.17
CA GLU A 37 3.27 4.24 0.13
C GLU A 37 3.55 5.69 -0.26
N ASP A 38 4.05 5.85 -1.48
CA ASP A 38 4.37 7.18 -1.98
C ASP A 38 4.19 7.20 -3.50
N LEU A 39 4.32 8.39 -4.06
CA LEU A 39 4.17 8.57 -5.50
C LEU A 39 5.54 8.87 -6.11
N PHE A 40 5.96 8.00 -7.01
CA PHE A 40 7.25 8.16 -7.67
C PHE A 40 7.07 8.71 -9.09
N PHE A 41 5.83 9.09 -9.39
CA PHE A 41 5.51 9.62 -10.70
C PHE A 41 5.47 11.16 -10.67
N CYS A 42 5.71 11.70 -9.48
CA CYS A 42 5.70 13.15 -9.32
C CYS A 42 7.15 13.62 -9.13
N CYS A 43 7.81 13.03 -8.15
CA CYS A 43 9.19 13.37 -7.85
C CYS A 43 10.07 12.19 -8.26
N ASP A 44 9.81 11.05 -7.64
CA ASP A 44 10.57 9.84 -7.92
C ASP A 44 12.04 10.07 -7.55
N ILE A 45 12.26 11.13 -6.77
CA ILE A 45 13.60 11.47 -6.32
C ILE A 45 13.77 11.07 -4.86
N CYS A 46 12.97 11.71 -4.02
CA CYS A 46 13.02 11.43 -2.59
C CYS A 46 11.96 10.37 -2.27
N ALA A 47 11.12 10.10 -3.26
CA ALA A 47 10.07 9.11 -3.09
C ALA A 47 10.51 7.80 -3.74
N ALA A 48 9.74 6.75 -3.45
CA ALA A 48 10.04 5.44 -3.99
C ALA A 48 11.34 4.92 -3.38
N GLU A 49 11.30 4.71 -2.07
CA GLU A 49 12.45 4.23 -1.35
C GLU A 49 12.52 2.70 -1.44
N PHE A 50 13.70 2.21 -1.81
CA PHE A 50 13.90 0.78 -1.93
C PHE A 50 14.07 0.13 -0.55
N MET A 51 13.98 0.96 0.48
CA MET A 51 14.11 0.48 1.84
C MET A 51 13.12 -0.64 2.13
N ASN A 52 12.11 -0.72 1.28
CA ASN A 52 11.08 -1.75 1.43
C ASN A 52 11.52 -3.01 0.70
N MET A 53 10.63 -3.99 0.69
CA MET A 53 10.91 -5.26 0.04
C MET A 53 10.58 -5.19 -1.46
N MET A 54 11.20 -6.09 -2.21
CA MET A 54 10.97 -6.14 -3.65
C MET A 54 9.49 -6.25 -3.97
N ASP A 55 8.78 -6.98 -3.12
CA ASP A 55 7.35 -7.16 -3.31
C ASP A 55 6.70 -5.83 -3.64
N GLU A 56 7.25 -4.77 -3.04
CA GLU A 56 6.73 -3.43 -3.27
C GLU A 56 6.49 -3.20 -4.77
N ALA A 57 7.42 -3.71 -5.56
CA ALA A 57 7.32 -3.57 -7.02
C ALA A 57 6.08 -4.33 -7.51
N PHE A 58 6.02 -5.60 -7.12
CA PHE A 58 4.89 -6.43 -7.51
C PHE A 58 3.57 -5.88 -6.97
N LYS A 59 3.65 -5.32 -5.78
CA LYS A 59 2.48 -4.75 -5.14
C LYS A 59 1.69 -3.93 -6.16
N HIS A 60 2.43 -3.29 -7.05
CA HIS A 60 1.82 -2.46 -8.08
C HIS A 60 1.00 -3.35 -9.02
N THR A 61 1.67 -4.35 -9.56
CA THR A 61 1.02 -5.27 -10.48
C THR A 61 -0.14 -5.99 -9.78
N ALA A 62 0.07 -6.27 -8.49
CA ALA A 62 -0.93 -6.95 -7.71
C ALA A 62 -2.24 -6.16 -7.76
N ARG A 63 -2.14 -4.89 -7.38
CA ARG A 63 -3.30 -4.02 -7.38
C ARG A 63 -3.49 -3.39 -8.75
N HIS A 64 -2.71 -3.86 -9.70
CA HIS A 64 -2.77 -3.35 -11.06
C HIS A 64 -4.03 -3.89 -11.76
N ASN A 65 -4.13 -5.21 -11.76
CA ASN A 65 -5.26 -5.87 -12.39
C ASN A 65 -6.08 -6.59 -11.31
N VAL A 66 -5.40 -7.44 -10.57
CA VAL A 66 -6.05 -8.20 -9.51
C VAL A 66 -5.86 -7.46 -8.18
N ASP A 67 -6.02 -8.21 -7.10
CA ASP A 67 -5.88 -7.64 -5.77
C ASP A 67 -5.04 -8.59 -4.90
N GLU A 68 -4.03 -8.01 -4.26
CA GLU A 68 -3.15 -8.78 -3.40
C GLU A 68 -2.71 -7.95 -2.20
N LEU A 69 -2.67 -8.60 -1.05
CA LEU A 69 -2.27 -7.93 0.18
C LEU A 69 -1.29 -8.82 0.94
N HIS A 70 -0.18 -8.21 1.35
CA HIS A 70 0.84 -8.93 2.08
C HIS A 70 1.36 -8.05 3.22
N ILE A 71 1.60 -8.69 4.36
CA ILE A 71 2.11 -7.99 5.53
C ILE A 71 3.23 -8.80 6.16
N ASP A 72 4.34 -8.12 6.42
CA ASP A 72 5.49 -8.77 7.02
C ASP A 72 6.19 -7.77 7.95
N GLY A 73 6.63 -8.29 9.09
CA GLY A 73 7.32 -7.46 10.06
C GLY A 73 8.57 -8.16 10.60
N ASN A 74 9.68 -7.44 10.58
CA ASN A 74 10.94 -7.99 11.05
C ASN A 74 11.75 -6.87 11.72
N TYR A 75 12.38 -7.23 12.83
CA TYR A 75 13.19 -6.27 13.57
C TYR A 75 14.47 -5.93 12.82
N GLN A 76 14.64 -6.60 11.68
CA GLN A 76 15.82 -6.37 10.86
C GLN A 76 15.43 -5.69 9.55
N LEU A 77 14.13 -5.52 9.37
CA LEU A 77 13.60 -4.89 8.17
C LEU A 77 14.32 -3.55 7.96
N GLY A 78 14.08 -2.65 8.90
CA GLY A 78 14.69 -1.33 8.84
C GLY A 78 13.89 -0.31 9.64
N ARG A 79 13.30 -0.80 10.73
CA ARG A 79 12.49 0.05 11.60
C ARG A 79 11.52 0.88 10.77
N ASN A 80 10.76 0.19 9.92
CA ASN A 80 9.78 0.85 9.08
C ASN A 80 8.39 0.35 9.44
N VAL A 81 7.56 1.28 9.89
CA VAL A 81 6.20 0.97 10.27
C VAL A 81 5.23 1.82 9.46
N LEU A 82 4.52 1.15 8.56
CA LEU A 82 3.56 1.83 7.71
C LEU A 82 2.19 1.16 7.85
N LEU A 83 1.22 1.94 8.29
CA LEU A 83 -0.13 1.45 8.48
C LEU A 83 -1.07 2.16 7.52
N LYS A 84 -1.55 1.42 6.53
CA LYS A 84 -2.45 1.97 5.54
C LYS A 84 -3.73 1.12 5.50
N ASN A 85 -4.85 1.77 5.79
CA ASN A 85 -6.13 1.09 5.78
C ASN A 85 -7.01 1.67 4.66
N GLY A 86 -7.29 0.83 3.68
CA GLY A 86 -8.12 1.25 2.56
C GLY A 86 -9.42 0.46 2.51
N GLU A 87 -10.52 1.19 2.70
CA GLU A 87 -11.84 0.58 2.69
C GLU A 87 -12.74 1.27 1.66
N ASP A 88 -13.18 0.48 0.69
CA ASP A 88 -14.05 1.00 -0.36
C ASP A 88 -15.42 0.33 -0.26
N ARG A 89 -16.45 1.14 -0.45
CA ARG A 89 -17.81 0.64 -0.38
C ARG A 89 -18.61 1.12 -1.60
N LEU A 90 -19.23 0.17 -2.28
CA LEU A 90 -20.02 0.48 -3.45
C LEU A 90 -21.36 -0.27 -3.38
N ARG A 91 -22.20 -0.01 -4.37
CA ARG A 91 -23.50 -0.66 -4.43
C ARG A 91 -23.33 -2.17 -4.55
N PHE A 92 -22.26 -2.58 -5.21
CA PHE A 92 -21.98 -3.99 -5.40
C PHE A 92 -21.75 -4.69 -4.07
N TYR A 93 -21.17 -3.93 -3.13
CA TYR A 93 -20.90 -4.47 -1.81
C TYR A 93 -22.00 -4.09 -0.82
N VAL A 94 -22.55 -5.10 -0.17
CA VAL A 94 -23.61 -4.88 0.80
C VAL A 94 -23.09 -5.24 2.20
N LYS A 95 -22.29 -6.30 2.24
CA LYS A 95 -21.74 -6.75 3.50
C LYS A 95 -20.89 -5.63 4.12
N PHE A 96 -20.34 -4.81 3.25
CA PHE A 96 -19.51 -3.70 3.70
C PHE A 96 -18.31 -4.19 4.50
N GLY A 97 -17.54 -5.08 3.88
CA GLY A 97 -16.36 -5.63 4.51
C GLY A 97 -15.37 -4.53 4.88
N PRO A 98 -15.24 -4.29 6.22
CA PRO A 98 -14.32 -3.28 6.71
C PRO A 98 -12.87 -3.75 6.61
N GLY A 99 -12.07 -2.96 5.92
CA GLY A 99 -10.65 -3.28 5.75
C GLY A 99 -9.80 -2.59 6.81
N ALA A 100 -9.52 -3.33 7.88
CA ALA A 100 -8.72 -2.80 8.96
C ALA A 100 -7.43 -3.60 9.08
N VAL A 101 -6.40 -2.95 9.60
CA VAL A 101 -5.10 -3.60 9.77
C VAL A 101 -5.31 -4.97 10.41
N ILE A 102 -6.27 -5.02 11.32
CA ILE A 102 -6.57 -6.27 12.02
C ILE A 102 -7.12 -7.28 11.01
N LYS A 103 -7.97 -6.79 10.13
CA LYS A 103 -8.57 -7.65 9.11
C LYS A 103 -7.47 -8.15 8.16
N GLU A 104 -6.52 -7.27 7.89
CA GLU A 104 -5.42 -7.61 7.01
C GLU A 104 -4.87 -8.99 7.36
N PHE A 105 -4.89 -9.29 8.65
CA PHE A 105 -4.39 -10.57 9.13
C PHE A 105 -4.91 -11.72 8.26
N LYS A 106 -6.15 -11.55 7.80
CA LYS A 106 -6.78 -12.56 6.97
C LYS A 106 -5.80 -13.00 5.88
N ILE A 107 -4.89 -12.10 5.55
CA ILE A 107 -3.90 -12.38 4.52
C ILE A 107 -3.43 -13.83 4.66
N THR A 108 -3.32 -14.27 5.90
CA THR A 108 -2.89 -15.63 6.17
C THR A 108 -3.71 -16.23 7.32
N ASP A 109 -3.56 -15.63 8.49
CA ASP A 109 -4.27 -16.09 9.67
C ASP A 109 -5.77 -16.09 9.39
N MET A 1 8.09 -6.30 16.64
CA MET A 1 8.99 -5.16 16.62
C MET A 1 8.59 -4.17 15.51
N SER A 2 8.58 -4.68 14.29
CA SER A 2 8.22 -3.87 13.13
C SER A 2 7.36 -4.68 12.17
N GLU A 3 6.30 -4.05 11.70
CA GLU A 3 5.39 -4.71 10.77
C GLU A 3 4.84 -3.68 9.76
N VAL A 4 5.05 -3.98 8.50
CA VAL A 4 4.58 -3.11 7.44
C VAL A 4 3.52 -3.83 6.61
N ASN A 5 2.29 -3.37 6.75
CA ASN A 5 1.18 -3.96 6.02
C ASN A 5 0.38 -2.86 5.32
N ILE A 6 0.10 -3.10 4.04
CA ILE A 6 -0.66 -2.14 3.25
C ILE A 6 -1.61 -2.89 2.32
N VAL A 7 -2.87 -2.50 2.38
CA VAL A 7 -3.88 -3.13 1.54
C VAL A 7 -4.64 -2.05 0.75
N VAL A 8 -4.62 -2.21 -0.56
CA VAL A 8 -5.29 -1.26 -1.43
C VAL A 8 -6.39 -1.97 -2.20
N ASN A 9 -7.58 -1.36 -2.18
CA ASN A 9 -8.72 -1.93 -2.87
C ASN A 9 -9.21 -0.95 -3.94
N GLY A 10 -9.08 -1.36 -5.19
CA GLY A 10 -9.50 -0.53 -6.30
C GLY A 10 -8.66 0.75 -6.38
N ARG A 11 -7.45 0.66 -5.87
CA ARG A 11 -6.54 1.79 -5.88
C ARG A 11 -7.08 2.90 -4.99
N GLU A 12 -7.27 2.57 -3.72
CA GLU A 12 -7.78 3.53 -2.77
C GLU A 12 -6.65 4.04 -1.86
N ALA A 13 -6.78 5.30 -1.46
CA ALA A 13 -5.78 5.92 -0.60
C ALA A 13 -6.47 6.85 0.39
N GLY A 14 -5.91 6.92 1.59
CA GLY A 14 -6.46 7.76 2.63
C GLY A 14 -5.55 8.97 2.90
N SER A 15 -4.28 8.79 2.59
CA SER A 15 -3.30 9.84 2.79
C SER A 15 -2.91 10.45 1.45
N LYS A 16 -2.02 11.43 1.51
CA LYS A 16 -1.55 12.10 0.30
C LYS A 16 -0.34 11.34 -0.26
N SER A 17 -0.18 10.12 0.22
CA SER A 17 0.92 9.29 -0.23
C SER A 17 1.08 9.40 -1.74
N LYS A 18 -0.02 9.69 -2.40
CA LYS A 18 -0.02 9.83 -3.86
C LYS A 18 1.10 10.79 -4.26
N GLY A 19 1.51 11.62 -3.32
CA GLY A 19 2.57 12.58 -3.57
C GLY A 19 3.94 11.93 -3.39
N CYS A 20 4.60 12.28 -2.29
CA CYS A 20 5.92 11.75 -2.00
C CYS A 20 5.89 11.15 -0.58
N ALA A 21 6.89 10.34 -0.30
CA ALA A 21 6.99 9.71 1.00
C ALA A 21 7.06 10.79 2.08
N LEU A 22 7.79 11.85 1.78
CA LEU A 22 7.94 12.95 2.71
C LEU A 22 7.13 14.14 2.22
N CYS A 23 7.23 14.40 0.92
CA CYS A 23 6.50 15.50 0.32
C CYS A 23 5.14 14.99 -0.14
N GLY A 24 4.22 15.92 -0.34
CA GLY A 24 2.89 15.58 -0.78
C GLY A 24 2.19 16.77 -1.43
N ALA A 25 2.59 17.05 -2.66
CA ALA A 25 2.02 18.16 -3.40
C ALA A 25 1.13 17.63 -4.53
N THR A 26 1.62 16.58 -5.18
CA THR A 26 0.89 15.97 -6.27
C THR A 26 0.00 14.84 -5.74
N TRP A 27 -1.06 14.57 -6.50
CA TRP A 27 -2.00 13.53 -6.13
C TRP A 27 -2.69 13.02 -7.40
N GLY A 28 -2.90 11.72 -7.44
CA GLY A 28 -3.54 11.10 -8.59
C GLY A 28 -3.55 9.58 -8.46
N ASP A 29 -4.33 8.94 -9.33
CA ASP A 29 -4.43 7.50 -9.32
C ASP A 29 -3.67 6.93 -10.53
N TYR A 30 -3.49 7.78 -11.53
CA TYR A 30 -2.78 7.37 -12.73
C TYR A 30 -1.45 6.70 -12.39
N HIS A 31 -0.90 7.10 -11.25
CA HIS A 31 0.36 6.55 -10.80
C HIS A 31 0.10 5.42 -9.80
N ALA A 32 1.16 4.67 -9.52
CA ALA A 32 1.05 3.56 -8.58
C ALA A 32 1.68 3.97 -7.24
N ASP A 33 1.28 3.25 -6.20
CA ASP A 33 1.79 3.52 -4.87
C ASP A 33 2.70 2.38 -4.42
N PHE A 34 3.30 2.57 -3.26
CA PHE A 34 4.19 1.56 -2.71
C PHE A 34 3.91 1.32 -1.23
N LEU A 35 4.34 0.16 -0.75
CA LEU A 35 4.14 -0.20 0.64
C LEU A 35 4.64 0.93 1.54
N GLY A 36 5.63 1.65 1.03
CA GLY A 36 6.21 2.76 1.77
C GLY A 36 5.25 3.96 1.80
N GLU A 37 4.11 3.78 1.14
CA GLU A 37 3.12 4.83 1.08
C GLU A 37 3.71 6.10 0.47
N ASP A 38 4.23 5.93 -0.74
CA ASP A 38 4.83 7.05 -1.46
C ASP A 38 4.67 6.83 -2.96
N LEU A 39 4.69 7.93 -3.69
CA LEU A 39 4.55 7.88 -5.14
C LEU A 39 5.83 8.42 -5.80
N PHE A 40 6.48 7.53 -6.55
CA PHE A 40 7.70 7.90 -7.23
C PHE A 40 7.45 8.12 -8.73
N PHE A 41 6.23 8.51 -9.04
CA PHE A 41 5.85 8.74 -10.42
C PHE A 41 5.71 10.24 -10.70
N CYS A 42 5.84 11.03 -9.64
CA CYS A 42 5.73 12.47 -9.75
C CYS A 42 7.12 13.07 -9.55
N CYS A 43 7.76 12.64 -8.47
CA CYS A 43 9.09 13.13 -8.15
C CYS A 43 10.09 11.99 -8.37
N ASP A 44 9.88 10.91 -7.65
CA ASP A 44 10.74 9.74 -7.75
C ASP A 44 12.18 10.14 -7.40
N ILE A 45 12.30 11.32 -6.79
CA ILE A 45 13.60 11.82 -6.40
C ILE A 45 13.79 11.65 -4.89
N CYS A 46 12.92 12.31 -4.15
CA CYS A 46 12.98 12.24 -2.69
C CYS A 46 12.05 11.11 -2.23
N ALA A 47 11.24 10.63 -3.17
CA ALA A 47 10.31 9.56 -2.87
C ALA A 47 10.89 8.23 -3.40
N ALA A 48 10.22 7.15 -3.00
CA ALA A 48 10.66 5.82 -3.41
C ALA A 48 11.86 5.40 -2.56
N GLU A 49 11.60 5.24 -1.27
CA GLU A 49 12.65 4.83 -0.34
C GLU A 49 12.81 3.31 -0.36
N PHE A 50 14.04 2.88 -0.18
CA PHE A 50 14.35 1.45 -0.17
C PHE A 50 13.92 0.81 1.15
N MET A 51 13.34 1.64 2.00
CA MET A 51 12.88 1.16 3.31
C MET A 51 11.95 -0.05 3.15
N ASN A 52 11.45 -0.21 1.94
CA ASN A 52 10.54 -1.31 1.64
C ASN A 52 11.28 -2.37 0.80
N MET A 53 10.53 -3.37 0.39
CA MET A 53 11.09 -4.44 -0.40
C MET A 53 10.63 -4.35 -1.86
N MET A 54 11.35 -5.05 -2.73
CA MET A 54 11.02 -5.04 -4.15
C MET A 54 9.63 -5.61 -4.39
N ASP A 55 9.27 -6.61 -3.57
CA ASP A 55 7.97 -7.24 -3.69
C ASP A 55 6.90 -6.16 -3.86
N GLU A 56 7.11 -5.04 -3.19
CA GLU A 56 6.18 -3.94 -3.25
C GLU A 56 5.77 -3.67 -4.70
N ALA A 57 6.77 -3.54 -5.56
CA ALA A 57 6.53 -3.29 -6.97
C ALA A 57 5.42 -4.22 -7.46
N PHE A 58 5.45 -5.44 -6.95
CA PHE A 58 4.47 -6.44 -7.32
C PHE A 58 3.04 -5.96 -7.00
N LYS A 59 2.94 -5.23 -5.90
CA LYS A 59 1.65 -4.71 -5.47
C LYS A 59 0.93 -4.10 -6.68
N HIS A 60 1.60 -3.18 -7.34
CA HIS A 60 1.04 -2.52 -8.50
C HIS A 60 0.56 -3.57 -9.49
N THR A 61 1.47 -4.45 -9.87
CA THR A 61 1.16 -5.51 -10.82
C THR A 61 -0.10 -6.26 -10.37
N ALA A 62 -0.23 -6.40 -9.06
CA ALA A 62 -1.38 -7.09 -8.50
C ALA A 62 -2.58 -6.14 -8.46
N ARG A 63 -2.37 -4.99 -7.85
CA ARG A 63 -3.41 -3.99 -7.73
C ARG A 63 -3.78 -3.45 -9.12
N HIS A 64 -3.16 -4.04 -10.13
CA HIS A 64 -3.41 -3.63 -11.50
C HIS A 64 -4.76 -4.16 -11.96
N ASN A 65 -4.91 -5.47 -11.89
CA ASN A 65 -6.15 -6.11 -12.29
C ASN A 65 -6.80 -6.77 -11.07
N VAL A 66 -6.02 -7.61 -10.40
CA VAL A 66 -6.51 -8.30 -9.22
C VAL A 66 -6.08 -7.52 -7.97
N ASP A 67 -6.06 -8.23 -6.85
CA ASP A 67 -5.69 -7.62 -5.59
C ASP A 67 -4.74 -8.56 -4.84
N GLU A 68 -3.74 -7.97 -4.21
CA GLU A 68 -2.77 -8.74 -3.45
C GLU A 68 -2.38 -8.00 -2.17
N LEU A 69 -2.25 -8.78 -1.11
CA LEU A 69 -1.90 -8.21 0.19
C LEU A 69 -0.80 -9.08 0.84
N HIS A 70 0.25 -8.41 1.28
CA HIS A 70 1.35 -9.10 1.92
C HIS A 70 1.89 -8.26 3.08
N ILE A 71 2.22 -8.95 4.16
CA ILE A 71 2.74 -8.28 5.34
C ILE A 71 3.95 -9.04 5.87
N ASP A 72 5.03 -8.31 6.10
CA ASP A 72 6.25 -8.91 6.61
C ASP A 72 6.94 -7.93 7.56
N GLY A 73 7.47 -8.48 8.64
CA GLY A 73 8.16 -7.66 9.63
C GLY A 73 9.48 -8.31 10.05
N ASN A 74 10.54 -7.51 10.01
CA ASN A 74 11.85 -8.00 10.39
C ASN A 74 12.63 -6.88 11.08
N TYR A 75 13.36 -7.25 12.12
CA TYR A 75 14.14 -6.29 12.87
C TYR A 75 15.24 -5.68 12.00
N GLN A 76 15.37 -6.22 10.80
CA GLN A 76 16.37 -5.74 9.86
C GLN A 76 15.71 -4.91 8.76
N LEU A 77 14.40 -5.07 8.65
CA LEU A 77 13.64 -4.35 7.64
C LEU A 77 13.99 -2.86 7.72
N GLY A 78 13.96 -2.34 8.94
CA GLY A 78 14.26 -0.93 9.16
C GLY A 78 13.36 -0.34 10.23
N ARG A 79 12.79 -1.22 11.04
CA ARG A 79 11.89 -0.80 12.11
C ARG A 79 10.87 0.20 11.59
N ASN A 80 10.19 -0.20 10.52
CA ASN A 80 9.18 0.65 9.91
C ASN A 80 7.83 -0.06 9.97
N VAL A 81 6.89 0.59 10.66
CA VAL A 81 5.56 0.04 10.80
C VAL A 81 4.55 0.98 10.13
N LEU A 82 4.00 0.51 9.02
CA LEU A 82 3.03 1.29 8.28
C LEU A 82 1.75 0.47 8.10
N LEU A 83 0.67 0.99 8.66
CA LEU A 83 -0.62 0.31 8.57
C LEU A 83 -1.61 1.22 7.85
N LYS A 84 -1.97 0.81 6.64
CA LYS A 84 -2.90 1.57 5.83
C LYS A 84 -4.06 0.66 5.41
N ASN A 85 -5.26 1.06 5.82
CA ASN A 85 -6.44 0.29 5.49
C ASN A 85 -7.35 1.13 4.59
N GLY A 86 -7.53 0.64 3.38
CA GLY A 86 -8.37 1.33 2.41
C GLY A 86 -9.57 0.46 2.00
N GLU A 87 -10.75 0.95 2.31
CA GLU A 87 -11.97 0.25 1.98
C GLU A 87 -12.90 1.13 1.14
N ASP A 88 -13.19 0.66 -0.06
CA ASP A 88 -14.07 1.39 -0.96
C ASP A 88 -15.25 0.51 -1.35
N ARG A 89 -16.35 1.16 -1.70
CA ARG A 89 -17.55 0.45 -2.10
C ARG A 89 -18.43 1.34 -2.99
N LEU A 90 -19.07 0.70 -3.95
CA LEU A 90 -19.93 1.42 -4.87
C LEU A 90 -21.03 0.48 -5.38
N ARG A 91 -21.92 1.03 -6.20
CA ARG A 91 -23.00 0.26 -6.76
C ARG A 91 -22.46 -0.93 -7.55
N PHE A 92 -21.19 -0.81 -7.93
CA PHE A 92 -20.54 -1.87 -8.68
C PHE A 92 -20.41 -3.14 -7.85
N TYR A 93 -20.59 -2.98 -6.55
CA TYR A 93 -20.50 -4.10 -5.63
C TYR A 93 -21.88 -4.69 -5.34
N VAL A 94 -21.88 -5.95 -4.97
CA VAL A 94 -23.13 -6.65 -4.65
C VAL A 94 -23.14 -7.02 -3.17
N LYS A 95 -21.99 -7.46 -2.69
CA LYS A 95 -21.86 -7.85 -1.30
C LYS A 95 -21.33 -6.65 -0.49
N PHE A 96 -20.63 -5.78 -1.19
CA PHE A 96 -20.06 -4.60 -0.54
C PHE A 96 -19.24 -4.98 0.69
N GLY A 97 -18.26 -5.83 0.46
CA GLY A 97 -17.40 -6.29 1.55
C GLY A 97 -16.14 -5.42 1.65
N PRO A 98 -16.01 -4.72 2.81
CA PRO A 98 -14.88 -3.85 3.05
C PRO A 98 -13.62 -4.68 3.36
N GLY A 99 -12.49 -3.98 3.41
CA GLY A 99 -11.23 -4.63 3.70
C GLY A 99 -10.48 -3.90 4.82
N ALA A 100 -10.70 -4.38 6.04
CA ALA A 100 -10.06 -3.79 7.20
C ALA A 100 -8.72 -4.49 7.45
N VAL A 101 -8.02 -4.02 8.47
CA VAL A 101 -6.74 -4.58 8.82
C VAL A 101 -6.89 -6.08 9.06
N ILE A 102 -7.99 -6.44 9.73
CA ILE A 102 -8.27 -7.84 10.02
C ILE A 102 -8.28 -8.63 8.71
N LYS A 103 -8.82 -8.02 7.67
CA LYS A 103 -8.89 -8.66 6.38
C LYS A 103 -7.48 -8.90 5.86
N GLU A 104 -6.60 -7.95 6.16
CA GLU A 104 -5.21 -8.05 5.72
C GLU A 104 -4.54 -9.26 6.36
N PHE A 105 -4.87 -9.49 7.62
CA PHE A 105 -4.30 -10.61 8.35
C PHE A 105 -4.62 -11.93 7.64
N LYS A 106 -5.81 -11.99 7.06
CA LYS A 106 -6.23 -13.18 6.36
C LYS A 106 -5.09 -13.70 5.48
N ILE A 107 -4.22 -12.77 5.09
CA ILE A 107 -3.08 -13.12 4.26
C ILE A 107 -2.54 -14.48 4.69
N THR A 108 -2.67 -14.76 5.98
CA THR A 108 -2.18 -16.02 6.53
C THR A 108 -2.78 -16.24 7.92
N ASP A 109 -2.86 -15.17 8.69
CA ASP A 109 -3.41 -15.24 10.04
C ASP A 109 -4.82 -15.84 9.97
N MET A 1 11.00 -3.11 16.81
CA MET A 1 9.59 -3.35 16.60
C MET A 1 9.06 -2.55 15.39
N SER A 2 9.10 -3.19 14.24
CA SER A 2 8.64 -2.55 13.02
C SER A 2 7.71 -3.50 12.25
N GLU A 3 6.60 -2.95 11.79
CA GLU A 3 5.63 -3.73 11.05
C GLU A 3 5.03 -2.89 9.91
N VAL A 4 5.20 -3.40 8.70
CA VAL A 4 4.69 -2.72 7.52
C VAL A 4 3.63 -3.59 6.84
N ASN A 5 2.41 -3.08 6.83
CA ASN A 5 1.31 -3.81 6.22
C ASN A 5 0.41 -2.83 5.47
N ILE A 6 0.33 -3.02 4.17
CA ILE A 6 -0.50 -2.16 3.33
C ILE A 6 -1.24 -3.01 2.31
N VAL A 7 -2.53 -2.72 2.17
CA VAL A 7 -3.36 -3.46 1.24
C VAL A 7 -4.39 -2.51 0.62
N VAL A 8 -4.60 -2.67 -0.67
CA VAL A 8 -5.56 -1.82 -1.38
C VAL A 8 -6.62 -2.71 -2.05
N ASN A 9 -7.86 -2.53 -1.62
CA ASN A 9 -8.96 -3.30 -2.15
C ASN A 9 -9.92 -2.36 -2.90
N GLY A 10 -9.93 -2.51 -4.22
CA GLY A 10 -10.80 -1.69 -5.05
C GLY A 10 -9.98 -0.63 -5.80
N ARG A 11 -8.68 -0.86 -5.85
CA ARG A 11 -7.78 0.06 -6.53
C ARG A 11 -8.22 1.51 -6.29
N GLU A 12 -8.42 1.82 -5.02
CA GLU A 12 -8.83 3.16 -4.63
C GLU A 12 -7.81 3.78 -3.68
N ALA A 13 -7.55 5.06 -3.89
CA ALA A 13 -6.60 5.78 -3.07
C ALA A 13 -7.16 7.16 -2.71
N GLY A 14 -6.86 7.60 -1.51
CA GLY A 14 -7.33 8.89 -1.04
C GLY A 14 -6.52 9.37 0.17
N SER A 15 -5.22 9.11 0.11
CA SER A 15 -4.33 9.51 1.18
C SER A 15 -3.15 10.30 0.62
N LYS A 16 -2.27 10.71 1.52
CA LYS A 16 -1.10 11.48 1.13
C LYS A 16 -0.03 10.53 0.57
N SER A 17 -0.47 9.31 0.28
CA SER A 17 0.44 8.31 -0.26
C SER A 17 0.63 8.52 -1.75
N LYS A 18 0.10 9.63 -2.24
CA LYS A 18 0.20 9.98 -3.64
C LYS A 18 1.46 10.82 -3.86
N GLY A 19 1.92 11.42 -2.78
CA GLY A 19 3.11 12.26 -2.83
C GLY A 19 4.39 11.42 -2.74
N CYS A 20 5.41 12.03 -2.17
CA CYS A 20 6.69 11.35 -2.01
C CYS A 20 6.76 10.77 -0.59
N ALA A 21 7.65 9.82 -0.43
CA ALA A 21 7.83 9.18 0.87
C ALA A 21 8.29 10.22 1.89
N LEU A 22 9.30 10.99 1.49
CA LEU A 22 9.84 12.02 2.35
C LEU A 22 8.73 13.00 2.73
N CYS A 23 8.12 13.59 1.71
CA CYS A 23 7.05 14.54 1.91
C CYS A 23 6.02 14.36 0.80
N GLY A 24 4.79 14.74 1.09
CA GLY A 24 3.71 14.63 0.13
C GLY A 24 3.16 16.00 -0.25
N ALA A 25 3.67 16.51 -1.36
CA ALA A 25 3.25 17.82 -1.85
C ALA A 25 2.41 17.64 -3.12
N THR A 26 2.77 16.62 -3.89
CA THR A 26 2.07 16.33 -5.13
C THR A 26 1.06 15.22 -4.92
N TRP A 27 -0.12 15.41 -5.48
CA TRP A 27 -1.19 14.42 -5.37
C TRP A 27 -1.64 14.04 -6.77
N GLY A 28 -2.08 12.80 -6.91
CA GLY A 28 -2.53 12.29 -8.20
C GLY A 28 -2.80 10.79 -8.13
N ASP A 29 -3.96 10.40 -8.65
CA ASP A 29 -4.34 9.00 -8.66
C ASP A 29 -3.90 8.37 -9.98
N TYR A 30 -3.33 9.20 -10.84
CA TYR A 30 -2.86 8.73 -12.13
C TYR A 30 -1.51 8.02 -12.00
N HIS A 31 -1.02 7.96 -10.76
CA HIS A 31 0.25 7.32 -10.50
C HIS A 31 0.01 6.08 -9.63
N ALA A 32 1.07 5.28 -9.51
CA ALA A 32 1.00 4.06 -8.72
C ALA A 32 1.81 4.24 -7.43
N ASP A 33 1.17 3.93 -6.31
CA ASP A 33 1.81 4.05 -5.01
C ASP A 33 2.39 2.70 -4.61
N PHE A 34 3.28 2.73 -3.63
CA PHE A 34 3.91 1.52 -3.14
C PHE A 34 3.44 1.20 -1.72
N LEU A 35 3.95 0.08 -1.20
CA LEU A 35 3.60 -0.34 0.14
C LEU A 35 4.02 0.73 1.14
N GLY A 36 4.96 1.55 0.72
CA GLY A 36 5.47 2.62 1.57
C GLY A 36 4.63 3.89 1.40
N GLU A 37 3.35 3.69 1.13
CA GLU A 37 2.45 4.81 0.94
C GLU A 37 3.19 6.00 0.37
N ASP A 38 3.86 5.77 -0.76
CA ASP A 38 4.61 6.83 -1.41
C ASP A 38 4.37 6.77 -2.92
N LEU A 39 4.77 7.84 -3.60
CA LEU A 39 4.60 7.91 -5.04
C LEU A 39 5.91 8.38 -5.67
N PHE A 40 6.47 7.52 -6.50
CA PHE A 40 7.72 7.83 -7.19
C PHE A 40 7.48 8.18 -8.66
N PHE A 41 6.23 8.50 -8.95
CA PHE A 41 5.85 8.86 -10.31
C PHE A 41 5.73 10.38 -10.47
N CYS A 42 5.99 11.08 -9.38
CA CYS A 42 5.90 12.52 -9.39
C CYS A 42 7.33 13.08 -9.30
N CYS A 43 8.06 12.58 -8.32
CA CYS A 43 9.43 13.02 -8.11
C CYS A 43 10.37 11.87 -8.50
N ASP A 44 10.19 10.76 -7.80
CA ASP A 44 11.01 9.59 -8.06
C ASP A 44 12.48 9.92 -7.77
N ILE A 45 12.67 11.03 -7.08
CA ILE A 45 14.01 11.47 -6.74
C ILE A 45 14.29 11.18 -5.25
N CYS A 46 13.50 11.82 -4.41
CA CYS A 46 13.64 11.64 -2.97
C CYS A 46 12.72 10.48 -2.54
N ALA A 47 11.88 10.07 -3.47
CA ALA A 47 10.94 8.99 -3.21
C ALA A 47 11.49 7.69 -3.82
N ALA A 48 10.87 6.58 -3.43
CA ALA A 48 11.29 5.28 -3.93
C ALA A 48 12.56 4.84 -3.21
N GLU A 49 12.41 4.62 -1.90
CA GLU A 49 13.54 4.20 -1.09
C GLU A 49 13.71 2.68 -1.18
N PHE A 50 14.97 2.27 -1.20
CA PHE A 50 15.28 0.85 -1.28
C PHE A 50 15.04 0.16 0.07
N MET A 51 14.62 0.96 1.04
CA MET A 51 14.35 0.44 2.37
C MET A 51 13.10 -0.44 2.37
N ASN A 52 12.45 -0.50 1.22
CA ASN A 52 11.24 -1.29 1.07
C ASN A 52 11.58 -2.60 0.34
N MET A 53 10.58 -3.46 0.26
CA MET A 53 10.75 -4.74 -0.41
C MET A 53 10.40 -4.64 -1.90
N MET A 54 10.97 -5.54 -2.68
CA MET A 54 10.73 -5.57 -4.11
C MET A 54 9.26 -5.88 -4.41
N ASP A 55 8.68 -6.72 -3.57
CA ASP A 55 7.29 -7.11 -3.73
C ASP A 55 6.41 -5.87 -3.67
N GLU A 56 6.83 -4.93 -2.83
CA GLU A 56 6.08 -3.69 -2.66
C GLU A 56 5.67 -3.14 -4.02
N ALA A 57 6.63 -3.14 -4.94
CA ALA A 57 6.39 -2.65 -6.29
C ALA A 57 5.34 -3.53 -6.97
N PHE A 58 5.53 -4.83 -6.83
CA PHE A 58 4.62 -5.79 -7.43
C PHE A 58 3.16 -5.45 -7.08
N LYS A 59 2.97 -5.03 -5.84
CA LYS A 59 1.64 -4.67 -5.37
C LYS A 59 0.94 -3.82 -6.43
N HIS A 60 1.62 -2.76 -6.84
CA HIS A 60 1.07 -1.86 -7.84
C HIS A 60 0.48 -2.67 -8.98
N THR A 61 1.30 -3.54 -9.54
CA THR A 61 0.87 -4.39 -10.65
C THR A 61 -0.23 -5.34 -10.18
N ALA A 62 -0.09 -5.79 -8.94
CA ALA A 62 -1.06 -6.71 -8.37
C ALA A 62 -2.42 -6.02 -8.27
N ARG A 63 -2.40 -4.80 -7.75
CA ARG A 63 -3.62 -4.03 -7.60
C ARG A 63 -3.91 -3.23 -8.87
N HIS A 64 -3.14 -3.54 -9.91
CA HIS A 64 -3.29 -2.86 -11.18
C HIS A 64 -4.40 -3.54 -11.99
N ASN A 65 -4.31 -4.86 -12.06
CA ASN A 65 -5.30 -5.64 -12.79
C ASN A 65 -6.08 -6.51 -11.83
N VAL A 66 -5.35 -7.38 -11.13
CA VAL A 66 -5.96 -8.27 -10.16
C VAL A 66 -5.88 -7.65 -8.77
N ASP A 67 -5.91 -8.50 -7.77
CA ASP A 67 -5.84 -8.06 -6.38
C ASP A 67 -4.86 -8.94 -5.60
N GLU A 68 -3.99 -8.28 -4.86
CA GLU A 68 -3.00 -8.99 -4.07
C GLU A 68 -2.75 -8.25 -2.75
N LEU A 69 -2.60 -9.04 -1.69
CA LEU A 69 -2.36 -8.48 -0.37
C LEU A 69 -1.24 -9.27 0.31
N HIS A 70 -0.27 -8.53 0.83
CA HIS A 70 0.86 -9.14 1.51
C HIS A 70 1.31 -8.25 2.67
N ILE A 71 1.65 -8.90 3.77
CA ILE A 71 2.09 -8.18 4.95
C ILE A 71 3.32 -8.86 5.53
N ASP A 72 4.35 -8.07 5.78
CA ASP A 72 5.59 -8.59 6.34
C ASP A 72 6.19 -7.55 7.29
N GLY A 73 6.72 -8.06 8.40
CA GLY A 73 7.33 -7.19 9.39
C GLY A 73 8.67 -7.76 9.87
N ASN A 74 9.68 -6.91 9.86
CA ASN A 74 11.01 -7.30 10.28
C ASN A 74 11.67 -6.14 11.01
N TYR A 75 12.37 -6.48 12.09
CA TYR A 75 13.06 -5.48 12.89
C TYR A 75 14.28 -4.93 12.14
N GLN A 76 14.52 -5.50 10.97
CA GLN A 76 15.65 -5.08 10.15
C GLN A 76 15.16 -4.28 8.95
N LEU A 77 13.86 -4.31 8.75
CA LEU A 77 13.25 -3.59 7.64
C LEU A 77 13.82 -2.17 7.59
N GLY A 78 13.51 -1.40 8.63
CA GLY A 78 13.99 -0.04 8.72
C GLY A 78 13.14 0.77 9.71
N ARG A 79 12.69 0.08 10.74
CA ARG A 79 11.88 0.72 11.77
C ARG A 79 10.76 1.55 11.11
N ASN A 80 10.02 0.89 10.22
CA ASN A 80 8.93 1.56 9.54
C ASN A 80 7.61 0.90 9.94
N VAL A 81 6.73 1.71 10.52
CA VAL A 81 5.43 1.23 10.95
C VAL A 81 4.33 1.92 10.14
N LEU A 82 3.70 1.13 9.27
CA LEU A 82 2.64 1.65 8.43
C LEU A 82 1.38 0.80 8.64
N LEU A 83 0.32 1.47 9.08
CA LEU A 83 -0.94 0.80 9.32
C LEU A 83 -2.00 1.35 8.36
N LYS A 84 -2.37 0.50 7.41
CA LYS A 84 -3.36 0.88 6.42
C LYS A 84 -4.52 -0.14 6.44
N ASN A 85 -5.71 0.37 6.72
CA ASN A 85 -6.89 -0.48 6.77
C ASN A 85 -7.85 -0.07 5.66
N GLY A 86 -8.02 -0.97 4.70
CA GLY A 86 -8.90 -0.72 3.58
C GLY A 86 -10.09 -1.70 3.59
N GLU A 87 -11.26 -1.14 3.84
CA GLU A 87 -12.47 -1.95 3.88
C GLU A 87 -13.50 -1.39 2.89
N ASP A 88 -13.88 -2.25 1.95
CA ASP A 88 -14.84 -1.86 0.94
C ASP A 88 -15.60 -3.11 0.46
N ARG A 89 -16.81 -2.88 -0.02
CA ARG A 89 -17.64 -3.97 -0.51
C ARG A 89 -18.39 -3.54 -1.76
N LEU A 90 -18.75 -4.53 -2.58
CA LEU A 90 -19.48 -4.27 -3.80
C LEU A 90 -20.62 -5.27 -3.94
N ARG A 91 -21.43 -5.07 -4.98
CA ARG A 91 -22.56 -5.94 -5.23
C ARG A 91 -22.07 -7.31 -5.71
N PHE A 92 -20.87 -7.32 -6.26
CA PHE A 92 -20.28 -8.55 -6.77
C PHE A 92 -19.77 -9.43 -5.62
N TYR A 93 -19.71 -8.82 -4.45
CA TYR A 93 -19.24 -9.53 -3.27
C TYR A 93 -20.41 -9.88 -2.34
N VAL A 94 -20.52 -11.17 -2.05
CA VAL A 94 -21.59 -11.64 -1.17
C VAL A 94 -21.00 -12.03 0.19
N LYS A 95 -19.69 -12.27 0.18
CA LYS A 95 -19.00 -12.65 1.40
C LYS A 95 -18.35 -11.41 2.01
N PHE A 96 -17.73 -10.62 1.14
CA PHE A 96 -17.07 -9.39 1.58
C PHE A 96 -16.42 -9.59 2.94
N GLY A 97 -15.83 -10.77 3.13
CA GLY A 97 -15.16 -11.09 4.38
C GLY A 97 -13.76 -10.51 4.41
N PRO A 98 -13.02 -10.70 3.29
CA PRO A 98 -11.65 -10.20 3.18
C PRO A 98 -11.64 -8.69 2.97
N GLY A 99 -11.83 -7.97 4.07
CA GLY A 99 -11.84 -6.52 4.01
C GLY A 99 -11.36 -5.91 5.34
N ALA A 100 -10.77 -6.77 6.16
CA ALA A 100 -10.27 -6.34 7.45
C ALA A 100 -8.78 -6.68 7.55
N VAL A 101 -8.09 -5.94 8.41
CA VAL A 101 -6.67 -6.15 8.62
C VAL A 101 -6.43 -7.61 9.03
N ILE A 102 -7.38 -8.14 9.78
CA ILE A 102 -7.28 -9.51 10.25
C ILE A 102 -7.15 -10.44 9.04
N LYS A 103 -8.06 -10.27 8.10
CA LYS A 103 -8.05 -11.09 6.90
C LYS A 103 -6.71 -10.94 6.19
N GLU A 104 -6.26 -9.69 6.09
CA GLU A 104 -4.99 -9.41 5.45
C GLU A 104 -3.88 -10.25 6.06
N PHE A 105 -3.92 -10.37 7.38
CA PHE A 105 -2.93 -11.15 8.10
C PHE A 105 -2.99 -12.62 7.71
N LYS A 106 -4.20 -13.08 7.45
CA LYS A 106 -4.41 -14.46 7.06
C LYS A 106 -3.43 -14.83 5.95
N ILE A 107 -3.06 -13.82 5.17
CA ILE A 107 -2.13 -14.02 4.07
C ILE A 107 -0.82 -14.58 4.62
N THR A 108 -0.66 -14.47 5.93
CA THR A 108 0.54 -14.96 6.59
C THR A 108 0.18 -15.72 7.86
N ASP A 109 -0.64 -15.08 8.69
CA ASP A 109 -1.07 -15.68 9.94
C ASP A 109 -1.35 -17.17 9.71
#